data_5HBR
#
_entry.id   5HBR
#
_cell.length_a   106.118
_cell.length_b   110.710
_cell.length_c   126.027
_cell.angle_alpha   90.00
_cell.angle_beta   90.00
_cell.angle_gamma   90.00
#
_symmetry.space_group_name_H-M   'P 21 21 21'
#
loop_
_entity.id
_entity.type
_entity.pdbx_description
1 polymer 'alpha subunit of Acyl-CoA synthetase (NDP forming)'
2 polymer 'beta subunit of Acyl-CoA synthetase (NDP forming)'
3 non-polymer 'COENZYME A'
4 non-polymer 'PHOSPHATE ION'
5 non-polymer 'MAGNESIUM ION'
6 non-polymer 'SODIUM ION'
7 water water
#
loop_
_entity_poly.entity_id
_entity_poly.type
_entity_poly.pdbx_seq_one_letter_code
_entity_poly.pdbx_strand_id
1 'polypeptide(L)'
;MNDLERLFNPSAIAVVGASKDPSKIGSQILRNLLSYGFKGKVYPINPTADELMGLKCYPKVSDVPDKVDVAVISVPSDKV
LGVIDDCGKAGVKFAVVITSGFKEVGNEELEEELVRRAHSYGMRVLGPNIFGYLYAPARLNATFGPKDVLSGNVAFISQS
GALGIALMGYTVVENIGISSIVSVGNKADLDDVDLLDFFDKDPNTGVIMIYLEGIAPGRGRMFIDVASRVSLRKPIIVIK
AGRTEVGARAAASHTGSIAGSVAIYESAFKQSGILMAKSVEDAFDWTKALSWNPIPEGERLIVLTNGGGAGVQSTDTFAD
NGIYLSKPPESLIQEIKKFVPPFASFANPIDITGMAPDDWYYMGTLAALKNPDVDALTVLYCQTAVTTPIGVAKGIVDAI
KEAGNSKPVTVGMVGGPEVAEAVSFLNKQRIAAYPTPERASSAMSALYAYARARSYVMKSLAVR
;
A,C
2 'polypeptide(L)'
;MSSRDLLLKAKENGRKSLLEHEAKYFISSYGIPVTNIRLAKSEEEAVNFSREIGFPVVLKIVSPQVVHKSDVGGVKVNLR
SEEEVRKAYREIIENVKRNVPNAEIEGILVQEFAPPGVELIIGLLRDPQFGPTVMFGLGGVFVELFRDVSFRVAPLSEQD
AESMIKEVKAYKLLTGFRGMEPVDIEAIKDALIRAGRIGVENEEIAEMDLNPVIAYPKGIKVVDARIILR
;
B,D
#
loop_
_chem_comp.id
_chem_comp.type
_chem_comp.name
_chem_comp.formula
COA non-polymer 'COENZYME A' 'C21 H36 N7 O16 P3 S'
MG non-polymer 'MAGNESIUM ION' 'Mg 2'
NA non-polymer 'SODIUM ION' 'Na 1'
PO4 non-polymer 'PHOSPHATE ION' 'O4 P -3'
#
# COMPACT_ATOMS: atom_id res chain seq x y z
N MET A 1 26.58 -32.25 14.29
CA MET A 1 26.20 -32.11 12.85
C MET A 1 25.29 -30.90 12.61
N ASN A 2 24.84 -30.25 13.68
CA ASN A 2 23.95 -29.10 13.55
C ASN A 2 24.55 -27.77 14.03
N ASP A 3 25.84 -27.78 14.36
CA ASP A 3 26.55 -26.56 14.66
C ASP A 3 27.36 -26.08 13.44
N LEU A 4 27.13 -24.82 13.06
CA LEU A 4 27.73 -24.26 11.86
C LEU A 4 28.96 -23.39 12.15
N GLU A 5 29.47 -23.45 13.38
CA GLU A 5 30.62 -22.66 13.77
C GLU A 5 31.80 -22.86 12.79
N ARG A 6 32.05 -24.11 12.41
CA ARG A 6 33.22 -24.42 11.58
C ARG A 6 32.97 -24.15 10.10
N LEU A 7 31.73 -23.81 9.73
CA LEU A 7 31.44 -23.38 8.36
C LEU A 7 31.85 -21.91 8.22
N PHE A 8 31.43 -21.12 9.19
CA PHE A 8 31.71 -19.70 9.15
C PHE A 8 33.11 -19.37 9.64
N ASN A 9 33.64 -20.20 10.54
CA ASN A 9 34.97 -20.04 11.12
C ASN A 9 35.86 -21.27 10.92
N PRO A 10 36.14 -21.62 9.67
CA PRO A 10 36.96 -22.81 9.46
C PRO A 10 38.43 -22.54 9.74
N SER A 11 39.18 -23.59 10.06
CA SER A 11 40.62 -23.53 10.18
C SER A 11 41.24 -23.78 8.81
N ALA A 12 40.55 -24.57 7.99
CA ALA A 12 41.04 -24.96 6.67
C ALA A 12 39.90 -25.09 5.67
N ILE A 13 40.11 -24.56 4.48
CA ILE A 13 39.11 -24.62 3.45
C ILE A 13 39.74 -25.04 2.14
N ALA A 14 39.08 -25.97 1.45
CA ALA A 14 39.56 -26.45 0.15
C ALA A 14 38.65 -25.88 -0.92
N VAL A 15 39.26 -25.50 -2.03
CA VAL A 15 38.56 -25.04 -3.21
C VAL A 15 38.82 -26.07 -4.32
N VAL A 16 37.81 -26.87 -4.60
CA VAL A 16 37.89 -27.94 -5.59
C VAL A 16 37.37 -27.42 -6.91
N GLY A 17 38.23 -27.41 -7.91
CA GLY A 17 37.86 -26.92 -9.22
C GLY A 17 38.52 -25.62 -9.59
N ALA A 18 39.37 -25.09 -8.73
CA ALA A 18 40.20 -23.96 -9.09
C ALA A 18 41.16 -24.47 -10.18
N SER A 19 41.64 -23.55 -11.02
CA SER A 19 42.40 -23.92 -12.20
C SER A 19 43.45 -22.89 -12.55
N LYS A 20 44.40 -23.28 -13.40
CA LYS A 20 45.35 -22.33 -13.95
C LYS A 20 44.63 -21.31 -14.83
N ASP A 21 43.46 -21.69 -15.31
CA ASP A 21 42.63 -20.79 -16.08
C ASP A 21 41.96 -19.80 -15.12
N PRO A 22 42.40 -18.53 -15.11
CA PRO A 22 41.88 -17.60 -14.10
C PRO A 22 40.42 -17.22 -14.30
N SER A 23 39.84 -17.56 -15.45
CA SER A 23 38.46 -17.16 -15.74
C SER A 23 37.45 -18.15 -15.18
N LYS A 24 37.89 -19.33 -14.77
CA LYS A 24 36.95 -20.31 -14.23
C LYS A 24 36.46 -19.91 -12.84
N ILE A 25 35.24 -20.33 -12.53
CA ILE A 25 34.61 -19.96 -11.28
C ILE A 25 35.45 -20.38 -10.08
N GLY A 26 35.98 -21.59 -10.11
CA GLY A 26 36.79 -22.07 -9.01
C GLY A 26 37.95 -21.13 -8.72
N SER A 27 38.55 -20.65 -9.79
CA SER A 27 39.67 -19.74 -9.67
C SER A 27 39.22 -18.40 -9.09
N GLN A 28 38.06 -17.92 -9.51
CA GLN A 28 37.53 -16.65 -9.00
C GLN A 28 37.28 -16.69 -7.51
N ILE A 29 36.72 -17.81 -7.04
CA ILE A 29 36.52 -18.02 -5.61
C ILE A 29 37.85 -17.99 -4.87
N LEU A 30 38.84 -18.72 -5.40
CA LEU A 30 40.14 -18.78 -4.78
C LEU A 30 40.79 -17.40 -4.66
N ARG A 31 40.66 -16.60 -5.71
CA ARG A 31 41.18 -15.21 -5.71
C ARG A 31 40.51 -14.33 -4.65
N ASN A 32 39.20 -14.49 -4.48
CA ASN A 32 38.46 -13.73 -3.48
C ASN A 32 38.89 -14.16 -2.09
N LEU A 33 39.05 -15.46 -1.92
CA LEU A 33 39.49 -15.97 -0.64
C LEU A 33 40.81 -15.35 -0.21
N LEU A 34 41.75 -15.21 -1.14
CA LEU A 34 43.08 -14.71 -0.79
C LEU A 34 43.11 -13.19 -0.63
N SER A 35 42.35 -12.49 -1.46
CA SER A 35 42.42 -11.04 -1.46
C SER A 35 41.59 -10.42 -0.33
N TYR A 36 40.57 -11.13 0.16
CA TYR A 36 39.78 -10.64 1.28
C TYR A 36 40.48 -10.94 2.62
N GLY A 37 41.47 -11.83 2.60
CA GLY A 37 42.41 -11.96 3.70
C GLY A 37 42.20 -13.13 4.64
N PHE A 38 41.69 -14.25 4.14
CA PHE A 38 41.51 -15.42 4.98
C PHE A 38 42.87 -15.82 5.58
N LYS A 39 42.86 -16.12 6.88
CA LYS A 39 44.10 -16.33 7.63
C LYS A 39 44.33 -17.79 7.98
N GLY A 40 43.33 -18.63 7.79
CA GLY A 40 43.51 -20.05 7.96
C GLY A 40 44.24 -20.66 6.76
N LYS A 41 44.15 -21.98 6.61
CA LYS A 41 44.80 -22.66 5.46
C LYS A 41 43.84 -22.80 4.29
N VAL A 42 44.33 -22.47 3.10
CA VAL A 42 43.56 -22.64 1.88
C VAL A 42 44.20 -23.74 1.04
N TYR A 43 43.36 -24.65 0.55
CA TYR A 43 43.85 -25.81 -0.22
C TYR A 43 43.20 -25.87 -1.60
N PRO A 44 43.89 -25.34 -2.63
CA PRO A 44 43.36 -25.53 -3.98
C PRO A 44 43.41 -27.01 -4.34
N ILE A 45 42.37 -27.53 -4.98
CA ILE A 45 42.33 -28.91 -5.41
C ILE A 45 42.10 -28.94 -6.92
N ASN A 46 43.05 -29.55 -7.62
CA ASN A 46 43.06 -29.62 -9.06
C ASN A 46 43.78 -30.91 -9.48
N PRO A 47 43.34 -31.56 -10.58
CA PRO A 47 44.01 -32.83 -10.93
C PRO A 47 45.50 -32.72 -11.26
N THR A 48 45.94 -31.64 -11.90
CA THR A 48 47.32 -31.55 -12.42
C THR A 48 48.22 -30.47 -11.81
N ALA A 49 47.64 -29.35 -11.39
CA ALA A 49 48.43 -28.23 -10.89
C ALA A 49 49.26 -28.57 -9.66
N ASP A 50 50.48 -28.06 -9.63
CA ASP A 50 51.37 -28.20 -8.48
C ASP A 50 51.12 -27.09 -7.47
N GLU A 51 50.82 -25.90 -7.98
CA GLU A 51 50.41 -24.80 -7.14
C GLU A 51 49.43 -23.87 -7.88
N LEU A 52 48.54 -23.26 -7.11
CA LEU A 52 47.64 -22.25 -7.65
C LEU A 52 47.71 -21.04 -6.74
N MET A 53 47.86 -19.87 -7.35
CA MET A 53 48.08 -18.61 -6.66
C MET A 53 49.09 -18.70 -5.51
N GLY A 54 50.19 -19.40 -5.76
CA GLY A 54 51.29 -19.49 -4.81
C GLY A 54 51.05 -20.46 -3.67
N LEU A 55 49.95 -21.20 -3.76
CA LEU A 55 49.58 -22.18 -2.74
C LEU A 55 49.81 -23.57 -3.29
N LYS A 56 50.26 -24.48 -2.43
CA LYS A 56 50.38 -25.88 -2.81
C LYS A 56 49.02 -26.48 -3.11
N CYS A 57 48.93 -27.15 -4.23
CA CYS A 57 47.70 -27.71 -4.72
C CYS A 57 47.77 -29.24 -4.58
N TYR A 58 46.63 -29.87 -4.34
CA TYR A 58 46.54 -31.33 -4.29
C TYR A 58 45.50 -31.80 -5.28
N PRO A 59 45.60 -33.07 -5.74
CA PRO A 59 44.57 -33.54 -6.67
C PRO A 59 43.31 -34.01 -5.99
N LYS A 60 43.38 -34.32 -4.69
CA LYS A 60 42.22 -34.75 -3.92
C LYS A 60 42.23 -34.12 -2.55
N VAL A 61 41.04 -33.81 -2.01
CA VAL A 61 40.94 -33.28 -0.65
C VAL A 61 41.54 -34.27 0.34
N SER A 62 41.35 -35.57 0.09
CA SER A 62 41.85 -36.62 1.00
C SER A 62 43.38 -36.71 1.02
N ASP A 63 44.05 -36.09 0.06
CA ASP A 63 45.52 -36.02 0.06
C ASP A 63 46.05 -34.90 0.95
N VAL A 64 45.19 -33.96 1.33
CA VAL A 64 45.62 -32.82 2.13
C VAL A 64 46.05 -33.30 3.51
N PRO A 65 47.29 -32.98 3.94
CA PRO A 65 47.75 -33.39 5.27
C PRO A 65 47.28 -32.41 6.35
N ASP A 66 45.98 -32.39 6.56
CA ASP A 66 45.35 -31.45 7.47
C ASP A 66 43.88 -31.82 7.55
N LYS A 67 43.21 -31.37 8.59
CA LYS A 67 41.76 -31.53 8.70
C LYS A 67 41.08 -30.40 7.96
N VAL A 68 40.42 -30.71 6.85
CA VAL A 68 39.67 -29.70 6.08
C VAL A 68 38.24 -29.58 6.63
N ASP A 69 37.85 -28.38 7.03
CA ASP A 69 36.50 -28.14 7.56
C ASP A 69 35.47 -28.01 6.45
N VAL A 70 35.81 -27.22 5.44
CA VAL A 70 34.92 -26.80 4.37
C VAL A 70 35.55 -27.05 3.01
N ALA A 71 34.79 -27.65 2.11
CA ALA A 71 35.20 -27.85 0.73
C ALA A 71 34.23 -27.11 -0.17
N VAL A 72 34.75 -26.12 -0.89
CA VAL A 72 33.99 -25.37 -1.87
C VAL A 72 34.16 -26.06 -3.21
N ILE A 73 33.06 -26.59 -3.72
CA ILE A 73 33.10 -27.50 -4.87
C ILE A 73 32.59 -26.80 -6.12
N SER A 74 33.52 -26.61 -7.04
CA SER A 74 33.25 -25.94 -8.31
C SER A 74 33.68 -26.85 -9.47
N VAL A 75 33.02 -28.01 -9.58
CA VAL A 75 33.20 -28.90 -10.71
C VAL A 75 31.84 -29.28 -11.30
N PRO A 76 31.82 -29.68 -12.58
CA PRO A 76 30.50 -29.95 -13.17
C PRO A 76 29.76 -31.02 -12.39
N SER A 77 28.45 -30.99 -12.47
CA SER A 77 27.61 -31.92 -11.69
C SER A 77 27.96 -33.39 -11.87
N ASP A 78 28.43 -33.77 -13.05
CA ASP A 78 28.75 -35.18 -13.30
C ASP A 78 30.00 -35.61 -12.53
N LYS A 79 30.70 -34.63 -11.95
CA LYS A 79 31.88 -34.87 -11.14
C LYS A 79 31.63 -34.74 -9.64
N VAL A 80 30.49 -34.15 -9.24
CA VAL A 80 30.32 -33.74 -7.85
C VAL A 80 30.31 -34.91 -6.85
N LEU A 81 29.58 -35.97 -7.16
CA LEU A 81 29.42 -37.10 -6.25
C LEU A 81 30.75 -37.75 -5.91
N GLY A 82 31.64 -37.81 -6.88
CA GLY A 82 32.98 -38.31 -6.65
C GLY A 82 33.74 -37.42 -5.69
N VAL A 83 33.61 -36.10 -5.83
CA VAL A 83 34.32 -35.20 -4.92
C VAL A 83 33.72 -35.35 -3.51
N ILE A 84 32.41 -35.50 -3.43
CA ILE A 84 31.75 -35.70 -2.15
C ILE A 84 32.29 -36.93 -1.43
N ASP A 85 32.46 -38.03 -2.17
CA ASP A 85 32.99 -39.26 -1.58
C ASP A 85 34.38 -39.04 -1.01
N ASP A 86 35.21 -38.30 -1.73
CA ASP A 86 36.56 -38.04 -1.29
C ASP A 86 36.59 -37.06 -0.10
N CYS A 87 35.74 -36.05 -0.15
CA CYS A 87 35.56 -35.19 1.00
C CYS A 87 35.13 -36.01 2.20
N GLY A 88 34.18 -36.93 1.99
CA GLY A 88 33.68 -37.78 3.06
C GLY A 88 34.80 -38.59 3.68
N LYS A 89 35.61 -39.21 2.83
CA LYS A 89 36.79 -39.93 3.27
C LYS A 89 37.74 -39.04 4.08
N ALA A 90 37.82 -37.76 3.71
CA ALA A 90 38.75 -36.82 4.34
C ALA A 90 38.17 -36.19 5.63
N GLY A 91 36.91 -36.47 5.91
CA GLY A 91 36.30 -35.98 7.14
C GLY A 91 35.84 -34.54 7.06
N VAL A 92 35.64 -34.04 5.84
CA VAL A 92 35.10 -32.71 5.62
C VAL A 92 33.70 -32.59 6.25
N LYS A 93 33.47 -31.48 6.95
CA LYS A 93 32.21 -31.26 7.66
C LYS A 93 31.16 -30.56 6.80
N PHE A 94 31.61 -29.73 5.86
CA PHE A 94 30.72 -28.93 5.04
C PHE A 94 31.10 -28.92 3.57
N ALA A 95 30.13 -29.22 2.72
CA ALA A 95 30.32 -29.14 1.29
C ALA A 95 29.51 -27.95 0.78
N VAL A 96 30.23 -26.96 0.27
CA VAL A 96 29.62 -25.77 -0.26
C VAL A 96 29.61 -25.96 -1.76
N VAL A 97 28.44 -26.33 -2.30
CA VAL A 97 28.38 -26.78 -3.69
C VAL A 97 27.90 -25.68 -4.65
N ILE A 98 28.88 -25.05 -5.32
CA ILE A 98 28.62 -23.97 -6.26
C ILE A 98 27.81 -24.50 -7.43
N THR A 99 28.18 -25.71 -7.83
CA THR A 99 27.71 -26.37 -9.04
C THR A 99 26.20 -26.32 -9.28
N SER A 100 25.82 -26.02 -10.51
CA SER A 100 24.42 -26.01 -10.93
C SER A 100 24.08 -27.31 -11.67
N GLY A 101 22.80 -27.51 -11.97
CA GLY A 101 22.35 -28.67 -12.72
C GLY A 101 21.74 -29.75 -11.83
N PHE A 102 21.06 -29.33 -10.78
CA PHE A 102 20.42 -30.26 -9.86
C PHE A 102 18.90 -30.09 -9.95
N LYS A 103 18.23 -29.87 -8.82
CA LYS A 103 16.78 -29.84 -8.81
C LYS A 103 16.20 -28.71 -9.66
N GLU A 104 16.96 -27.64 -9.85
CA GLU A 104 16.45 -26.50 -10.58
C GLU A 104 16.40 -26.76 -12.11
N VAL A 105 17.06 -27.82 -12.57
CA VAL A 105 16.96 -28.22 -13.99
C VAL A 105 16.22 -29.53 -14.11
N GLY A 106 15.55 -29.95 -13.03
CA GLY A 106 14.71 -31.12 -13.06
C GLY A 106 15.35 -32.40 -12.58
N ASN A 107 16.59 -32.32 -12.13
CA ASN A 107 17.29 -33.52 -11.68
C ASN A 107 17.28 -33.65 -10.15
N GLU A 108 16.10 -33.86 -9.60
CA GLU A 108 15.93 -34.04 -8.17
C GLU A 108 16.65 -35.30 -7.70
N GLU A 109 16.67 -36.31 -8.56
CA GLU A 109 17.32 -37.58 -8.21
C GLU A 109 18.78 -37.36 -7.84
N LEU A 110 19.49 -36.60 -8.67
CA LEU A 110 20.90 -36.31 -8.40
C LEU A 110 21.02 -35.52 -7.10
N GLU A 111 20.13 -34.56 -6.89
CA GLU A 111 20.21 -33.72 -5.70
C GLU A 111 20.02 -34.54 -4.45
N GLU A 112 19.02 -35.41 -4.43
CA GLU A 112 18.76 -36.23 -3.25
C GLU A 112 19.88 -37.23 -2.99
N GLU A 113 20.49 -37.73 -4.05
CA GLU A 113 21.64 -38.62 -3.91
C GLU A 113 22.83 -37.84 -3.31
N LEU A 114 23.01 -36.60 -3.76
CA LEU A 114 24.05 -35.74 -3.24
C LEU A 114 23.90 -35.56 -1.73
N VAL A 115 22.70 -35.27 -1.28
CA VAL A 115 22.47 -35.05 0.15
C VAL A 115 22.59 -36.36 0.90
N ARG A 116 22.08 -37.43 0.32
CA ARG A 116 22.09 -38.76 0.96
C ARG A 116 23.52 -39.19 1.25
N ARG A 117 24.35 -38.98 0.26
CA ARG A 117 25.73 -39.40 0.36
C ARG A 117 26.53 -38.54 1.31
N ALA A 118 26.33 -37.22 1.25
CA ALA A 118 26.99 -36.32 2.19
C ALA A 118 26.65 -36.70 3.63
N HIS A 119 25.37 -36.94 3.90
CA HIS A 119 24.93 -37.31 5.26
C HIS A 119 25.53 -38.64 5.74
N SER A 120 25.81 -39.56 4.82
CA SER A 120 26.40 -40.85 5.20
C SER A 120 27.81 -40.64 5.75
N TYR A 121 28.38 -39.47 5.49
CA TYR A 121 29.71 -39.13 6.01
C TYR A 121 29.60 -38.09 7.13
N GLY A 122 28.38 -37.79 7.57
CA GLY A 122 28.19 -36.78 8.61
C GLY A 122 28.57 -35.38 8.11
N MET A 123 28.34 -35.16 6.82
CA MET A 123 28.68 -33.91 6.15
C MET A 123 27.40 -33.19 5.77
N ARG A 124 27.37 -31.87 6.00
CA ARG A 124 26.25 -31.04 5.58
C ARG A 124 26.52 -30.44 4.21
N VAL A 125 25.45 -30.13 3.50
CA VAL A 125 25.55 -29.50 2.19
C VAL A 125 24.89 -28.12 2.22
N LEU A 126 25.56 -27.15 1.62
CA LEU A 126 25.02 -25.82 1.37
C LEU A 126 24.80 -25.73 -0.12
N GLY A 127 23.58 -25.40 -0.52
CA GLY A 127 23.23 -25.39 -1.93
C GLY A 127 22.54 -26.71 -2.28
N PRO A 128 22.81 -27.24 -3.48
CA PRO A 128 23.76 -26.74 -4.48
C PRO A 128 23.24 -25.51 -5.24
N ASN A 129 23.92 -25.14 -6.33
CA ASN A 129 23.50 -24.01 -7.17
C ASN A 129 23.54 -22.68 -6.40
N ILE A 130 24.71 -22.34 -5.91
CA ILE A 130 24.89 -21.13 -5.10
C ILE A 130 26.15 -20.40 -5.54
N PHE A 131 26.30 -19.15 -5.12
CA PHE A 131 27.50 -18.40 -5.45
C PHE A 131 28.46 -18.36 -4.28
N GLY A 132 28.14 -19.10 -3.22
CA GLY A 132 29.08 -19.29 -2.13
C GLY A 132 28.65 -18.57 -0.88
N TYR A 133 29.61 -18.17 -0.06
CA TYR A 133 29.27 -17.41 1.15
C TYR A 133 30.46 -16.59 1.60
N LEU A 134 30.17 -15.64 2.49
CA LEU A 134 31.14 -14.72 3.04
C LEU A 134 30.89 -14.59 4.53
N TYR A 135 31.96 -14.57 5.31
CA TYR A 135 31.87 -14.26 6.74
C TYR A 135 32.95 -13.26 7.14
N ALA A 136 32.55 -12.01 7.35
CA ALA A 136 33.51 -10.93 7.56
C ALA A 136 34.40 -11.12 8.81
N PRO A 137 33.83 -11.54 9.97
CA PRO A 137 34.67 -11.73 11.17
C PRO A 137 35.76 -12.80 11.02
N ALA A 138 35.64 -13.69 10.02
CA ALA A 138 36.70 -14.63 9.71
C ALA A 138 37.50 -14.20 8.46
N ARG A 139 37.19 -13.03 7.92
CA ARG A 139 37.81 -12.54 6.68
C ARG A 139 37.72 -13.62 5.61
N LEU A 140 36.53 -14.17 5.47
CA LEU A 140 36.30 -15.29 4.57
C LEU A 140 35.35 -14.87 3.45
N ASN A 141 35.90 -14.65 2.26
CA ASN A 141 35.09 -14.43 1.07
C ASN A 141 35.17 -15.65 0.14
N ALA A 142 34.25 -16.60 0.32
CA ALA A 142 34.18 -17.79 -0.52
C ALA A 142 33.03 -17.69 -1.50
N THR A 143 33.01 -16.59 -2.25
CA THR A 143 32.08 -16.37 -3.34
C THR A 143 32.87 -16.03 -4.60
N PHE A 144 32.19 -16.00 -5.74
CA PHE A 144 32.75 -15.36 -6.93
C PHE A 144 32.03 -14.04 -7.18
N GLY A 145 31.57 -13.41 -6.10
CA GLY A 145 30.97 -12.09 -6.20
C GLY A 145 32.04 -11.03 -6.04
N PRO A 146 31.62 -9.80 -5.70
CA PRO A 146 32.58 -8.73 -5.42
C PRO A 146 33.63 -9.20 -4.42
N LYS A 147 34.84 -8.68 -4.53
CA LYS A 147 35.93 -9.19 -3.69
C LYS A 147 35.86 -8.62 -2.26
N ASP A 148 35.03 -7.61 -2.06
CA ASP A 148 34.94 -6.90 -0.79
C ASP A 148 33.50 -6.44 -0.44
N VAL A 149 33.24 -6.28 0.85
CA VAL A 149 32.02 -5.63 1.33
C VAL A 149 32.39 -4.75 2.49
N LEU A 150 31.53 -3.79 2.80
CA LEU A 150 31.70 -3.00 4.02
C LEU A 150 31.45 -3.89 5.22
N SER A 151 32.33 -3.84 6.20
CA SER A 151 32.17 -4.64 7.43
C SER A 151 31.11 -4.03 8.36
N GLY A 152 30.30 -4.88 8.98
CA GLY A 152 29.25 -4.41 9.87
C GLY A 152 28.53 -5.57 10.51
N ASN A 153 27.26 -5.38 10.87
CA ASN A 153 26.54 -6.38 11.63
C ASN A 153 25.31 -6.98 10.92
N VAL A 154 25.20 -6.78 9.61
CA VAL A 154 24.07 -7.33 8.86
C VAL A 154 24.42 -8.66 8.20
N ALA A 155 23.60 -9.68 8.47
CA ALA A 155 23.71 -10.94 7.75
C ALA A 155 22.63 -11.02 6.67
N PHE A 156 23.06 -11.32 5.47
CA PHE A 156 22.18 -11.41 4.31
C PHE A 156 22.18 -12.83 3.71
N ILE A 157 21.02 -13.47 3.74
CA ILE A 157 20.83 -14.82 3.21
C ILE A 157 19.96 -14.71 1.97
N SER A 158 20.33 -15.37 0.88
CA SER A 158 19.58 -15.24 -0.37
C SER A 158 19.31 -16.57 -1.04
N GLN A 159 18.03 -16.84 -1.30
CA GLN A 159 17.64 -18.00 -2.06
C GLN A 159 17.88 -17.79 -3.56
N SER A 160 17.97 -16.52 -3.95
CA SER A 160 18.24 -16.14 -5.33
C SER A 160 19.74 -15.96 -5.57
N GLY A 161 20.23 -16.50 -6.68
CA GLY A 161 21.63 -16.40 -7.04
C GLY A 161 21.98 -15.06 -7.66
N ALA A 162 21.37 -14.76 -8.80
CA ALA A 162 21.65 -13.54 -9.52
C ALA A 162 21.31 -12.29 -8.68
N LEU A 163 20.14 -12.28 -8.06
CA LEU A 163 19.77 -11.08 -7.29
C LEU A 163 20.64 -11.00 -6.01
N GLY A 164 20.96 -12.16 -5.44
CA GLY A 164 21.78 -12.24 -4.25
C GLY A 164 23.17 -11.68 -4.46
N ILE A 165 23.81 -12.09 -5.54
CA ILE A 165 25.18 -11.68 -5.82
C ILE A 165 25.22 -10.19 -6.24
N ALA A 166 24.15 -9.74 -6.88
CA ALA A 166 24.03 -8.34 -7.23
C ALA A 166 23.79 -7.48 -5.98
N LEU A 167 22.91 -7.94 -5.10
CA LEU A 167 22.61 -7.20 -3.88
C LEU A 167 23.86 -7.14 -3.01
N MET A 168 24.71 -8.16 -3.10
CA MET A 168 26.00 -8.12 -2.41
C MET A 168 26.78 -6.88 -2.81
N GLY A 169 26.76 -6.54 -4.10
CA GLY A 169 27.43 -5.34 -4.54
C GLY A 169 26.68 -4.09 -4.14
N TYR A 170 25.35 -4.19 -4.13
CA TYR A 170 24.51 -3.05 -3.81
C TYR A 170 24.72 -2.61 -2.35
N THR A 171 25.11 -3.53 -1.46
CA THR A 171 25.27 -3.15 -0.05
C THR A 171 26.34 -2.09 0.07
N VAL A 172 27.36 -2.14 -0.79
CA VAL A 172 28.44 -1.16 -0.74
C VAL A 172 27.91 0.23 -1.09
N VAL A 173 27.13 0.31 -2.16
CA VAL A 173 26.58 1.56 -2.63
C VAL A 173 25.66 2.17 -1.57
N GLU A 174 24.91 1.32 -0.89
CA GLU A 174 23.94 1.78 0.12
C GLU A 174 24.53 1.85 1.52
N ASN A 175 25.84 1.67 1.61
CA ASN A 175 26.60 1.85 2.86
C ASN A 175 26.21 0.88 3.98
N ILE A 176 25.64 -0.26 3.60
CA ILE A 176 25.25 -1.26 4.58
C ILE A 176 26.44 -2.15 4.99
N GLY A 177 26.78 -2.11 6.28
CA GLY A 177 27.81 -2.95 6.86
C GLY A 177 27.39 -4.40 7.05
N ILE A 178 28.20 -5.29 6.49
CA ILE A 178 27.90 -6.71 6.40
C ILE A 178 28.77 -7.57 7.32
N SER A 179 28.15 -8.52 8.02
CA SER A 179 28.85 -9.59 8.74
C SER A 179 28.89 -10.87 7.92
N SER A 180 27.86 -11.12 7.14
CA SER A 180 27.84 -12.35 6.33
C SER A 180 26.92 -12.26 5.11
N ILE A 181 27.34 -12.94 4.05
CA ILE A 181 26.52 -13.19 2.87
C ILE A 181 26.44 -14.70 2.67
N VAL A 182 25.24 -15.25 2.59
CA VAL A 182 25.09 -16.68 2.39
C VAL A 182 24.13 -16.97 1.24
N SER A 183 24.67 -17.54 0.17
CA SER A 183 23.87 -18.07 -0.93
C SER A 183 23.37 -19.47 -0.56
N VAL A 184 22.04 -19.66 -0.49
CA VAL A 184 21.49 -20.96 -0.12
C VAL A 184 20.90 -21.71 -1.30
N GLY A 185 20.63 -21.00 -2.40
CA GLY A 185 20.22 -21.65 -3.64
C GLY A 185 19.14 -22.70 -3.50
N ASN A 186 19.45 -23.94 -3.89
CA ASN A 186 18.47 -25.03 -3.89
C ASN A 186 18.03 -25.49 -2.50
N LYS A 187 18.80 -25.14 -1.47
CA LYS A 187 18.42 -25.44 -0.10
C LYS A 187 18.13 -26.94 0.06
N ALA A 188 18.99 -27.77 -0.50
CA ALA A 188 18.77 -29.21 -0.49
C ALA A 188 19.02 -29.81 0.89
N ASP A 189 19.76 -29.10 1.73
CA ASP A 189 20.10 -29.59 3.06
C ASP A 189 20.09 -28.42 4.06
N LEU A 190 21.20 -27.70 4.20
CA LEU A 190 21.20 -26.52 5.10
C LEU A 190 20.27 -25.47 4.55
N ASP A 191 19.44 -24.87 5.42
CA ASP A 191 18.48 -23.86 5.01
C ASP A 191 18.42 -22.69 5.98
N ASP A 192 17.39 -21.86 5.80
CA ASP A 192 17.21 -20.62 6.58
C ASP A 192 17.17 -20.89 8.05
N VAL A 193 16.48 -21.96 8.42
CA VAL A 193 16.33 -22.34 9.82
C VAL A 193 17.67 -22.63 10.45
N ASP A 194 18.48 -23.43 9.76
CA ASP A 194 19.82 -23.77 10.24
C ASP A 194 20.68 -22.53 10.39
N LEU A 195 20.53 -21.60 9.45
CA LEU A 195 21.33 -20.39 9.46
C LEU A 195 20.88 -19.42 10.56
N LEU A 196 19.58 -19.27 10.76
CA LEU A 196 19.08 -18.38 11.81
C LEU A 196 19.61 -18.81 13.17
N ASP A 197 19.70 -20.12 13.37
CA ASP A 197 20.20 -20.68 14.61
C ASP A 197 21.62 -20.21 14.85
N PHE A 198 22.44 -20.25 13.81
CA PHE A 198 23.81 -19.76 13.96
C PHE A 198 23.87 -18.26 14.21
N PHE A 199 23.12 -17.50 13.42
CA PHE A 199 23.19 -16.04 13.54
C PHE A 199 22.55 -15.57 14.85
N ASP A 200 21.65 -16.37 15.41
CA ASP A 200 21.12 -16.12 16.76
C ASP A 200 22.25 -16.00 17.76
N LYS A 201 23.22 -16.91 17.67
CA LYS A 201 24.31 -17.01 18.64
C LYS A 201 25.56 -16.27 18.21
N ASP A 202 25.50 -15.60 17.06
CA ASP A 202 26.67 -14.89 16.55
C ASP A 202 26.71 -13.44 17.06
N PRO A 203 27.65 -13.11 17.96
CA PRO A 203 27.71 -11.73 18.46
C PRO A 203 28.09 -10.69 17.41
N ASN A 204 28.57 -11.12 16.24
CA ASN A 204 28.94 -10.19 15.16
C ASN A 204 27.75 -9.75 14.34
N THR A 205 26.65 -10.48 14.46
CA THR A 205 25.47 -10.24 13.65
C THR A 205 24.37 -9.66 14.52
N GLY A 206 23.84 -8.51 14.10
CA GLY A 206 22.77 -7.84 14.83
C GLY A 206 21.46 -7.74 14.05
N VAL A 207 21.51 -7.89 12.73
CA VAL A 207 20.32 -7.85 11.88
C VAL A 207 20.40 -8.92 10.82
N ILE A 208 19.28 -9.54 10.46
CA ILE A 208 19.29 -10.60 9.48
C ILE A 208 18.32 -10.24 8.38
N MET A 209 18.82 -10.27 7.14
CA MET A 209 17.98 -9.95 6.00
C MET A 209 17.93 -11.19 5.13
N ILE A 210 16.73 -11.62 4.76
CA ILE A 210 16.58 -12.83 3.95
C ILE A 210 15.80 -12.58 2.66
N TYR A 211 16.36 -13.00 1.52
CA TYR A 211 15.56 -13.11 0.30
C TYR A 211 14.99 -14.53 0.21
N LEU A 212 13.67 -14.65 0.33
CA LEU A 212 13.03 -15.95 0.50
C LEU A 212 11.98 -16.20 -0.56
N GLU A 213 12.15 -17.27 -1.32
CA GLU A 213 11.17 -17.63 -2.33
C GLU A 213 10.18 -18.62 -1.74
N GLY A 214 10.68 -19.51 -0.88
CA GLY A 214 9.82 -20.49 -0.26
C GLY A 214 10.48 -21.28 0.85
N ILE A 215 9.64 -21.86 1.70
CA ILE A 215 10.09 -22.75 2.75
C ILE A 215 9.68 -24.16 2.36
N ALA A 216 10.48 -25.14 2.73
CA ALA A 216 10.20 -26.52 2.35
C ALA A 216 8.97 -27.09 3.12
N PRO A 217 8.22 -28.02 2.49
CA PRO A 217 7.13 -28.71 3.19
C PRO A 217 7.58 -29.33 4.52
N GLY A 218 6.77 -29.18 5.56
CA GLY A 218 7.12 -29.73 6.86
C GLY A 218 8.10 -28.88 7.67
N ARG A 219 8.60 -27.79 7.09
CA ARG A 219 9.66 -27.01 7.72
C ARG A 219 9.17 -25.69 8.37
N GLY A 220 7.96 -25.27 8.02
CA GLY A 220 7.43 -24.00 8.48
C GLY A 220 7.32 -23.84 9.98
N ARG A 221 6.89 -24.88 10.68
CA ARG A 221 6.73 -24.78 12.11
C ARG A 221 8.07 -24.51 12.78
N MET A 222 9.09 -25.22 12.35
CA MET A 222 10.44 -25.02 12.87
C MET A 222 10.92 -23.59 12.55
N PHE A 223 10.50 -23.07 11.40
CA PHE A 223 10.90 -21.74 10.99
C PHE A 223 10.34 -20.68 11.96
N ILE A 224 9.04 -20.75 12.24
CA ILE A 224 8.42 -19.83 13.19
C ILE A 224 9.07 -19.93 14.56
N ASP A 225 9.32 -21.17 15.00
CA ASP A 225 9.86 -21.40 16.34
C ASP A 225 11.24 -20.75 16.50
N VAL A 226 12.10 -20.90 15.50
CA VAL A 226 13.45 -20.35 15.55
C VAL A 226 13.44 -18.83 15.31
N ALA A 227 12.78 -18.40 14.25
CA ALA A 227 12.74 -16.99 13.91
C ALA A 227 12.11 -16.16 15.03
N SER A 228 11.10 -16.69 15.71
CA SER A 228 10.44 -15.89 16.75
C SER A 228 11.43 -15.67 17.89
N ARG A 229 12.20 -16.70 18.21
CA ARG A 229 13.17 -16.56 19.28
C ARG A 229 14.34 -15.67 18.89
N VAL A 230 14.74 -15.70 17.64
CA VAL A 230 15.77 -14.77 17.19
C VAL A 230 15.24 -13.34 17.29
N SER A 231 14.01 -13.12 16.84
CA SER A 231 13.38 -11.79 16.78
C SER A 231 13.31 -11.10 18.13
N LEU A 232 13.38 -11.86 19.20
CA LEU A 232 13.39 -11.28 20.53
C LEU A 232 14.63 -10.40 20.75
N ARG A 233 15.71 -10.67 20.01
CA ARG A 233 16.96 -9.89 20.19
C ARG A 233 17.48 -9.25 18.91
N LYS A 234 17.14 -9.83 17.76
CA LYS A 234 17.67 -9.39 16.47
C LYS A 234 16.56 -9.28 15.42
N PRO A 235 16.44 -8.12 14.76
CA PRO A 235 15.38 -8.04 13.74
C PRO A 235 15.66 -8.91 12.52
N ILE A 236 14.59 -9.49 11.98
CA ILE A 236 14.66 -10.25 10.74
C ILE A 236 13.79 -9.52 9.74
N ILE A 237 14.40 -9.17 8.61
CA ILE A 237 13.67 -8.59 7.48
C ILE A 237 13.64 -9.65 6.39
N VAL A 238 12.45 -9.96 5.89
CA VAL A 238 12.30 -10.89 4.78
C VAL A 238 11.78 -10.15 3.56
N ILE A 239 12.49 -10.32 2.45
CA ILE A 239 11.98 -9.96 1.14
C ILE A 239 11.37 -11.24 0.62
N LYS A 240 10.05 -11.28 0.57
CA LYS A 240 9.34 -12.45 0.15
C LYS A 240 9.10 -12.39 -1.34
N ALA A 241 9.70 -13.34 -2.06
CA ALA A 241 9.44 -13.46 -3.49
C ALA A 241 8.11 -14.18 -3.67
N GLY A 242 7.20 -13.57 -4.42
CA GLY A 242 5.91 -14.17 -4.64
C GLY A 242 4.96 -13.85 -3.51
N ARG A 243 4.71 -12.56 -3.28
CA ARG A 243 3.87 -12.12 -2.19
C ARG A 243 2.48 -11.78 -2.71
N THR A 244 2.33 -11.79 -4.03
CA THR A 244 1.03 -11.69 -4.64
C THR A 244 0.68 -13.09 -5.14
N GLU A 245 -0.61 -13.34 -5.35
CA GLU A 245 -1.08 -14.61 -5.90
C GLU A 245 -0.40 -14.89 -7.24
N VAL A 246 -0.42 -13.88 -8.11
CA VAL A 246 0.25 -13.99 -9.41
C VAL A 246 1.73 -14.29 -9.24
N GLY A 247 2.37 -13.59 -8.31
CA GLY A 247 3.80 -13.79 -8.08
C GLY A 247 4.13 -15.12 -7.45
N ALA A 248 3.23 -15.60 -6.59
CA ALA A 248 3.42 -16.88 -5.94
C ALA A 248 3.49 -17.99 -6.98
N ARG A 249 2.63 -17.91 -8.00
CA ARG A 249 2.66 -18.87 -9.11
C ARG A 249 3.95 -18.74 -9.91
N ALA A 250 4.43 -17.51 -10.08
CA ALA A 250 5.66 -17.26 -10.82
C ALA A 250 6.88 -17.76 -10.07
N ALA A 251 6.89 -17.59 -8.75
CA ALA A 251 7.92 -18.16 -7.90
C ALA A 251 7.75 -19.67 -7.84
N ALA A 252 6.49 -20.12 -7.83
CA ALA A 252 6.17 -21.55 -7.80
C ALA A 252 6.69 -22.25 -9.05
N SER A 253 6.80 -21.51 -10.15
CA SER A 253 7.34 -22.06 -11.39
C SER A 253 8.87 -21.89 -11.49
N HIS A 254 9.38 -20.79 -10.95
CA HIS A 254 10.83 -20.53 -10.98
C HIS A 254 11.58 -21.61 -10.20
N THR A 255 11.24 -21.78 -8.93
CA THR A 255 11.58 -23.01 -8.21
C THR A 255 10.64 -24.08 -8.75
N GLY A 256 10.96 -25.35 -8.55
CA GLY A 256 10.06 -26.42 -8.97
C GLY A 256 9.23 -26.90 -7.80
N SER A 257 8.12 -26.22 -7.53
CA SER A 257 7.30 -26.49 -6.35
C SER A 257 5.86 -26.04 -6.55
N ILE A 258 4.96 -26.51 -5.69
CA ILE A 258 3.59 -26.01 -5.67
C ILE A 258 3.58 -24.68 -4.91
N ALA A 259 2.57 -23.86 -5.21
CA ALA A 259 2.55 -22.47 -4.74
C ALA A 259 2.03 -22.36 -3.31
N GLY A 260 2.89 -21.93 -2.39
CA GLY A 260 2.49 -21.76 -1.00
C GLY A 260 1.41 -20.71 -0.86
N SER A 261 0.69 -20.75 0.26
CA SER A 261 -0.37 -19.78 0.51
C SER A 261 0.22 -18.45 0.92
N VAL A 262 -0.20 -17.39 0.23
CA VAL A 262 0.26 -16.05 0.50
C VAL A 262 -0.15 -15.64 1.91
N ALA A 263 -1.43 -15.82 2.22
CA ALA A 263 -1.96 -15.39 3.50
C ALA A 263 -1.25 -16.10 4.66
N ILE A 264 -0.93 -17.37 4.50
CA ILE A 264 -0.40 -18.14 5.62
C ILE A 264 1.07 -17.80 5.85
N TYR A 265 1.80 -17.52 4.78
CA TYR A 265 3.15 -16.98 4.93
C TYR A 265 3.11 -15.64 5.66
N GLU A 266 2.19 -14.76 5.28
CA GLU A 266 2.12 -13.46 5.96
C GLU A 266 1.91 -13.66 7.46
N SER A 267 1.02 -14.58 7.82
CA SER A 267 0.75 -14.85 9.22
C SER A 267 1.93 -15.48 9.92
N ALA A 268 2.59 -16.42 9.25
CA ALA A 268 3.80 -17.03 9.81
C ALA A 268 4.86 -15.97 10.14
N PHE A 269 5.06 -14.99 9.23
CA PHE A 269 6.01 -13.90 9.48
C PHE A 269 5.58 -13.03 10.66
N LYS A 270 4.30 -12.72 10.73
CA LYS A 270 3.81 -11.99 11.87
C LYS A 270 4.08 -12.81 13.15
N GLN A 271 3.81 -14.11 13.13
CA GLN A 271 4.00 -14.91 14.35
C GLN A 271 5.48 -15.05 14.67
N SER A 272 6.33 -14.83 13.68
CA SER A 272 7.78 -14.89 13.85
C SER A 272 8.39 -13.55 14.27
N GLY A 273 7.60 -12.48 14.26
CA GLY A 273 8.11 -11.16 14.54
C GLY A 273 8.95 -10.63 13.38
N ILE A 274 8.73 -11.17 12.19
CA ILE A 274 9.49 -10.83 11.01
C ILE A 274 8.89 -9.62 10.30
N LEU A 275 9.75 -8.72 9.85
CA LEU A 275 9.34 -7.61 8.99
C LEU A 275 9.41 -8.00 7.52
N MET A 276 8.27 -7.95 6.85
CA MET A 276 8.18 -8.29 5.44
C MET A 276 8.37 -7.05 4.57
N ALA A 277 9.39 -7.07 3.74
CA ALA A 277 9.65 -5.96 2.84
C ALA A 277 9.06 -6.26 1.47
N LYS A 278 8.41 -5.28 0.86
CA LYS A 278 7.81 -5.50 -0.46
C LYS A 278 8.81 -5.20 -1.56
N SER A 279 9.99 -4.71 -1.20
CA SER A 279 10.96 -4.29 -2.20
C SER A 279 12.37 -4.24 -1.65
N VAL A 280 13.33 -4.35 -2.55
CA VAL A 280 14.74 -4.18 -2.23
C VAL A 280 14.97 -2.85 -1.49
N GLU A 281 14.47 -1.75 -2.05
CA GLU A 281 14.68 -0.44 -1.43
C GLU A 281 14.18 -0.40 0.00
N ASP A 282 12.98 -0.91 0.26
CA ASP A 282 12.45 -0.87 1.61
C ASP A 282 13.34 -1.73 2.50
N ALA A 283 13.67 -2.93 2.04
CA ALA A 283 14.46 -3.84 2.84
C ALA A 283 15.79 -3.20 3.23
N PHE A 284 16.48 -2.57 2.28
CA PHE A 284 17.77 -1.94 2.58
C PHE A 284 17.61 -0.68 3.45
N ASP A 285 16.58 0.12 3.20
CA ASP A 285 16.34 1.32 4.02
C ASP A 285 16.10 0.93 5.47
N TRP A 286 15.30 -0.10 5.69
CA TRP A 286 15.01 -0.59 7.03
C TRP A 286 16.25 -1.22 7.67
N THR A 287 17.00 -1.98 6.88
CA THR A 287 18.20 -2.65 7.38
C THR A 287 19.17 -1.64 7.93
N LYS A 288 19.38 -0.57 7.20
CA LYS A 288 20.24 0.52 7.63
C LYS A 288 19.81 1.03 9.00
N ALA A 289 18.52 1.34 9.14
CA ALA A 289 18.04 1.97 10.35
C ALA A 289 18.14 0.99 11.53
N LEU A 290 17.82 -0.28 11.29
CA LEU A 290 17.82 -1.29 12.35
C LEU A 290 19.26 -1.66 12.73
N SER A 291 20.17 -1.57 11.78
CA SER A 291 21.58 -1.87 12.04
C SER A 291 22.24 -0.82 12.92
N TRP A 292 21.78 0.43 12.80
CA TRP A 292 22.51 1.56 13.33
C TRP A 292 21.85 2.23 14.52
N ASN A 293 20.71 1.70 14.95
CA ASN A 293 19.94 2.32 16.01
C ASN A 293 19.40 1.29 16.97
N PRO A 294 19.20 1.67 18.25
CA PRO A 294 18.45 0.79 19.14
C PRO A 294 16.95 0.91 18.86
N ILE A 295 16.12 0.01 19.37
CA ILE A 295 14.68 0.22 19.21
C ILE A 295 14.24 1.33 20.16
N PRO A 296 13.24 2.11 19.78
CA PRO A 296 12.76 3.15 20.70
C PRO A 296 12.14 2.56 21.95
N GLU A 297 12.23 3.26 23.08
CA GLU A 297 11.74 2.75 24.34
C GLU A 297 10.26 3.12 24.55
N GLY A 298 9.78 4.08 23.76
CA GLY A 298 8.38 4.46 23.81
C GLY A 298 7.97 5.11 22.50
N GLU A 299 6.77 5.67 22.47
CA GLU A 299 6.19 6.20 21.25
C GLU A 299 6.30 7.73 21.13
N ARG A 300 7.11 8.35 21.99
CA ARG A 300 7.30 9.80 21.90
C ARG A 300 8.33 10.12 20.81
N LEU A 301 7.91 9.94 19.57
CA LEU A 301 8.72 10.28 18.40
C LEU A 301 8.55 11.75 18.03
N ILE A 302 9.66 12.44 17.81
CA ILE A 302 9.66 13.83 17.40
C ILE A 302 10.13 13.94 15.96
N VAL A 303 9.42 14.74 15.16
CA VAL A 303 9.84 15.11 13.82
C VAL A 303 10.21 16.58 13.84
N LEU A 304 11.43 16.85 13.41
CA LEU A 304 11.99 18.19 13.36
C LEU A 304 12.19 18.55 11.89
N THR A 305 11.69 19.70 11.47
CA THR A 305 11.71 20.06 10.04
C THR A 305 11.82 21.57 9.83
N ASN A 306 12.53 21.98 8.78
CA ASN A 306 12.61 23.37 8.40
C ASN A 306 11.63 23.71 7.28
N GLY A 307 10.57 22.93 7.17
CA GLY A 307 9.53 23.21 6.19
C GLY A 307 8.30 22.36 6.41
N GLY A 308 7.13 22.98 6.34
CA GLY A 308 5.87 22.29 6.53
C GLY A 308 5.70 21.13 5.56
N GLY A 309 6.01 21.35 4.30
CA GLY A 309 5.80 20.35 3.26
C GLY A 309 6.42 18.99 3.56
N ALA A 310 7.70 18.99 3.88
CA ALA A 310 8.39 17.78 4.25
C ALA A 310 7.72 17.17 5.46
N GLY A 311 7.29 18.02 6.38
CA GLY A 311 6.67 17.57 7.61
C GLY A 311 5.37 16.83 7.35
N VAL A 312 4.60 17.32 6.39
CA VAL A 312 3.33 16.69 6.04
C VAL A 312 3.54 15.35 5.32
N GLN A 313 4.54 15.29 4.43
CA GLN A 313 4.90 14.04 3.76
C GLN A 313 5.28 13.00 4.80
N SER A 314 6.04 13.44 5.79
CA SER A 314 6.47 12.59 6.87
C SER A 314 5.25 12.10 7.68
N THR A 315 4.38 13.03 8.05
CA THR A 315 3.20 12.71 8.85
C THR A 315 2.31 11.67 8.17
N ASP A 316 2.07 11.85 6.88
CA ASP A 316 1.27 10.94 6.07
C ASP A 316 1.91 9.57 6.02
N THR A 317 3.24 9.53 5.91
CA THR A 317 3.94 8.27 5.80
C THR A 317 3.93 7.52 7.12
N PHE A 318 4.18 8.23 8.20
CA PHE A 318 4.08 7.65 9.52
C PHE A 318 2.67 7.08 9.72
N ALA A 319 1.65 7.84 9.30
CA ALA A 319 0.27 7.43 9.50
C ALA A 319 -0.06 6.17 8.69
N ASP A 320 0.49 6.05 7.48
CA ASP A 320 0.31 4.83 6.70
C ASP A 320 0.94 3.61 7.38
N ASN A 321 1.86 3.83 8.32
CA ASN A 321 2.48 2.74 9.05
C ASN A 321 1.95 2.60 10.48
N GLY A 322 0.81 3.22 10.74
CA GLY A 322 0.21 3.12 12.07
C GLY A 322 0.98 3.87 13.13
N ILE A 323 1.67 4.94 12.72
CA ILE A 323 2.39 5.75 13.69
C ILE A 323 1.81 7.15 13.67
N TYR A 324 1.37 7.60 14.85
CA TYR A 324 0.75 8.91 15.01
C TYR A 324 1.55 9.71 16.02
N LEU A 325 1.89 10.93 15.63
CA LEU A 325 2.67 11.81 16.47
C LEU A 325 1.78 12.43 17.54
N SER A 326 2.35 12.80 18.67
CA SER A 326 1.60 13.48 19.72
C SER A 326 2.35 14.73 20.11
N LYS A 327 1.74 15.58 20.94
CA LYS A 327 2.33 16.86 21.29
C LYS A 327 3.69 16.67 21.93
N PRO A 328 4.67 17.52 21.56
CA PRO A 328 6.00 17.45 22.18
C PRO A 328 6.01 17.85 23.65
N PRO A 329 6.94 17.32 24.46
CA PRO A 329 7.01 17.75 25.86
C PRO A 329 7.22 19.26 25.98
N GLU A 330 6.53 19.86 26.93
CA GLU A 330 6.56 21.31 27.07
C GLU A 330 7.98 21.79 27.34
N SER A 331 8.79 20.96 28.00
CA SER A 331 10.19 21.31 28.24
C SER A 331 10.94 21.48 26.91
N LEU A 332 10.63 20.62 25.95
CA LEU A 332 11.26 20.70 24.63
C LEU A 332 10.81 21.96 23.88
N ILE A 333 9.52 22.22 23.86
CA ILE A 333 9.01 23.42 23.19
C ILE A 333 9.65 24.68 23.77
N GLN A 334 9.76 24.73 25.09
CA GLN A 334 10.39 25.88 25.74
C GLN A 334 11.86 26.00 25.32
N GLU A 335 12.54 24.87 25.22
CA GLU A 335 13.94 24.88 24.85
C GLU A 335 14.13 25.46 23.44
N ILE A 336 13.28 25.03 22.52
CA ILE A 336 13.38 25.44 21.12
C ILE A 336 12.87 26.88 20.90
N LYS A 337 11.96 27.33 21.75
CA LYS A 337 11.48 28.71 21.65
C LYS A 337 12.54 29.75 21.97
N LYS A 338 13.67 29.31 22.52
CA LYS A 338 14.79 30.21 22.79
C LYS A 338 15.38 30.81 21.51
N PHE A 339 15.31 30.09 20.39
CA PHE A 339 15.95 30.56 19.15
C PHE A 339 15.03 30.67 17.93
N VAL A 340 13.93 29.91 17.90
CA VAL A 340 13.05 29.96 16.74
C VAL A 340 12.09 31.15 16.83
N PRO A 341 11.58 31.64 15.68
CA PRO A 341 10.63 32.75 15.70
C PRO A 341 9.28 32.30 16.24
N PRO A 342 8.41 33.27 16.56
CA PRO A 342 7.10 32.94 17.16
C PRO A 342 6.10 32.30 16.18
N PHE A 343 6.31 32.50 14.87
CA PHE A 343 5.43 31.88 13.88
C PHE A 343 5.91 30.45 13.54
N ALA A 344 6.80 29.92 14.38
CA ALA A 344 7.17 28.51 14.31
C ALA A 344 6.04 27.66 14.87
N SER A 345 5.89 26.46 14.36
CA SER A 345 4.82 25.54 14.78
C SER A 345 5.39 24.37 15.61
N PHE A 346 4.68 24.01 16.67
CA PHE A 346 5.19 23.05 17.65
C PHE A 346 4.24 21.92 17.87
N ALA A 347 3.42 21.62 16.85
CA ALA A 347 2.40 20.58 16.97
C ALA A 347 2.96 19.16 16.93
N ASN A 348 4.18 19.03 16.40
CA ASN A 348 4.79 17.75 15.98
C ASN A 348 4.19 17.33 14.64
N PRO A 349 4.94 17.53 13.53
CA PRO A 349 6.33 17.99 13.50
C PRO A 349 6.55 19.37 14.10
N ILE A 350 7.74 19.53 14.66
CA ILE A 350 8.21 20.83 15.09
C ILE A 350 8.83 21.52 13.88
N ASP A 351 8.15 22.56 13.40
CA ASP A 351 8.58 23.31 12.22
C ASP A 351 9.38 24.52 12.66
N ILE A 352 10.69 24.49 12.44
CA ILE A 352 11.58 25.61 12.81
C ILE A 352 11.73 26.63 11.68
N THR A 353 10.85 26.55 10.68
CA THR A 353 10.74 27.49 9.56
C THR A 353 11.87 27.38 8.52
N GLY A 354 11.55 27.76 7.29
CA GLY A 354 12.50 27.69 6.20
C GLY A 354 13.68 28.63 6.37
N MET A 355 13.58 29.57 7.31
CA MET A 355 14.64 30.54 7.56
C MET A 355 15.71 30.02 8.52
N ALA A 356 15.58 28.76 8.94
CA ALA A 356 16.48 28.21 9.93
C ALA A 356 17.90 28.05 9.38
N PRO A 357 18.90 28.63 10.05
CA PRO A 357 20.31 28.38 9.70
C PRO A 357 20.86 27.06 10.25
N ASP A 358 22.06 26.68 9.84
CA ASP A 358 22.68 25.40 10.18
C ASP A 358 22.63 25.14 11.71
N ASP A 359 22.98 26.15 12.50
CA ASP A 359 23.07 26.03 13.95
C ASP A 359 21.75 25.56 14.59
N TRP A 360 20.62 25.97 14.06
CA TRP A 360 19.35 25.55 14.66
C TRP A 360 19.16 24.03 14.54
N TYR A 361 19.75 23.41 13.52
CA TYR A 361 19.65 21.95 13.44
C TYR A 361 20.44 21.31 14.55
N TYR A 362 21.63 21.83 14.82
CA TYR A 362 22.41 21.37 15.97
C TYR A 362 21.64 21.59 17.29
N MET A 363 21.14 22.80 17.50
CA MET A 363 20.46 23.11 18.75
C MET A 363 19.14 22.37 18.87
N GLY A 364 18.45 22.21 17.76
CA GLY A 364 17.18 21.53 17.76
C GLY A 364 17.35 20.05 18.02
N THR A 365 18.38 19.45 17.42
CA THR A 365 18.60 18.02 17.53
C THR A 365 19.10 17.67 18.93
N LEU A 366 19.99 18.51 19.44
CA LEU A 366 20.51 18.33 20.80
C LEU A 366 19.41 18.44 21.86
N ALA A 367 18.59 19.48 21.76
CA ALA A 367 17.49 19.66 22.71
C ALA A 367 16.56 18.43 22.70
N ALA A 368 16.18 17.97 21.51
CA ALA A 368 15.25 16.83 21.43
C ALA A 368 15.87 15.57 22.01
N LEU A 369 17.12 15.30 21.67
CA LEU A 369 17.76 14.06 22.07
C LEU A 369 18.04 14.01 23.57
N LYS A 370 18.37 15.15 24.17
CA LYS A 370 18.68 15.17 25.61
C LYS A 370 17.42 15.13 26.46
N ASN A 371 16.28 15.49 25.87
CA ASN A 371 15.03 15.51 26.62
C ASN A 371 14.62 14.11 27.03
N PRO A 372 14.37 13.90 28.33
CA PRO A 372 14.04 12.54 28.79
C PRO A 372 12.66 12.03 28.37
N ASP A 373 11.80 12.89 27.82
CA ASP A 373 10.47 12.46 27.37
C ASP A 373 10.39 12.27 25.85
N VAL A 374 11.55 12.29 25.18
CA VAL A 374 11.63 12.02 23.75
C VAL A 374 12.30 10.68 23.53
N ASP A 375 11.66 9.81 22.75
CA ASP A 375 12.17 8.44 22.53
C ASP A 375 12.89 8.25 21.19
N ALA A 376 12.61 9.12 20.21
CA ALA A 376 13.17 8.95 18.87
C ALA A 376 13.06 10.26 18.09
N LEU A 377 13.91 10.43 17.07
CA LEU A 377 13.94 11.68 16.32
C LEU A 377 14.10 11.42 14.84
N THR A 378 13.19 11.98 14.05
CA THR A 378 13.41 12.10 12.60
C THR A 378 13.68 13.55 12.29
N VAL A 379 14.84 13.80 11.70
CA VAL A 379 15.25 15.13 11.28
C VAL A 379 15.09 15.29 9.77
N LEU A 380 14.30 16.29 9.40
CA LEU A 380 14.01 16.60 8.01
C LEU A 380 14.60 17.94 7.61
N TYR A 381 15.22 17.96 6.45
CA TYR A 381 15.89 19.13 5.94
C TYR A 381 15.63 19.35 4.46
N CYS A 382 15.16 20.55 4.14
CA CYS A 382 15.00 21.02 2.76
C CYS A 382 16.02 22.07 2.46
N GLN A 383 16.85 21.83 1.46
CA GLN A 383 17.96 22.72 1.14
C GLN A 383 17.49 24.08 0.68
N THR A 384 18.01 25.12 1.33
CA THR A 384 17.75 26.51 0.98
C THR A 384 19.08 27.22 0.89
N ALA A 385 19.07 28.47 0.46
CA ALA A 385 20.31 29.24 0.36
C ALA A 385 20.83 29.70 1.72
N VAL A 386 19.97 29.75 2.75
CA VAL A 386 20.41 30.20 4.07
C VAL A 386 21.19 29.13 4.85
N THR A 387 21.31 27.93 4.28
CA THR A 387 22.02 26.82 4.91
C THR A 387 23.04 26.18 3.99
N THR A 388 23.84 25.28 4.56
CA THR A 388 24.63 24.36 3.77
C THR A 388 24.26 22.95 4.22
N PRO A 389 24.07 22.04 3.25
CA PRO A 389 23.78 20.65 3.62
C PRO A 389 24.82 20.01 4.54
N ILE A 390 26.10 20.23 4.25
CA ILE A 390 27.13 19.58 5.05
C ILE A 390 27.16 20.19 6.46
N GLY A 391 26.85 21.48 6.57
CA GLY A 391 26.77 22.13 7.86
C GLY A 391 25.64 21.58 8.72
N VAL A 392 24.51 21.28 8.08
CA VAL A 392 23.39 20.70 8.79
C VAL A 392 23.75 19.30 9.23
N ALA A 393 24.38 18.53 8.34
CA ALA A 393 24.75 17.16 8.67
C ALA A 393 25.70 17.15 9.88
N LYS A 394 26.73 17.99 9.81
CA LYS A 394 27.71 18.10 10.88
C LYS A 394 27.10 18.58 12.18
N GLY A 395 26.03 19.37 12.09
CA GLY A 395 25.29 19.77 13.27
C GLY A 395 24.61 18.57 13.90
N ILE A 396 23.99 17.75 13.07
CA ILE A 396 23.33 16.54 13.53
C ILE A 396 24.36 15.58 14.16
N VAL A 397 25.52 15.43 13.51
CA VAL A 397 26.57 14.58 14.05
C VAL A 397 26.97 15.03 15.44
N ASP A 398 27.22 16.33 15.58
CA ASP A 398 27.67 16.90 16.84
C ASP A 398 26.59 16.78 17.90
N ALA A 399 25.34 17.01 17.52
CA ALA A 399 24.25 16.92 18.49
C ALA A 399 24.10 15.49 19.00
N ILE A 400 24.29 14.52 18.11
CA ILE A 400 24.17 13.12 18.52
C ILE A 400 25.29 12.75 19.50
N LYS A 401 26.49 13.27 19.24
CA LYS A 401 27.63 13.01 20.10
C LYS A 401 27.43 13.68 21.47
N GLU A 402 27.06 14.95 21.44
CA GLU A 402 26.89 15.75 22.65
C GLU A 402 25.86 15.13 23.58
N ALA A 403 24.78 14.62 23.00
CA ALA A 403 23.65 14.15 23.80
C ALA A 403 24.06 12.94 24.61
N GLY A 404 25.08 12.25 24.14
CA GLY A 404 25.66 11.15 24.88
C GLY A 404 24.68 10.06 25.25
N ASN A 405 23.69 9.84 24.39
CA ASN A 405 22.82 8.69 24.52
C ASN A 405 22.63 8.03 23.16
N SER A 406 21.92 6.92 23.14
CA SER A 406 21.49 6.31 21.89
C SER A 406 19.98 6.31 21.87
N LYS A 407 19.42 7.24 21.11
CA LYS A 407 18.01 7.24 20.79
C LYS A 407 17.94 7.11 19.28
N PRO A 408 16.97 6.37 18.76
CA PRO A 408 16.97 6.25 17.31
C PRO A 408 16.81 7.59 16.60
N VAL A 409 17.58 7.75 15.52
CA VAL A 409 17.53 8.93 14.68
C VAL A 409 17.50 8.49 13.22
N THR A 410 16.63 9.11 12.42
CA THR A 410 16.75 9.02 10.96
C THR A 410 16.74 10.43 10.41
N VAL A 411 17.32 10.59 9.23
CA VAL A 411 17.48 11.89 8.62
C VAL A 411 16.97 11.84 7.18
N GLY A 412 16.14 12.80 6.82
CA GLY A 412 15.71 13.00 5.45
C GLY A 412 16.18 14.35 4.96
N MET A 413 16.91 14.35 3.86
CA MET A 413 17.44 15.58 3.28
C MET A 413 17.09 15.68 1.80
N VAL A 414 16.47 16.80 1.44
CA VAL A 414 16.06 17.02 0.06
C VAL A 414 16.84 18.18 -0.57
N GLY A 415 17.47 17.92 -1.70
CA GLY A 415 18.13 18.97 -2.46
C GLY A 415 18.96 18.44 -3.58
N GLY A 416 19.91 19.26 -4.01
CA GLY A 416 20.75 18.97 -5.16
C GLY A 416 22.00 18.19 -4.79
N PRO A 417 23.06 18.31 -5.60
CA PRO A 417 24.28 17.52 -5.40
C PRO A 417 24.89 17.68 -4.01
N GLU A 418 24.77 18.86 -3.43
CA GLU A 418 25.31 19.08 -2.09
C GLU A 418 24.58 18.22 -1.06
N VAL A 419 23.29 17.98 -1.27
CA VAL A 419 22.53 17.11 -0.36
C VAL A 419 22.94 15.67 -0.54
N ALA A 420 23.12 15.25 -1.79
CA ALA A 420 23.57 13.90 -2.06
C ALA A 420 24.87 13.63 -1.28
N GLU A 421 25.78 14.59 -1.29
CA GLU A 421 27.05 14.43 -0.59
C GLU A 421 26.85 14.39 0.93
N ALA A 422 26.02 15.29 1.44
CA ALA A 422 25.74 15.33 2.87
C ALA A 422 25.09 14.03 3.34
N VAL A 423 24.16 13.51 2.55
CA VAL A 423 23.50 12.25 2.90
C VAL A 423 24.54 11.13 2.90
N SER A 424 25.42 11.14 1.91
CA SER A 424 26.48 10.14 1.82
C SER A 424 27.39 10.23 3.05
N PHE A 425 27.74 11.46 3.41
CA PHE A 425 28.51 11.74 4.62
C PHE A 425 27.85 11.16 5.87
N LEU A 426 26.55 11.40 6.03
CA LEU A 426 25.88 10.89 7.22
C LEU A 426 25.90 9.36 7.25
N ASN A 427 25.60 8.72 6.13
CA ASN A 427 25.56 7.27 6.09
C ASN A 427 26.94 6.63 6.36
N LYS A 428 27.99 7.31 5.95
CA LYS A 428 29.35 6.82 6.26
C LYS A 428 29.66 6.91 7.74
N GLN A 429 28.90 7.72 8.47
CA GLN A 429 29.02 7.83 9.92
C GLN A 429 28.10 6.87 10.64
N ARG A 430 27.38 6.05 9.87
CA ARG A 430 26.31 5.18 10.40
C ARG A 430 25.21 6.01 11.07
N ILE A 431 24.82 7.09 10.41
CA ILE A 431 23.58 7.77 10.72
C ILE A 431 22.68 7.56 9.51
N ALA A 432 21.54 6.94 9.75
CA ALA A 432 20.62 6.56 8.68
C ALA A 432 20.03 7.80 8.02
N ALA A 433 20.49 8.10 6.82
CA ALA A 433 20.09 9.30 6.11
C ALA A 433 19.53 8.93 4.74
N TYR A 434 18.54 9.68 4.27
CA TYR A 434 17.86 9.37 3.02
C TYR A 434 17.60 10.66 2.30
N PRO A 435 17.44 10.59 0.97
CA PRO A 435 17.23 11.79 0.15
C PRO A 435 15.76 12.19 0.04
N THR A 436 14.83 11.57 0.77
CA THR A 436 13.46 12.08 0.82
C THR A 436 12.86 11.95 2.22
N PRO A 437 11.81 12.72 2.46
CA PRO A 437 11.26 12.67 3.82
C PRO A 437 10.45 11.40 4.07
N GLU A 438 9.84 10.84 3.01
CA GLU A 438 9.09 9.60 3.14
C GLU A 438 10.01 8.43 3.44
N ARG A 439 11.22 8.41 2.86
CA ARG A 439 12.13 7.29 3.10
C ARG A 439 12.70 7.38 4.51
N ALA A 440 13.03 8.59 4.95
CA ALA A 440 13.49 8.72 6.33
C ALA A 440 12.39 8.30 7.29
N SER A 441 11.14 8.60 6.94
CA SER A 441 10.00 8.26 7.80
C SER A 441 9.69 6.77 7.79
N SER A 442 9.76 6.18 6.60
CA SER A 442 9.65 4.73 6.44
C SER A 442 10.69 3.98 7.24
N ALA A 443 11.91 4.50 7.28
CA ALA A 443 12.99 3.86 8.00
C ALA A 443 12.77 3.91 9.51
N MET A 444 12.31 5.06 10.01
CA MET A 444 11.97 5.19 11.42
C MET A 444 10.78 4.30 11.76
N SER A 445 9.84 4.19 10.83
CA SER A 445 8.69 3.34 11.03
C SER A 445 9.12 1.86 11.16
N ALA A 446 10.24 1.52 10.54
CA ALA A 446 10.75 0.14 10.63
C ALA A 446 11.24 -0.16 12.06
N LEU A 447 11.87 0.82 12.69
CA LEU A 447 12.27 0.68 14.09
C LEU A 447 11.05 0.43 14.98
N TYR A 448 9.97 1.18 14.75
CA TYR A 448 8.73 0.95 15.52
C TYR A 448 8.05 -0.35 15.16
N ALA A 449 8.04 -0.69 13.87
CA ALA A 449 7.47 -1.94 13.44
C ALA A 449 8.17 -3.09 14.17
N TYR A 450 9.51 -3.01 14.29
CA TYR A 450 10.25 -4.09 14.94
C TYR A 450 9.91 -4.16 16.44
N ALA A 451 9.82 -3.01 17.10
CA ALA A 451 9.50 -2.99 18.51
C ALA A 451 8.12 -3.62 18.73
N ARG A 452 7.20 -3.36 17.83
CA ARG A 452 5.86 -3.95 17.93
C ARG A 452 5.90 -5.45 17.57
N ALA A 453 6.74 -5.82 16.62
CA ALA A 453 6.91 -7.21 16.27
C ALA A 453 7.47 -7.99 17.46
N ARG A 454 8.56 -7.50 18.04
CA ARG A 454 9.13 -8.14 19.22
C ARG A 454 8.09 -8.28 20.36
N SER A 455 7.30 -7.23 20.57
CA SER A 455 6.28 -7.26 21.58
C SER A 455 5.20 -8.31 21.27
N TYR A 456 4.84 -8.45 19.99
CA TYR A 456 3.89 -9.49 19.58
C TYR A 456 4.42 -10.86 20.00
N VAL A 457 5.70 -11.12 19.72
CA VAL A 457 6.26 -12.42 20.01
C VAL A 457 6.30 -12.63 21.53
N MET A 458 6.74 -11.61 22.27
CA MET A 458 6.83 -11.69 23.71
C MET A 458 5.47 -12.06 24.28
N LYS A 459 4.45 -11.38 23.82
CA LYS A 459 3.08 -11.66 24.26
C LYS A 459 2.61 -13.06 23.91
N SER A 460 2.97 -13.56 22.73
CA SER A 460 2.53 -14.89 22.32
C SER A 460 3.25 -15.96 23.15
N LEU A 461 4.41 -15.62 23.71
CA LEU A 461 5.18 -16.57 24.53
C LEU A 461 4.88 -16.47 26.03
N ALA A 462 3.97 -15.57 26.38
CA ALA A 462 3.64 -15.34 27.78
C ALA A 462 3.16 -16.63 28.45
N VAL A 463 3.65 -16.85 29.66
CA VAL A 463 3.28 -18.02 30.45
C VAL A 463 1.84 -17.87 30.96
N ARG A 464 1.05 -18.91 30.76
CA ARG A 464 -0.33 -18.90 31.23
C ARG A 464 -0.41 -18.75 32.75
N SER B 2 -12.24 -42.43 25.75
CA SER B 2 -11.52 -41.40 25.01
C SER B 2 -12.28 -40.96 23.77
N SER B 3 -12.34 -39.66 23.54
CA SER B 3 -13.01 -39.13 22.35
C SER B 3 -12.31 -39.59 21.07
N ARG B 4 -11.08 -40.08 21.18
CA ARG B 4 -10.38 -40.62 20.03
C ARG B 4 -11.04 -41.89 19.50
N ASP B 5 -11.92 -42.49 20.30
CA ASP B 5 -12.62 -43.68 19.85
C ASP B 5 -13.51 -43.35 18.66
N LEU B 6 -14.03 -42.13 18.61
CA LEU B 6 -14.81 -41.67 17.48
C LEU B 6 -14.01 -41.69 16.18
N LEU B 7 -12.74 -41.30 16.25
CA LEU B 7 -11.84 -41.28 15.09
C LEU B 7 -11.42 -42.69 14.68
N LEU B 8 -11.15 -43.54 15.66
CA LEU B 8 -10.70 -44.89 15.37
C LEU B 8 -11.84 -45.72 14.76
N LYS B 9 -13.04 -45.53 15.31
CA LYS B 9 -14.22 -46.21 14.83
C LYS B 9 -14.44 -45.86 13.37
N ALA B 10 -14.35 -44.57 13.04
CA ALA B 10 -14.57 -44.13 11.67
C ALA B 10 -13.53 -44.73 10.72
N LYS B 11 -12.28 -44.78 11.18
CA LYS B 11 -11.17 -45.26 10.37
C LYS B 11 -11.37 -46.72 10.01
N GLU B 12 -11.81 -47.49 10.99
CA GLU B 12 -11.99 -48.93 10.85
C GLU B 12 -13.12 -49.23 9.87
N ASN B 13 -14.13 -48.37 9.84
CA ASN B 13 -15.25 -48.51 8.92
C ASN B 13 -14.99 -47.83 7.59
N GLY B 14 -13.74 -47.43 7.37
CA GLY B 14 -13.33 -46.85 6.10
C GLY B 14 -13.96 -45.50 5.76
N ARG B 15 -14.60 -44.87 6.75
CA ARG B 15 -15.21 -43.56 6.52
C ARG B 15 -14.15 -42.46 6.55
N LYS B 16 -14.33 -41.45 5.71
CA LYS B 16 -13.37 -40.37 5.58
C LYS B 16 -13.82 -39.10 6.31
N SER B 17 -14.90 -39.20 7.07
CA SER B 17 -15.37 -38.09 7.88
C SER B 17 -16.16 -38.61 9.06
N LEU B 18 -16.44 -37.72 10.01
CA LEU B 18 -17.28 -38.06 11.14
C LEU B 18 -18.71 -37.66 10.81
N LEU B 19 -19.65 -38.38 11.42
CA LEU B 19 -21.05 -38.03 11.33
C LEU B 19 -21.26 -36.77 12.15
N GLU B 20 -22.32 -36.01 11.85
CA GLU B 20 -22.40 -34.67 12.38
C GLU B 20 -22.56 -34.66 13.90
N HIS B 21 -23.20 -35.69 14.45
CA HIS B 21 -23.32 -35.76 15.90
C HIS B 21 -21.97 -36.15 16.53
N GLU B 22 -21.22 -37.00 15.85
CA GLU B 22 -19.91 -37.41 16.33
C GLU B 22 -18.91 -36.26 16.33
N ALA B 23 -18.94 -35.44 15.28
CA ALA B 23 -18.07 -34.28 15.19
C ALA B 23 -18.38 -33.35 16.34
N LYS B 24 -19.66 -33.17 16.65
CA LYS B 24 -20.04 -32.33 17.79
C LYS B 24 -19.56 -32.87 19.13
N TYR B 25 -19.70 -34.17 19.34
CA TYR B 25 -19.22 -34.78 20.57
C TYR B 25 -17.71 -34.62 20.69
N PHE B 26 -17.00 -34.84 19.59
CA PHE B 26 -15.55 -34.73 19.61
C PHE B 26 -15.12 -33.30 19.96
N ILE B 27 -15.75 -32.33 19.32
CA ILE B 27 -15.47 -30.94 19.57
C ILE B 27 -15.76 -30.61 21.03
N SER B 28 -16.90 -31.08 21.50
CA SER B 28 -17.35 -30.83 22.86
C SER B 28 -16.33 -31.32 23.89
N SER B 29 -15.70 -32.46 23.61
CA SER B 29 -14.74 -33.06 24.52
C SER B 29 -13.50 -32.18 24.69
N TYR B 30 -13.32 -31.23 23.77
CA TYR B 30 -12.20 -30.29 23.84
C TYR B 30 -12.60 -28.97 24.48
N GLY B 31 -13.86 -28.86 24.88
CA GLY B 31 -14.31 -27.68 25.58
C GLY B 31 -14.80 -26.57 24.66
N ILE B 32 -15.11 -26.91 23.41
CA ILE B 32 -15.74 -25.96 22.52
C ILE B 32 -17.26 -26.12 22.66
N PRO B 33 -17.99 -25.04 22.97
CA PRO B 33 -19.42 -25.24 23.20
C PRO B 33 -20.17 -25.54 21.90
N VAL B 34 -21.17 -26.41 21.99
CA VAL B 34 -22.00 -26.78 20.85
C VAL B 34 -23.47 -26.63 21.23
N THR B 35 -24.36 -26.53 20.24
CA THR B 35 -25.78 -26.57 20.51
C THR B 35 -26.11 -27.99 20.97
N ASN B 36 -26.91 -28.06 22.02
CA ASN B 36 -27.20 -29.31 22.71
C ASN B 36 -27.87 -30.35 21.79
N ILE B 37 -27.38 -31.58 21.81
CA ILE B 37 -27.95 -32.64 20.98
C ILE B 37 -28.00 -34.00 21.69
N ARG B 38 -28.92 -34.84 21.24
CA ARG B 38 -29.01 -36.22 21.72
C ARG B 38 -29.29 -37.14 20.54
N LEU B 39 -28.82 -38.37 20.64
CA LEU B 39 -29.11 -39.38 19.64
C LEU B 39 -30.21 -40.29 20.17
N ALA B 40 -31.39 -40.23 19.55
CA ALA B 40 -32.54 -40.99 20.05
C ALA B 40 -32.51 -42.42 19.53
N LYS B 41 -32.47 -43.38 20.46
CA LYS B 41 -32.53 -44.79 20.12
C LYS B 41 -33.97 -45.22 19.87
N SER B 42 -34.87 -44.82 20.76
CA SER B 42 -36.29 -45.14 20.65
C SER B 42 -37.14 -43.86 20.65
N GLU B 43 -38.40 -44.00 20.26
CA GLU B 43 -39.34 -42.89 20.28
C GLU B 43 -39.49 -42.33 21.69
N GLU B 44 -39.52 -43.24 22.67
CA GLU B 44 -39.63 -42.85 24.08
C GLU B 44 -38.44 -42.01 24.55
N GLU B 45 -37.26 -42.29 23.99
CA GLU B 45 -36.06 -41.54 24.30
C GLU B 45 -36.06 -40.18 23.59
N ALA B 46 -36.51 -40.17 22.33
CA ALA B 46 -36.62 -38.94 21.56
C ALA B 46 -37.51 -37.95 22.28
N VAL B 47 -38.64 -38.44 22.79
CA VAL B 47 -39.57 -37.61 23.55
C VAL B 47 -38.94 -37.12 24.84
N ASN B 48 -38.29 -38.03 25.56
CA ASN B 48 -37.65 -37.67 26.83
C ASN B 48 -36.48 -36.70 26.60
N PHE B 49 -35.72 -36.91 25.52
CA PHE B 49 -34.61 -36.04 25.17
C PHE B 49 -35.13 -34.66 24.79
N SER B 50 -36.22 -34.63 24.04
CA SER B 50 -36.82 -33.38 23.61
C SER B 50 -37.24 -32.53 24.82
N ARG B 51 -37.72 -33.18 25.87
CA ARG B 51 -38.08 -32.47 27.09
C ARG B 51 -36.84 -31.97 27.82
N GLU B 52 -35.78 -32.77 27.74
CA GLU B 52 -34.51 -32.43 28.39
C GLU B 52 -33.85 -31.26 27.68
N ILE B 53 -33.76 -31.37 26.36
CA ILE B 53 -33.16 -30.34 25.53
C ILE B 53 -34.03 -29.10 25.53
N GLY B 54 -35.33 -29.31 25.53
CA GLY B 54 -36.28 -28.21 25.54
C GLY B 54 -36.72 -27.86 24.13
N PHE B 55 -38.00 -27.50 24.02
CA PHE B 55 -38.59 -27.16 22.73
C PHE B 55 -38.27 -25.71 22.37
N PRO B 56 -38.21 -25.39 21.07
CA PRO B 56 -38.45 -26.29 19.94
C PRO B 56 -37.22 -27.08 19.54
N VAL B 57 -37.41 -28.34 19.13
CA VAL B 57 -36.29 -29.17 18.69
C VAL B 57 -36.39 -29.45 17.20
N VAL B 58 -35.24 -29.69 16.59
CA VAL B 58 -35.19 -30.21 15.23
C VAL B 58 -34.89 -31.70 15.30
N LEU B 59 -35.57 -32.47 14.45
CA LEU B 59 -35.34 -33.89 14.35
C LEU B 59 -34.75 -34.21 12.99
N LYS B 60 -33.64 -34.95 12.96
CA LYS B 60 -33.10 -35.40 11.69
C LYS B 60 -32.45 -36.77 11.76
N ILE B 61 -32.65 -37.51 10.67
CA ILE B 61 -32.10 -38.84 10.51
C ILE B 61 -30.58 -38.79 10.63
N VAL B 62 -30.00 -39.80 11.28
CA VAL B 62 -28.55 -39.94 11.31
C VAL B 62 -28.19 -41.24 10.60
N SER B 63 -27.48 -41.11 9.48
CA SER B 63 -27.03 -42.26 8.72
C SER B 63 -25.87 -41.86 7.82
N PRO B 64 -24.87 -42.75 7.66
CA PRO B 64 -23.77 -42.47 6.72
C PRO B 64 -24.15 -42.40 5.22
N GLN B 65 -25.43 -42.59 4.88
CA GLN B 65 -25.83 -42.74 3.47
C GLN B 65 -26.45 -41.48 2.88
N VAL B 66 -26.81 -40.54 3.74
CA VAL B 66 -27.52 -39.36 3.26
C VAL B 66 -26.58 -38.30 2.72
N VAL B 67 -26.55 -38.18 1.39
CA VAL B 67 -25.82 -37.11 0.74
C VAL B 67 -26.51 -35.77 1.06
N HIS B 68 -27.84 -35.77 1.02
CA HIS B 68 -28.65 -34.58 1.31
C HIS B 68 -29.83 -34.93 2.22
N LYS B 69 -29.74 -34.55 3.48
CA LYS B 69 -30.70 -34.95 4.50
C LYS B 69 -32.08 -34.31 4.32
N SER B 70 -32.09 -33.16 3.66
CA SER B 70 -33.33 -32.43 3.46
C SER B 70 -34.34 -33.20 2.58
N ASP B 71 -33.85 -33.90 1.56
CA ASP B 71 -34.71 -34.44 0.51
C ASP B 71 -34.94 -35.95 0.52
N VAL B 72 -34.59 -36.61 1.61
CA VAL B 72 -35.05 -37.98 1.86
C VAL B 72 -36.19 -37.94 2.87
N GLY B 73 -36.71 -36.74 3.10
CA GLY B 73 -37.67 -36.52 4.19
C GLY B 73 -37.03 -36.95 5.49
N GLY B 74 -35.80 -36.47 5.71
CA GLY B 74 -35.00 -36.88 6.84
C GLY B 74 -34.81 -35.78 7.86
N VAL B 75 -35.63 -34.74 7.76
CA VAL B 75 -35.49 -33.56 8.63
C VAL B 75 -36.84 -32.85 8.90
N LYS B 76 -37.26 -32.88 10.16
CA LYS B 76 -38.46 -32.17 10.62
C LYS B 76 -38.06 -31.05 11.58
N VAL B 77 -38.74 -29.91 11.47
CA VAL B 77 -38.29 -28.69 12.14
C VAL B 77 -39.36 -28.09 13.05
N ASN B 78 -38.91 -27.34 14.06
CA ASN B 78 -39.78 -26.60 14.96
C ASN B 78 -40.81 -27.49 15.63
N LEU B 79 -40.36 -28.63 16.15
CA LEU B 79 -41.23 -29.54 16.87
C LEU B 79 -41.36 -29.08 18.32
N ARG B 80 -42.59 -28.75 18.73
CA ARG B 80 -42.81 -28.03 19.99
C ARG B 80 -43.51 -28.85 21.07
N SER B 81 -43.80 -30.13 20.80
CA SER B 81 -44.52 -30.93 21.79
C SER B 81 -44.17 -32.40 21.71
N GLU B 82 -44.42 -33.10 22.81
CA GLU B 82 -44.26 -34.54 22.89
C GLU B 82 -45.04 -35.21 21.75
N GLU B 83 -46.23 -34.68 21.49
CA GLU B 83 -47.05 -35.10 20.35
C GLU B 83 -46.30 -35.00 19.02
N GLU B 84 -45.87 -33.79 18.68
CA GLU B 84 -45.24 -33.51 17.39
C GLU B 84 -43.93 -34.29 17.22
N VAL B 85 -43.24 -34.54 18.33
CA VAL B 85 -41.99 -35.30 18.29
C VAL B 85 -42.32 -36.73 17.82
N ARG B 86 -43.27 -37.37 18.49
CA ARG B 86 -43.67 -38.74 18.14
C ARG B 86 -44.12 -38.81 16.69
N LYS B 87 -44.80 -37.76 16.23
CA LYS B 87 -45.29 -37.70 14.86
C LYS B 87 -44.14 -37.68 13.86
N ALA B 88 -43.20 -36.75 14.04
CA ALA B 88 -42.07 -36.59 13.13
C ALA B 88 -41.08 -37.76 13.21
N TYR B 89 -40.93 -38.33 14.40
CA TYR B 89 -40.05 -39.47 14.66
C TYR B 89 -40.41 -40.67 13.79
N ARG B 90 -41.65 -40.74 13.36
CA ARG B 90 -42.16 -41.85 12.55
C ARG B 90 -42.27 -41.49 11.08
N GLU B 91 -42.57 -40.23 10.78
CA GLU B 91 -42.59 -39.76 9.40
C GLU B 91 -41.22 -39.87 8.79
N ILE B 92 -40.21 -39.45 9.54
CA ILE B 92 -38.83 -39.51 9.07
C ILE B 92 -38.45 -40.95 8.76
N ILE B 93 -38.52 -41.83 9.77
CA ILE B 93 -38.14 -43.22 9.59
C ILE B 93 -38.96 -43.89 8.48
N GLU B 94 -40.29 -43.71 8.51
CA GLU B 94 -41.14 -44.29 7.48
C GLU B 94 -40.75 -43.75 6.11
N ASN B 95 -40.47 -42.46 6.02
CA ASN B 95 -40.09 -41.84 4.75
C ASN B 95 -38.65 -42.17 4.33
N VAL B 96 -37.74 -42.29 5.30
CA VAL B 96 -36.35 -42.56 4.98
C VAL B 96 -36.12 -44.06 4.74
N LYS B 97 -36.85 -44.92 5.46
CA LYS B 97 -36.84 -46.35 5.15
C LYS B 97 -37.36 -46.53 3.73
N ARG B 98 -38.44 -45.81 3.43
CA ARG B 98 -39.10 -45.88 2.12
C ARG B 98 -38.17 -45.49 0.98
N ASN B 99 -37.53 -44.33 1.09
CA ASN B 99 -36.85 -43.73 -0.05
C ASN B 99 -35.36 -44.09 -0.14
N VAL B 100 -34.83 -44.66 0.93
CA VAL B 100 -33.47 -45.19 0.94
C VAL B 100 -33.45 -46.38 1.90
N PRO B 101 -34.03 -47.51 1.47
CA PRO B 101 -34.11 -48.64 2.40
C PRO B 101 -32.72 -49.18 2.74
N ASN B 102 -31.91 -49.33 1.70
CA ASN B 102 -30.53 -49.76 1.88
C ASN B 102 -29.72 -48.64 2.53
N ALA B 103 -29.98 -48.39 3.81
CA ALA B 103 -29.21 -47.41 4.59
C ALA B 103 -29.39 -47.65 6.08
N GLU B 104 -28.28 -48.05 6.72
CA GLU B 104 -28.24 -48.22 8.17
C GLU B 104 -28.56 -46.93 8.92
N ILE B 105 -29.73 -46.92 9.54
CA ILE B 105 -30.17 -45.80 10.36
C ILE B 105 -29.45 -45.82 11.72
N GLU B 106 -28.48 -44.92 11.88
CA GLU B 106 -27.76 -44.81 13.15
C GLU B 106 -28.73 -44.43 14.27
N GLY B 107 -29.66 -43.54 13.92
CA GLY B 107 -30.68 -43.07 14.84
C GLY B 107 -31.27 -41.78 14.32
N ILE B 108 -32.04 -41.11 15.17
CA ILE B 108 -32.57 -39.77 14.85
C ILE B 108 -32.01 -38.77 15.85
N LEU B 109 -31.53 -37.65 15.34
CA LEU B 109 -30.89 -36.64 16.17
C LEU B 109 -31.90 -35.62 16.68
N VAL B 110 -31.91 -35.39 17.99
CA VAL B 110 -32.73 -34.33 18.60
C VAL B 110 -31.83 -33.11 18.89
N GLN B 111 -32.10 -32.00 18.22
CA GLN B 111 -31.19 -30.86 18.28
C GLN B 111 -31.84 -29.63 18.88
N GLU B 112 -31.10 -28.97 19.77
CA GLU B 112 -31.55 -27.76 20.44
C GLU B 112 -31.71 -26.61 19.45
N PHE B 113 -32.68 -25.74 19.71
CA PHE B 113 -32.85 -24.54 18.90
C PHE B 113 -31.68 -23.59 19.14
N ALA B 114 -31.12 -23.04 18.07
CA ALA B 114 -30.02 -22.08 18.18
C ALA B 114 -30.53 -20.64 18.04
N PRO B 115 -30.61 -19.88 19.16
CA PRO B 115 -31.09 -18.50 19.05
C PRO B 115 -30.25 -17.69 18.06
N PRO B 116 -30.86 -16.71 17.37
CA PRO B 116 -30.08 -15.91 16.41
C PRO B 116 -29.00 -15.04 17.05
N GLY B 117 -27.91 -14.84 16.33
CA GLY B 117 -26.80 -14.01 16.81
C GLY B 117 -25.87 -13.61 15.68
N VAL B 118 -24.61 -13.39 16.01
CA VAL B 118 -23.60 -13.09 15.00
C VAL B 118 -22.93 -14.39 14.57
N GLU B 119 -23.01 -14.70 13.28
CA GLU B 119 -22.43 -15.93 12.76
C GLU B 119 -20.95 -15.80 12.49
N LEU B 120 -20.17 -16.80 12.93
CA LEU B 120 -18.74 -16.89 12.66
C LEU B 120 -18.41 -18.18 11.93
N ILE B 121 -17.23 -18.22 11.34
CA ILE B 121 -16.59 -19.44 10.84
C ILE B 121 -15.31 -19.66 11.62
N ILE B 122 -15.12 -20.85 12.16
CA ILE B 122 -13.79 -21.24 12.65
C ILE B 122 -13.40 -22.47 11.87
N GLY B 123 -12.22 -22.46 11.28
CA GLY B 123 -11.79 -23.57 10.47
C GLY B 123 -10.40 -24.04 10.83
N LEU B 124 -10.08 -25.27 10.43
CA LEU B 124 -8.76 -25.81 10.61
C LEU B 124 -8.33 -26.49 9.33
N LEU B 125 -7.14 -26.15 8.82
CA LEU B 125 -6.59 -26.81 7.64
C LEU B 125 -5.13 -27.15 7.88
N ARG B 126 -4.56 -27.95 6.98
CA ARG B 126 -3.16 -28.32 7.08
C ARG B 126 -2.40 -27.77 5.88
N ASP B 127 -1.56 -26.78 6.15
CA ASP B 127 -0.70 -26.21 5.13
C ASP B 127 0.56 -27.08 4.94
N PRO B 128 0.99 -27.31 3.68
CA PRO B 128 2.21 -28.11 3.45
C PRO B 128 3.46 -27.59 4.19
N GLN B 129 3.63 -26.28 4.24
CA GLN B 129 4.76 -25.67 4.95
C GLN B 129 4.56 -25.65 6.47
N PHE B 130 3.41 -25.19 6.91
CA PHE B 130 3.21 -24.82 8.31
C PHE B 130 2.34 -25.75 9.14
N GLY B 131 1.76 -26.75 8.49
CA GLY B 131 0.97 -27.75 9.19
C GLY B 131 -0.34 -27.16 9.68
N PRO B 132 -0.83 -27.64 10.84
CA PRO B 132 -2.18 -27.22 11.25
C PRO B 132 -2.30 -25.71 11.45
N THR B 133 -3.25 -25.11 10.75
CA THR B 133 -3.48 -23.68 10.74
C THR B 133 -4.94 -23.41 11.02
N VAL B 134 -5.22 -22.41 11.86
CA VAL B 134 -6.57 -22.05 12.19
C VAL B 134 -7.03 -20.89 11.32
N MET B 135 -8.30 -20.92 10.93
CA MET B 135 -8.92 -19.89 10.11
C MET B 135 -10.11 -19.28 10.85
N PHE B 136 -10.21 -17.94 10.83
CA PHE B 136 -11.32 -17.23 11.42
C PHE B 136 -11.95 -16.29 10.42
N GLY B 137 -13.28 -16.17 10.47
CA GLY B 137 -14.00 -15.25 9.63
C GLY B 137 -15.40 -15.02 10.17
N LEU B 138 -16.02 -13.93 9.73
CA LEU B 138 -17.44 -13.70 9.98
C LEU B 138 -18.27 -14.52 8.99
N GLY B 139 -19.42 -15.01 9.44
CA GLY B 139 -20.25 -15.90 8.65
C GLY B 139 -20.98 -15.23 7.52
N GLY B 140 -21.80 -16.01 6.81
CA GLY B 140 -22.56 -15.50 5.68
C GLY B 140 -21.67 -15.11 4.52
N VAL B 141 -21.91 -13.92 3.98
CA VAL B 141 -21.24 -13.44 2.78
C VAL B 141 -19.78 -13.03 3.01
N PHE B 142 -19.44 -12.78 4.26
CA PHE B 142 -18.13 -12.21 4.55
C PHE B 142 -16.98 -13.18 4.27
N VAL B 143 -17.20 -14.48 4.49
CA VAL B 143 -16.20 -15.47 4.11
C VAL B 143 -16.53 -16.05 2.73
N GLU B 144 -17.80 -16.40 2.55
CA GLU B 144 -18.25 -17.10 1.37
C GLU B 144 -18.11 -16.28 0.10
N LEU B 145 -18.38 -14.98 0.19
CA LEU B 145 -18.34 -14.10 -1.00
C LEU B 145 -17.09 -13.23 -1.04
N PHE B 146 -16.77 -12.58 0.08
CA PHE B 146 -15.66 -11.63 0.13
C PHE B 146 -14.34 -12.26 0.56
N ARG B 147 -14.40 -13.50 1.05
CA ARG B 147 -13.23 -14.21 1.58
C ARG B 147 -12.40 -13.35 2.53
N ASP B 148 -13.09 -12.74 3.48
CA ASP B 148 -12.46 -11.98 4.54
C ASP B 148 -12.11 -12.90 5.70
N VAL B 149 -10.91 -13.46 5.66
CA VAL B 149 -10.48 -14.42 6.67
C VAL B 149 -9.09 -14.09 7.20
N SER B 150 -8.83 -14.54 8.41
CA SER B 150 -7.50 -14.47 8.97
C SER B 150 -7.04 -15.89 9.32
N PHE B 151 -5.72 -16.10 9.28
CA PHE B 151 -5.08 -17.37 9.62
C PHE B 151 -4.01 -17.21 10.69
N ARG B 152 -3.90 -18.20 11.58
CA ARG B 152 -2.74 -18.29 12.47
C ARG B 152 -2.30 -19.74 12.48
N VAL B 153 -0.99 -19.95 12.42
CA VAL B 153 -0.42 -21.29 12.51
C VAL B 153 -0.51 -21.77 13.94
N ALA B 154 -0.99 -22.99 14.15
CA ALA B 154 -1.19 -23.53 15.51
C ALA B 154 0.11 -24.12 16.05
N PRO B 155 0.28 -24.16 17.39
CA PRO B 155 -0.74 -23.78 18.39
C PRO B 155 -0.91 -22.27 18.53
N LEU B 156 -2.10 -21.85 18.91
CA LEU B 156 -2.41 -20.44 19.07
C LEU B 156 -2.16 -20.02 20.51
N SER B 157 -1.50 -18.89 20.66
CA SER B 157 -1.45 -18.19 21.94
C SER B 157 -2.67 -17.28 22.05
N GLU B 158 -2.88 -16.71 23.23
CA GLU B 158 -3.99 -15.77 23.43
C GLU B 158 -3.78 -14.57 22.51
N GLN B 159 -2.52 -14.16 22.38
CA GLN B 159 -2.16 -13.06 21.49
C GLN B 159 -2.54 -13.35 20.03
N ASP B 160 -2.18 -14.54 19.53
CA ASP B 160 -2.57 -14.96 18.18
C ASP B 160 -4.08 -14.89 17.97
N ALA B 161 -4.83 -15.48 18.91
CA ALA B 161 -6.28 -15.52 18.77
C ALA B 161 -6.87 -14.12 18.73
N GLU B 162 -6.43 -13.25 19.64
CA GLU B 162 -7.00 -11.91 19.73
C GLU B 162 -6.69 -11.08 18.49
N SER B 163 -5.44 -11.10 18.05
CA SER B 163 -5.08 -10.29 16.91
C SER B 163 -5.78 -10.79 15.65
N MET B 164 -5.94 -12.12 15.50
CA MET B 164 -6.53 -12.63 14.25
C MET B 164 -8.00 -12.26 14.18
N ILE B 165 -8.66 -12.12 15.34
CA ILE B 165 -10.03 -11.64 15.36
C ILE B 165 -10.09 -10.17 14.93
N LYS B 166 -9.21 -9.35 15.48
CA LYS B 166 -9.23 -7.92 15.20
C LYS B 166 -8.78 -7.59 13.79
N GLU B 167 -8.21 -8.57 13.11
CA GLU B 167 -7.58 -8.37 11.82
C GLU B 167 -8.58 -8.45 10.64
N VAL B 168 -9.65 -9.21 10.78
CA VAL B 168 -10.60 -9.37 9.67
C VAL B 168 -11.34 -8.06 9.41
N LYS B 169 -11.66 -7.79 8.15
CA LYS B 169 -12.28 -6.50 7.82
C LYS B 169 -13.66 -6.34 8.43
N ALA B 170 -14.32 -7.46 8.75
CA ALA B 170 -15.68 -7.43 9.29
C ALA B 170 -15.70 -7.44 10.80
N TYR B 171 -14.58 -7.06 11.42
CA TYR B 171 -14.44 -7.13 12.88
C TYR B 171 -15.52 -6.35 13.64
N LYS B 172 -15.95 -5.22 13.10
CA LYS B 172 -16.90 -4.33 13.79
C LYS B 172 -18.25 -5.00 14.05
N LEU B 173 -18.54 -6.08 13.32
CA LEU B 173 -19.76 -6.84 13.56
C LEU B 173 -19.70 -7.53 14.92
N LEU B 174 -18.52 -7.59 15.54
CA LEU B 174 -18.38 -8.20 16.85
C LEU B 174 -18.42 -7.20 17.99
N THR B 175 -18.40 -5.91 17.68
CA THR B 175 -18.26 -4.90 18.73
C THR B 175 -19.49 -3.98 18.86
N GLY B 176 -20.60 -4.41 18.28
CA GLY B 176 -21.86 -3.71 18.45
C GLY B 176 -22.20 -2.87 17.24
N PHE B 177 -23.38 -3.10 16.69
CA PHE B 177 -23.89 -2.32 15.58
C PHE B 177 -25.42 -2.27 15.65
N ARG B 178 -26.04 -1.72 14.61
CA ARG B 178 -27.49 -1.55 14.58
C ARG B 178 -28.24 -2.86 14.81
N GLY B 179 -28.92 -2.94 15.95
CA GLY B 179 -29.79 -4.06 16.27
C GLY B 179 -29.08 -5.26 16.86
N MET B 180 -27.85 -5.05 17.31
CA MET B 180 -27.02 -6.15 17.78
C MET B 180 -25.97 -5.67 18.78
N GLU B 181 -25.99 -6.29 19.96
CA GLU B 181 -25.05 -5.97 21.02
C GLU B 181 -23.68 -6.53 20.72
N PRO B 182 -22.65 -5.99 21.39
CA PRO B 182 -21.32 -6.60 21.31
C PRO B 182 -21.34 -8.06 21.76
N VAL B 183 -20.50 -8.90 21.16
CA VAL B 183 -20.50 -10.32 21.50
C VAL B 183 -19.26 -10.67 22.29
N ASP B 184 -19.20 -11.92 22.76
CA ASP B 184 -18.19 -12.37 23.69
C ASP B 184 -16.89 -12.74 22.98
N ILE B 185 -15.94 -11.80 22.94
CA ILE B 185 -14.69 -12.01 22.23
C ILE B 185 -13.82 -13.02 22.96
N GLU B 186 -13.87 -13.02 24.29
CA GLU B 186 -13.09 -14.00 25.05
C GLU B 186 -13.49 -15.43 24.72
N ALA B 187 -14.80 -15.64 24.52
CA ALA B 187 -15.29 -16.95 24.12
C ALA B 187 -14.75 -17.34 22.76
N ILE B 188 -14.71 -16.39 21.84
CA ILE B 188 -14.22 -16.65 20.50
C ILE B 188 -12.75 -17.03 20.54
N LYS B 189 -11.94 -16.23 21.22
CA LYS B 189 -10.51 -16.53 21.41
C LYS B 189 -10.34 -17.91 21.96
N ASP B 190 -11.15 -18.24 22.94
CA ASP B 190 -11.06 -19.54 23.60
C ASP B 190 -11.34 -20.68 22.62
N ALA B 191 -12.32 -20.51 21.76
CA ALA B 191 -12.65 -21.55 20.77
C ALA B 191 -11.55 -21.69 19.71
N LEU B 192 -11.00 -20.55 19.28
CA LEU B 192 -9.90 -20.56 18.30
C LEU B 192 -8.70 -21.33 18.83
N ILE B 193 -8.33 -21.08 20.07
CA ILE B 193 -7.16 -21.75 20.63
C ILE B 193 -7.39 -23.26 20.68
N ARG B 194 -8.59 -23.65 21.05
CA ARG B 194 -8.94 -25.05 21.18
C ARG B 194 -9.00 -25.71 19.81
N ALA B 195 -9.47 -24.98 18.81
CA ALA B 195 -9.46 -25.48 17.45
C ALA B 195 -8.02 -25.78 17.03
N GLY B 196 -7.09 -24.90 17.38
CA GLY B 196 -5.69 -25.13 17.10
C GLY B 196 -5.18 -26.37 17.82
N ARG B 197 -5.60 -26.53 19.05
CA ARG B 197 -5.13 -27.66 19.83
C ARG B 197 -5.59 -28.97 19.19
N ILE B 198 -6.85 -29.00 18.75
CA ILE B 198 -7.41 -30.14 18.07
C ILE B 198 -6.55 -30.53 16.88
N GLY B 199 -6.16 -29.55 16.08
CA GLY B 199 -5.35 -29.81 14.90
C GLY B 199 -3.94 -30.29 15.21
N VAL B 200 -3.32 -29.67 16.20
CA VAL B 200 -1.97 -30.08 16.62
C VAL B 200 -1.97 -31.54 17.08
N GLU B 201 -2.93 -31.89 17.94
CA GLU B 201 -2.94 -33.20 18.59
C GLU B 201 -3.43 -34.36 17.73
N ASN B 202 -4.41 -34.11 16.86
CA ASN B 202 -5.04 -35.21 16.13
C ASN B 202 -4.59 -35.30 14.68
N GLU B 203 -3.51 -36.02 14.45
CA GLU B 203 -2.91 -36.04 13.12
C GLU B 203 -3.83 -36.66 12.06
N GLU B 204 -4.82 -37.42 12.48
CA GLU B 204 -5.74 -38.04 11.54
C GLU B 204 -6.80 -37.05 11.04
N ILE B 205 -6.97 -35.92 11.72
CA ILE B 205 -7.90 -34.91 11.22
C ILE B 205 -7.25 -34.08 10.12
N ALA B 206 -7.79 -34.15 8.91
CA ALA B 206 -7.24 -33.42 7.76
C ALA B 206 -7.71 -31.98 7.72
N GLU B 207 -8.97 -31.76 8.09
CA GLU B 207 -9.52 -30.42 8.14
C GLU B 207 -10.78 -30.40 8.98
N MET B 208 -11.17 -29.20 9.41
CA MET B 208 -12.32 -29.05 10.27
C MET B 208 -12.98 -27.72 10.01
N ASP B 209 -14.30 -27.73 9.94
CA ASP B 209 -15.07 -26.53 9.72
C ASP B 209 -16.16 -26.42 10.78
N LEU B 210 -16.05 -25.38 11.60
CA LEU B 210 -17.07 -25.04 12.55
C LEU B 210 -17.85 -23.93 11.91
N ASN B 211 -19.06 -24.26 11.46
CA ASN B 211 -19.79 -23.38 10.55
C ASN B 211 -21.24 -23.87 10.38
N PRO B 212 -22.23 -23.09 10.81
CA PRO B 212 -22.14 -21.79 11.52
C PRO B 212 -21.75 -21.92 13.00
N VAL B 213 -21.00 -20.94 13.47
CA VAL B 213 -20.78 -20.75 14.89
C VAL B 213 -21.53 -19.47 15.23
N ILE B 214 -22.27 -19.47 16.33
CA ILE B 214 -23.03 -18.28 16.69
C ILE B 214 -22.48 -17.66 17.98
N ALA B 215 -22.21 -16.36 17.90
CA ALA B 215 -21.65 -15.61 19.00
C ALA B 215 -22.76 -14.80 19.65
N TYR B 216 -22.81 -14.82 20.98
CA TYR B 216 -23.79 -14.08 21.77
C TYR B 216 -23.07 -13.14 22.71
N PRO B 217 -23.82 -12.21 23.34
CA PRO B 217 -23.20 -11.31 24.33
C PRO B 217 -22.40 -12.07 25.38
N LYS B 218 -22.85 -13.27 25.73
CA LYS B 218 -22.13 -14.17 26.63
C LYS B 218 -22.01 -15.56 25.99
N GLY B 219 -20.79 -15.93 25.63
CA GLY B 219 -20.51 -17.24 25.07
C GLY B 219 -20.73 -17.38 23.57
N ILE B 220 -20.29 -18.53 23.04
CA ILE B 220 -20.58 -18.89 21.66
C ILE B 220 -21.08 -20.32 21.64
N LYS B 221 -21.73 -20.70 20.54
CA LYS B 221 -22.18 -22.07 20.32
C LYS B 221 -21.96 -22.51 18.89
N VAL B 222 -21.23 -23.60 18.72
CA VAL B 222 -21.08 -24.23 17.41
C VAL B 222 -22.39 -24.95 17.06
N VAL B 223 -22.99 -24.59 15.92
CA VAL B 223 -24.25 -25.17 15.49
C VAL B 223 -24.00 -26.41 14.64
N ASP B 224 -23.04 -26.31 13.74
CA ASP B 224 -22.67 -27.44 12.89
C ASP B 224 -21.16 -27.60 12.80
N ALA B 225 -20.72 -28.86 12.78
CA ALA B 225 -19.31 -29.17 12.74
C ALA B 225 -19.07 -30.33 11.80
N ARG B 226 -18.11 -30.15 10.90
CA ARG B 226 -17.65 -31.22 10.03
C ARG B 226 -16.17 -31.47 10.25
N ILE B 227 -15.81 -32.75 10.33
CA ILE B 227 -14.44 -33.16 10.49
C ILE B 227 -14.09 -34.20 9.44
N ILE B 228 -13.05 -33.92 8.66
CA ILE B 228 -12.58 -34.80 7.60
C ILE B 228 -11.34 -35.55 8.08
N LEU B 229 -11.32 -36.86 7.86
CA LEU B 229 -10.20 -37.69 8.26
C LEU B 229 -9.26 -37.95 7.09
N ARG B 230 -8.06 -38.38 7.42
CA ARG B 230 -7.08 -38.79 6.42
C ARG B 230 -6.30 -40.00 6.94
N MET C 1 -6.40 40.05 -16.86
CA MET C 1 -6.35 39.05 -17.97
C MET C 1 -6.15 37.64 -17.42
N ASN C 2 -6.52 36.63 -18.20
CA ASN C 2 -6.32 35.23 -17.83
C ASN C 2 -5.14 34.59 -18.56
N ASP C 3 -4.57 35.33 -19.51
CA ASP C 3 -3.49 34.83 -20.33
C ASP C 3 -2.13 35.14 -19.69
N LEU C 4 -1.35 34.09 -19.47
CA LEU C 4 -0.07 34.17 -18.75
C LEU C 4 1.15 34.14 -19.66
N GLU C 5 0.93 34.30 -20.96
CA GLU C 5 2.02 34.34 -21.94
C GLU C 5 3.14 35.28 -21.49
N ARG C 6 2.78 36.43 -20.95
CA ARG C 6 3.78 37.43 -20.65
C ARG C 6 4.24 37.41 -19.19
N LEU C 7 3.67 36.51 -18.41
CA LEU C 7 4.27 36.16 -17.12
C LEU C 7 5.51 35.33 -17.40
N PHE C 8 5.35 34.32 -18.24
CA PHE C 8 6.42 33.38 -18.51
C PHE C 8 7.41 33.87 -19.56
N ASN C 9 6.96 34.71 -20.48
CA ASN C 9 7.80 35.32 -21.52
C ASN C 9 7.67 36.83 -21.52
N PRO C 10 8.14 37.47 -20.44
CA PRO C 10 8.04 38.93 -20.36
C PRO C 10 9.14 39.59 -21.18
N SER C 11 8.88 40.78 -21.71
CA SER C 11 9.93 41.62 -22.29
C SER C 11 10.73 42.37 -21.21
N ALA C 12 10.07 42.71 -20.11
CA ALA C 12 10.73 43.44 -19.05
C ALA C 12 10.25 43.00 -17.68
N ILE C 13 11.19 42.87 -16.77
CA ILE C 13 10.90 42.40 -15.43
C ILE C 13 11.60 43.31 -14.43
N ALA C 14 10.85 43.71 -13.40
CA ALA C 14 11.37 44.53 -12.33
C ALA C 14 11.58 43.69 -11.07
N VAL C 15 12.70 43.92 -10.39
CA VAL C 15 12.98 43.29 -9.11
C VAL C 15 12.94 44.35 -8.04
N VAL C 16 11.82 44.40 -7.32
CA VAL C 16 11.62 45.39 -6.28
C VAL C 16 12.13 44.83 -4.97
N GLY C 17 13.14 45.48 -4.40
CA GLY C 17 13.70 45.08 -3.14
C GLY C 17 15.08 44.48 -3.28
N ALA C 18 15.65 44.55 -4.48
CA ALA C 18 17.05 44.20 -4.66
C ALA C 18 17.88 45.24 -3.91
N SER C 19 19.09 44.88 -3.52
CA SER C 19 19.88 45.73 -2.62
C SER C 19 21.37 45.73 -2.95
N LYS C 20 22.06 46.77 -2.48
CA LYS C 20 23.52 46.78 -2.48
C LYS C 20 24.03 45.59 -1.69
N ASP C 21 23.23 45.15 -0.71
CA ASP C 21 23.54 43.98 0.10
C ASP C 21 23.19 42.67 -0.64
N PRO C 22 24.21 41.90 -1.01
CA PRO C 22 23.94 40.72 -1.84
C PRO C 22 23.29 39.55 -1.10
N SER C 23 23.11 39.64 0.21
CA SER C 23 22.54 38.53 0.98
C SER C 23 21.01 38.57 0.98
N LYS C 24 20.45 39.74 0.71
CA LYS C 24 19.00 39.90 0.74
C LYS C 24 18.32 39.15 -0.40
N ILE C 25 17.06 38.78 -0.18
CA ILE C 25 16.31 37.95 -1.12
C ILE C 25 16.21 38.58 -2.50
N GLY C 26 15.85 39.87 -2.55
CA GLY C 26 15.75 40.58 -3.82
C GLY C 26 17.02 40.52 -4.62
N SER C 27 18.16 40.60 -3.94
CA SER C 27 19.47 40.54 -4.57
C SER C 27 19.78 39.16 -5.10
N GLN C 28 19.33 38.12 -4.38
CA GLN C 28 19.52 36.74 -4.82
C GLN C 28 18.72 36.45 -6.08
N ILE C 29 17.49 36.91 -6.10
CA ILE C 29 16.66 36.79 -7.28
C ILE C 29 17.32 37.51 -8.47
N LEU C 30 17.67 38.77 -8.27
CA LEU C 30 18.34 39.54 -9.32
C LEU C 30 19.58 38.81 -9.84
N ARG C 31 20.34 38.23 -8.93
CA ARG C 31 21.54 37.49 -9.30
C ARG C 31 21.18 36.27 -10.17
N ASN C 32 20.15 35.52 -9.79
CA ASN C 32 19.71 34.37 -10.58
C ASN C 32 19.17 34.75 -11.95
N LEU C 33 18.49 35.88 -12.04
CA LEU C 33 17.98 36.33 -13.33
C LEU C 33 19.10 36.54 -14.34
N LEU C 34 20.18 37.18 -13.89
CA LEU C 34 21.30 37.51 -14.77
C LEU C 34 22.11 36.25 -15.10
N SER C 35 22.35 35.37 -14.13
CA SER C 35 23.23 34.23 -14.41
C SER C 35 22.56 33.16 -15.30
N TYR C 36 21.24 33.05 -15.20
CA TYR C 36 20.51 32.06 -16.00
C TYR C 36 20.32 32.59 -17.42
N GLY C 37 20.56 33.89 -17.60
CA GLY C 37 20.69 34.46 -18.93
C GLY C 37 19.43 35.04 -19.53
N PHE C 38 18.62 35.73 -18.72
CA PHE C 38 17.45 36.39 -19.26
C PHE C 38 17.84 37.41 -20.33
N LYS C 39 17.10 37.45 -21.44
CA LYS C 39 17.48 38.28 -22.58
C LYS C 39 16.66 39.55 -22.67
N GLY C 40 15.57 39.64 -21.90
CA GLY C 40 14.78 40.86 -21.84
C GLY C 40 15.48 41.92 -21.00
N LYS C 41 14.74 42.95 -20.60
CA LYS C 41 15.28 44.00 -19.74
C LYS C 41 14.98 43.65 -18.29
N VAL C 42 15.98 43.83 -17.45
CA VAL C 42 15.85 43.67 -16.01
C VAL C 42 16.01 45.04 -15.38
N TYR C 43 15.05 45.42 -14.54
CA TYR C 43 15.09 46.70 -13.86
C TYR C 43 15.12 46.51 -12.35
N PRO C 44 16.31 46.54 -11.77
CA PRO C 44 16.35 46.59 -10.30
C PRO C 44 15.66 47.85 -9.75
N ILE C 45 14.89 47.70 -8.68
CA ILE C 45 14.15 48.80 -8.08
C ILE C 45 14.52 48.89 -6.60
N ASN C 46 15.02 50.05 -6.20
CA ASN C 46 15.55 50.30 -4.86
C ASN C 46 15.48 51.80 -4.55
N PRO C 47 15.21 52.19 -3.31
CA PRO C 47 14.98 53.61 -3.04
C PRO C 47 16.19 54.52 -3.30
N THR C 48 17.41 54.02 -3.12
CA THR C 48 18.60 54.88 -3.18
C THR C 48 19.62 54.48 -4.25
N ALA C 49 19.77 53.18 -4.50
CA ALA C 49 20.82 52.72 -5.41
C ALA C 49 20.73 53.35 -6.81
N ASP C 50 21.88 53.66 -7.37
CA ASP C 50 21.97 54.21 -8.73
C ASP C 50 22.07 53.08 -9.75
N GLU C 51 22.82 52.04 -9.37
CA GLU C 51 22.90 50.81 -10.14
C GLU C 51 23.10 49.58 -9.23
N LEU C 52 22.58 48.44 -9.66
CA LEU C 52 22.78 47.16 -8.98
C LEU C 52 23.17 46.11 -10.02
N MET C 53 24.29 45.45 -9.78
CA MET C 53 24.83 44.44 -10.70
C MET C 53 24.96 44.94 -12.14
N GLY C 54 25.43 46.18 -12.27
CA GLY C 54 25.75 46.73 -13.58
C GLY C 54 24.55 47.26 -14.33
N LEU C 55 23.40 47.31 -13.66
CA LEU C 55 22.15 47.75 -14.30
C LEU C 55 21.66 49.03 -13.69
N LYS C 56 21.11 49.92 -14.51
CA LYS C 56 20.50 51.13 -13.99
C LYS C 56 19.37 50.74 -13.06
N CYS C 57 19.38 51.32 -11.85
CA CYS C 57 18.35 51.10 -10.85
C CYS C 57 17.44 52.33 -10.75
N TYR C 58 16.16 52.10 -10.47
CA TYR C 58 15.18 53.17 -10.32
C TYR C 58 14.53 53.07 -8.95
N PRO C 59 14.01 54.18 -8.40
CA PRO C 59 13.37 54.13 -7.09
C PRO C 59 11.96 53.55 -7.14
N LYS C 60 11.32 53.67 -8.29
CA LYS C 60 9.96 53.20 -8.47
C LYS C 60 9.79 52.57 -9.85
N VAL C 61 8.95 51.54 -9.93
CA VAL C 61 8.60 50.91 -11.20
C VAL C 61 8.02 51.94 -12.16
N SER C 62 7.23 52.86 -11.63
CA SER C 62 6.61 53.89 -12.45
C SER C 62 7.62 54.86 -13.08
N ASP C 63 8.86 54.88 -12.56
CA ASP C 63 9.90 55.72 -13.14
C ASP C 63 10.66 55.00 -14.26
N VAL C 64 10.40 53.72 -14.43
CA VAL C 64 11.08 52.96 -15.48
C VAL C 64 10.56 53.39 -16.85
N PRO C 65 11.46 53.84 -17.74
CA PRO C 65 11.06 54.27 -19.10
C PRO C 65 10.85 53.07 -20.03
N ASP C 66 9.83 52.28 -19.74
CA ASP C 66 9.58 51.04 -20.46
C ASP C 66 8.28 50.45 -19.92
N LYS C 67 7.67 49.54 -20.69
CA LYS C 67 6.53 48.77 -20.21
C LYS C 67 7.06 47.57 -19.44
N VAL C 68 6.80 47.53 -18.14
CA VAL C 68 7.23 46.39 -17.31
C VAL C 68 6.09 45.36 -17.24
N ASP C 69 6.40 44.12 -17.61
CA ASP C 69 5.41 43.04 -17.63
C ASP C 69 5.21 42.45 -16.25
N VAL C 70 6.32 42.25 -15.55
CA VAL C 70 6.33 41.47 -14.31
C VAL C 70 7.14 42.22 -13.26
N ALA C 71 6.53 42.42 -12.10
CA ALA C 71 7.24 42.96 -10.95
C ALA C 71 7.41 41.86 -9.92
N VAL C 72 8.66 41.51 -9.64
CA VAL C 72 8.99 40.56 -8.58
C VAL C 72 9.18 41.33 -7.28
N ILE C 73 8.29 41.12 -6.32
CA ILE C 73 8.23 41.99 -5.15
C ILE C 73 8.82 41.29 -3.93
N SER C 74 9.95 41.84 -3.49
CA SER C 74 10.66 41.34 -2.31
C SER C 74 10.93 42.44 -1.28
N VAL C 75 9.85 43.06 -0.80
CA VAL C 75 9.88 44.01 0.31
C VAL C 75 8.96 43.50 1.42
N PRO C 76 9.17 43.96 2.66
CA PRO C 76 8.35 43.49 3.79
C PRO C 76 6.86 43.71 3.58
N SER C 77 6.04 42.89 4.23
CA SER C 77 4.60 42.92 3.97
C SER C 77 4.02 44.32 4.15
N ASP C 78 4.57 45.11 5.06
CA ASP C 78 4.02 46.44 5.32
C ASP C 78 4.27 47.44 4.19
N LYS C 79 5.14 47.08 3.24
CA LYS C 79 5.45 47.94 2.11
C LYS C 79 4.86 47.41 0.81
N VAL C 80 4.27 46.21 0.83
CA VAL C 80 3.82 45.56 -0.40
C VAL C 80 2.69 46.31 -1.09
N LEU C 81 1.69 46.72 -0.35
CA LEU C 81 0.54 47.42 -0.94
C LEU C 81 0.98 48.69 -1.64
N GLY C 82 1.98 49.36 -1.09
CA GLY C 82 2.51 50.57 -1.69
C GLY C 82 3.11 50.26 -3.03
N VAL C 83 3.90 49.18 -3.09
CA VAL C 83 4.53 48.77 -4.32
C VAL C 83 3.49 48.33 -5.36
N ILE C 84 2.42 47.69 -4.90
CA ILE C 84 1.33 47.30 -5.81
C ILE C 84 0.72 48.52 -6.49
N ASP C 85 0.49 49.57 -5.71
CA ASP C 85 -0.10 50.80 -6.23
C ASP C 85 0.79 51.37 -7.33
N ASP C 86 2.08 51.47 -7.04
CA ASP C 86 3.01 51.99 -8.01
C ASP C 86 3.03 51.11 -9.25
N CYS C 87 3.12 49.79 -9.06
CA CYS C 87 3.08 48.85 -10.19
C CYS C 87 1.80 49.01 -10.99
N GLY C 88 0.70 49.23 -10.29
CA GLY C 88 -0.59 49.43 -10.91
C GLY C 88 -0.57 50.66 -11.79
N LYS C 89 -0.03 51.75 -11.27
CA LYS C 89 0.08 52.99 -12.01
C LYS C 89 0.96 52.80 -13.24
N ALA C 90 2.00 51.98 -13.09
CA ALA C 90 2.97 51.76 -14.17
C ALA C 90 2.42 50.78 -15.23
N GLY C 91 1.24 50.22 -14.98
CA GLY C 91 0.62 49.32 -15.94
C GLY C 91 1.16 47.90 -15.93
N VAL C 92 1.77 47.49 -14.81
CA VAL C 92 2.32 46.15 -14.65
C VAL C 92 1.21 45.10 -14.66
N LYS C 93 1.43 43.99 -15.36
CA LYS C 93 0.40 42.98 -15.53
C LYS C 93 0.51 41.86 -14.49
N PHE C 94 1.71 41.58 -14.00
CA PHE C 94 1.90 40.50 -13.04
C PHE C 94 2.77 40.90 -11.87
N ALA C 95 2.24 40.70 -10.68
CA ALA C 95 2.97 40.93 -9.46
C ALA C 95 3.34 39.57 -8.87
N VAL C 96 4.63 39.28 -8.84
CA VAL C 96 5.15 38.05 -8.27
C VAL C 96 5.60 38.37 -6.85
N VAL C 97 4.73 38.10 -5.89
CA VAL C 97 4.93 38.54 -4.51
C VAL C 97 5.65 37.49 -3.65
N ILE C 98 6.97 37.64 -3.56
CA ILE C 98 7.80 36.80 -2.72
C ILE C 98 7.38 36.86 -1.27
N THR C 99 7.12 38.07 -0.81
CA THR C 99 6.90 38.41 0.59
C THR C 99 5.99 37.47 1.36
N SER C 100 6.40 37.09 2.56
CA SER C 100 5.56 36.33 3.47
C SER C 100 4.86 37.26 4.44
N GLY C 101 3.90 36.73 5.20
CA GLY C 101 3.23 37.47 6.25
C GLY C 101 1.80 37.81 5.89
N PHE C 102 1.12 36.89 5.23
CA PHE C 102 -0.23 37.12 4.77
C PHE C 102 -1.16 36.07 5.38
N LYS C 103 -2.00 35.44 4.57
CA LYS C 103 -2.98 34.50 5.09
C LYS C 103 -2.36 33.38 5.94
N GLU C 104 -1.11 33.06 5.66
CA GLU C 104 -0.47 31.91 6.31
C GLU C 104 -0.07 32.22 7.77
N VAL C 105 -0.10 33.49 8.14
CA VAL C 105 0.15 33.90 9.53
C VAL C 105 -1.09 34.54 10.17
N GLY C 106 -2.23 34.43 9.48
CA GLY C 106 -3.51 34.85 10.02
C GLY C 106 -3.97 36.23 9.55
N ASN C 107 -3.15 36.90 8.75
CA ASN C 107 -3.54 38.20 8.22
C ASN C 107 -4.28 38.06 6.89
N GLU C 108 -5.54 37.61 6.98
CA GLU C 108 -6.39 37.45 5.82
C GLU C 108 -6.68 38.78 5.13
N GLU C 109 -7.00 39.80 5.92
CA GLU C 109 -7.45 41.08 5.37
C GLU C 109 -6.41 41.67 4.44
N LEU C 110 -5.16 41.56 4.83
CA LEU C 110 -4.05 42.13 4.07
C LEU C 110 -3.92 41.43 2.72
N GLU C 111 -4.11 40.11 2.72
CA GLU C 111 -4.01 39.32 1.49
C GLU C 111 -5.16 39.64 0.52
N GLU C 112 -6.37 39.70 1.05
CA GLU C 112 -7.53 40.00 0.21
C GLU C 112 -7.41 41.40 -0.39
N GLU C 113 -6.80 42.31 0.37
CA GLU C 113 -6.62 43.70 -0.09
C GLU C 113 -5.50 43.80 -1.10
N LEU C 114 -4.46 42.99 -0.91
CA LEU C 114 -3.40 42.87 -1.90
C LEU C 114 -3.99 42.49 -3.27
N VAL C 115 -4.89 41.51 -3.27
CA VAL C 115 -5.51 41.04 -4.50
C VAL C 115 -6.50 42.07 -5.04
N ARG C 116 -7.31 42.63 -4.15
CA ARG C 116 -8.30 43.63 -4.53
C ARG C 116 -7.60 44.79 -5.22
N ARG C 117 -6.47 45.22 -4.67
CA ARG C 117 -5.77 46.37 -5.20
C ARG C 117 -5.12 46.05 -6.54
N ALA C 118 -4.51 44.87 -6.64
CA ALA C 118 -3.93 44.43 -7.90
C ALA C 118 -4.99 44.41 -9.02
N HIS C 119 -6.14 43.82 -8.74
CA HIS C 119 -7.19 43.68 -9.75
C HIS C 119 -7.78 45.03 -10.21
N SER C 120 -7.77 46.03 -9.34
CA SER C 120 -8.33 47.33 -9.71
C SER C 120 -7.46 47.96 -10.79
N TYR C 121 -6.23 47.49 -10.93
CA TYR C 121 -5.36 47.92 -12.02
C TYR C 121 -5.23 46.86 -13.13
N GLY C 122 -6.01 45.78 -13.02
CA GLY C 122 -5.94 44.70 -14.00
C GLY C 122 -4.66 43.87 -13.88
N MET C 123 -4.12 43.83 -12.68
CA MET C 123 -2.87 43.16 -12.40
C MET C 123 -3.15 41.84 -11.71
N ARG C 124 -2.54 40.76 -12.18
CA ARG C 124 -2.67 39.45 -11.53
C ARG C 124 -1.58 39.27 -10.48
N VAL C 125 -1.87 38.48 -9.44
CA VAL C 125 -0.91 38.22 -8.38
C VAL C 125 -0.55 36.74 -8.29
N LEU C 126 0.74 36.45 -8.36
CA LEU C 126 1.25 35.14 -8.05
C LEU C 126 1.74 35.20 -6.62
N GLY C 127 1.31 34.25 -5.80
CA GLY C 127 1.68 34.22 -4.40
C GLY C 127 0.52 34.75 -3.54
N PRO C 128 0.82 35.53 -2.49
CA PRO C 128 2.15 35.87 -1.94
C PRO C 128 2.81 34.67 -1.27
N ASN C 129 3.92 34.90 -0.58
CA ASN C 129 4.66 33.87 0.15
C ASN C 129 5.19 32.75 -0.76
N ILE C 130 5.98 33.12 -1.77
CA ILE C 130 6.51 32.17 -2.76
C ILE C 130 7.99 32.38 -2.93
N PHE C 131 8.67 31.44 -3.59
CA PHE C 131 10.08 31.59 -3.90
C PHE C 131 10.29 31.99 -5.36
N GLY C 132 9.20 32.29 -6.05
CA GLY C 132 9.26 32.84 -7.38
C GLY C 132 8.94 31.80 -8.42
N TYR C 133 9.55 31.95 -9.59
CA TYR C 133 9.29 31.04 -10.68
C TYR C 133 10.42 31.05 -11.68
N LEU C 134 10.50 29.96 -12.44
CA LEU C 134 11.49 29.75 -13.49
C LEU C 134 10.78 29.28 -14.75
N TYR C 135 11.25 29.76 -15.90
CA TYR C 135 10.76 29.28 -17.19
C TYR C 135 11.95 29.17 -18.14
N ALA C 136 12.38 27.94 -18.37
CA ALA C 136 13.60 27.64 -19.12
C ALA C 136 13.60 28.14 -20.58
N PRO C 137 12.45 28.03 -21.28
CA PRO C 137 12.45 28.55 -22.66
C PRO C 137 12.64 30.06 -22.75
N ALA C 138 12.36 30.79 -21.69
CA ALA C 138 12.60 32.23 -21.69
C ALA C 138 13.91 32.57 -20.96
N ARG C 139 14.68 31.53 -20.63
CA ARG C 139 15.92 31.69 -19.84
C ARG C 139 15.66 32.62 -18.68
N LEU C 140 14.58 32.33 -17.98
CA LEU C 140 14.08 33.18 -16.90
C LEU C 140 14.11 32.42 -15.59
N ASN C 141 15.02 32.78 -14.69
CA ASN C 141 15.05 32.22 -13.35
C ASN C 141 14.78 33.32 -12.32
N ALA C 142 13.50 33.58 -12.07
CA ALA C 142 13.09 34.59 -11.09
C ALA C 142 12.81 33.93 -9.75
N THR C 143 13.76 33.14 -9.27
CA THR C 143 13.66 32.53 -7.95
C THR C 143 14.91 32.87 -7.16
N PHE C 144 14.89 32.59 -5.85
CA PHE C 144 16.12 32.61 -5.06
C PHE C 144 16.52 31.17 -4.71
N GLY C 145 16.19 30.25 -5.61
CA GLY C 145 16.59 28.85 -5.46
C GLY C 145 17.90 28.61 -6.20
N PRO C 146 18.21 27.34 -6.50
CA PRO C 146 19.40 27.03 -7.29
C PRO C 146 19.48 27.91 -8.53
N LYS C 147 20.68 28.20 -8.99
CA LYS C 147 20.85 29.09 -10.14
C LYS C 147 20.48 28.43 -11.48
N ASP C 148 20.37 27.10 -11.49
CA ASP C 148 20.27 26.34 -12.73
C ASP C 148 19.38 25.09 -12.58
N VAL C 149 18.79 24.64 -13.69
CA VAL C 149 18.16 23.33 -13.76
C VAL C 149 18.52 22.68 -15.08
N LEU C 150 18.31 21.37 -15.17
CA LEU C 150 18.44 20.69 -16.45
C LEU C 150 17.25 21.08 -17.31
N SER C 151 17.50 21.39 -18.58
CA SER C 151 16.44 21.75 -19.51
C SER C 151 15.67 20.51 -19.96
N GLY C 152 14.34 20.65 -20.05
CA GLY C 152 13.50 19.55 -20.52
C GLY C 152 12.04 19.97 -20.64
N ASN C 153 11.13 19.02 -20.42
CA ASN C 153 9.73 19.26 -20.71
C ASN C 153 8.80 19.14 -19.50
N VAL C 154 9.36 18.98 -18.30
CA VAL C 154 8.53 18.89 -17.09
C VAL C 154 8.26 20.23 -16.40
N ALA C 155 6.98 20.52 -16.16
CA ALA C 155 6.57 21.68 -15.41
C ALA C 155 6.26 21.27 -13.99
N PHE C 156 6.85 21.96 -13.02
CA PHE C 156 6.65 21.59 -11.62
C PHE C 156 6.02 22.78 -10.90
N ILE C 157 4.82 22.58 -10.38
CA ILE C 157 4.08 23.58 -9.63
C ILE C 157 4.10 23.19 -8.16
N SER C 158 4.45 24.13 -7.27
CA SER C 158 4.57 23.79 -5.84
C SER C 158 3.85 24.78 -4.90
N GLN C 159 2.94 24.25 -4.10
CA GLN C 159 2.26 25.01 -3.07
C GLN C 159 3.11 25.13 -1.80
N SER C 160 4.08 24.23 -1.66
CA SER C 160 5.02 24.28 -0.54
C SER C 160 6.26 25.10 -0.90
N GLY C 161 6.74 25.92 0.04
CA GLY C 161 7.91 26.77 -0.19
C GLY C 161 9.21 26.02 -0.02
N ALA C 162 9.49 25.56 1.20
CA ALA C 162 10.77 24.95 1.52
C ALA C 162 10.97 23.65 0.72
N LEU C 163 9.94 22.81 0.65
CA LEU C 163 10.06 21.56 -0.08
C LEU C 163 10.16 21.86 -1.58
N GLY C 164 9.44 22.88 -2.03
CA GLY C 164 9.45 23.28 -3.43
C GLY C 164 10.84 23.70 -3.93
N ILE C 165 11.51 24.51 -3.15
CA ILE C 165 12.79 25.04 -3.56
C ILE C 165 13.85 23.94 -3.44
N ALA C 166 13.65 23.01 -2.52
CA ALA C 166 14.57 21.89 -2.38
C ALA C 166 14.38 20.88 -3.53
N LEU C 167 13.12 20.61 -3.89
CA LEU C 167 12.83 19.71 -5.02
C LEU C 167 13.31 20.29 -6.35
N MET C 168 13.30 21.61 -6.45
CA MET C 168 13.92 22.27 -7.59
C MET C 168 15.37 21.81 -7.74
N GLY C 169 16.08 21.70 -6.62
CA GLY C 169 17.47 21.22 -6.63
C GLY C 169 17.58 19.72 -6.87
N TYR C 170 16.59 18.97 -6.37
CA TYR C 170 16.57 17.52 -6.51
C TYR C 170 16.36 17.06 -7.95
N THR C 171 15.71 17.89 -8.76
CA THR C 171 15.52 17.53 -10.17
C THR C 171 16.84 17.31 -10.88
N VAL C 172 17.85 18.09 -10.51
CA VAL C 172 19.18 17.95 -11.10
C VAL C 172 19.73 16.56 -10.75
N VAL C 173 19.68 16.19 -9.47
CA VAL C 173 20.19 14.89 -9.02
C VAL C 173 19.47 13.74 -9.72
N GLU C 174 18.16 13.87 -9.94
CA GLU C 174 17.38 12.81 -10.55
C GLU C 174 17.31 12.92 -12.07
N ASN C 175 18.13 13.80 -12.65
CA ASN C 175 18.24 13.96 -14.09
C ASN C 175 16.90 14.30 -14.77
N ILE C 176 16.03 15.02 -14.08
CA ILE C 176 14.77 15.45 -14.65
C ILE C 176 14.92 16.81 -15.35
N GLY C 177 14.60 16.83 -16.64
CA GLY C 177 14.61 18.05 -17.43
C GLY C 177 13.38 18.89 -17.17
N ILE C 178 13.61 20.17 -16.84
CA ILE C 178 12.56 21.09 -16.42
C ILE C 178 12.25 22.15 -17.46
N SER C 179 10.96 22.35 -17.74
CA SER C 179 10.54 23.49 -18.55
C SER C 179 10.22 24.68 -17.67
N SER C 180 9.68 24.40 -16.49
CA SER C 180 9.23 25.46 -15.61
C SER C 180 9.20 24.97 -14.16
N ILE C 181 9.48 25.90 -13.26
CA ILE C 181 9.21 25.75 -11.85
C ILE C 181 8.32 26.91 -11.47
N VAL C 182 7.17 26.64 -10.84
CA VAL C 182 6.31 27.71 -10.34
C VAL C 182 5.96 27.47 -8.87
N SER C 183 6.41 28.40 -8.03
CA SER C 183 5.96 28.48 -6.65
C SER C 183 4.66 29.26 -6.64
N VAL C 184 3.62 28.68 -6.06
CA VAL C 184 2.31 29.33 -6.02
C VAL C 184 1.89 29.72 -4.61
N GLY C 185 2.60 29.18 -3.62
CA GLY C 185 2.44 29.56 -2.23
C GLY C 185 1.00 29.69 -1.76
N ASN C 186 0.63 30.89 -1.34
CA ASN C 186 -0.68 31.13 -0.76
C ASN C 186 -1.82 31.10 -1.77
N LYS C 187 -1.51 31.11 -3.06
CA LYS C 187 -2.55 31.02 -4.10
C LYS C 187 -3.70 32.03 -3.89
N ALA C 188 -3.36 33.27 -3.57
CA ALA C 188 -4.36 34.30 -3.32
C ALA C 188 -5.11 34.72 -4.58
N ASP C 189 -4.46 34.59 -5.73
CA ASP C 189 -5.08 34.94 -7.01
C ASP C 189 -4.79 33.81 -8.01
N LEU C 190 -3.69 33.92 -8.77
CA LEU C 190 -3.33 32.84 -9.70
C LEU C 190 -3.14 31.50 -8.99
N ASP C 191 -3.66 30.43 -9.56
CA ASP C 191 -3.58 29.13 -8.93
C ASP C 191 -3.36 28.03 -9.95
N ASP C 192 -3.56 26.78 -9.55
CA ASP C 192 -3.24 25.62 -10.38
C ASP C 192 -4.02 25.61 -11.68
N VAL C 193 -5.29 25.99 -11.61
CA VAL C 193 -6.11 25.96 -12.81
C VAL C 193 -5.55 26.93 -13.88
N ASP C 194 -5.13 28.11 -13.44
CA ASP C 194 -4.59 29.11 -14.36
C ASP C 194 -3.31 28.63 -15.00
N LEU C 195 -2.46 28.03 -14.20
CA LEU C 195 -1.19 27.51 -14.66
C LEU C 195 -1.40 26.33 -15.59
N LEU C 196 -2.32 25.44 -15.23
CA LEU C 196 -2.61 24.27 -16.06
C LEU C 196 -3.12 24.69 -17.42
N ASP C 197 -3.87 25.78 -17.45
CA ASP C 197 -4.36 26.32 -18.71
C ASP C 197 -3.19 26.79 -19.56
N PHE C 198 -2.20 27.44 -18.94
CA PHE C 198 -1.03 27.87 -19.69
C PHE C 198 -0.20 26.67 -20.19
N PHE C 199 0.08 25.71 -19.32
CA PHE C 199 0.90 24.57 -19.69
C PHE C 199 0.23 23.65 -20.70
N ASP C 200 -1.09 23.67 -20.72
CA ASP C 200 -1.86 22.98 -21.75
C ASP C 200 -1.43 23.43 -23.15
N LYS C 201 -1.30 24.74 -23.31
CA LYS C 201 -0.99 25.35 -24.60
C LYS C 201 0.52 25.48 -24.85
N ASP C 202 1.32 25.20 -23.83
CA ASP C 202 2.78 25.39 -23.94
C ASP C 202 3.48 24.19 -24.60
N PRO C 203 3.99 24.36 -25.84
CA PRO C 203 4.61 23.23 -26.53
C PRO C 203 5.92 22.77 -25.91
N ASN C 204 6.46 23.54 -24.96
CA ASN C 204 7.71 23.16 -24.29
C ASN C 204 7.47 22.22 -23.13
N THR C 205 6.21 22.11 -22.73
CA THR C 205 5.82 21.32 -21.56
C THR C 205 5.05 20.06 -21.95
N GLY C 206 5.56 18.92 -21.50
CA GLY C 206 4.98 17.62 -21.82
C GLY C 206 4.43 16.90 -20.61
N VAL C 207 4.86 17.29 -19.41
CA VAL C 207 4.46 16.63 -18.18
C VAL C 207 4.35 17.70 -17.11
N ILE C 208 3.33 17.57 -16.26
CA ILE C 208 3.06 18.53 -15.20
C ILE C 208 3.05 17.82 -13.84
N MET C 209 3.92 18.25 -12.95
CA MET C 209 3.97 17.69 -11.62
C MET C 209 3.54 18.79 -10.67
N ILE C 210 2.63 18.44 -9.76
CA ILE C 210 2.08 19.40 -8.82
C ILE C 210 2.20 18.87 -7.41
N TYR C 211 2.87 19.64 -6.55
CA TYR C 211 2.78 19.44 -5.13
C TYR C 211 1.62 20.30 -4.62
N LEU C 212 0.55 19.61 -4.22
CA LEU C 212 -0.74 20.21 -3.92
C LEU C 212 -1.18 19.89 -2.49
N GLU C 213 -1.46 20.93 -1.70
CA GLU C 213 -1.96 20.78 -0.34
C GLU C 213 -3.48 20.94 -0.31
N GLY C 214 -3.97 21.87 -1.12
CA GLY C 214 -5.39 22.14 -1.18
C GLY C 214 -5.79 23.07 -2.30
N ILE C 215 -7.07 22.98 -2.64
CA ILE C 215 -7.73 23.81 -3.66
C ILE C 215 -8.72 24.74 -2.96
N ALA C 216 -8.88 25.96 -3.49
CA ALA C 216 -9.78 26.93 -2.87
C ALA C 216 -11.24 26.51 -2.97
N PRO C 217 -12.05 26.87 -1.96
CA PRO C 217 -13.50 26.65 -2.08
C PRO C 217 -14.04 27.12 -3.43
N GLY C 218 -14.92 26.32 -4.04
CA GLY C 218 -15.58 26.66 -5.28
C GLY C 218 -14.71 26.57 -6.52
N ARG C 219 -13.49 26.07 -6.36
CA ARG C 219 -12.55 26.05 -7.47
C ARG C 219 -12.41 24.64 -8.08
N GLY C 220 -12.95 23.63 -7.41
CA GLY C 220 -12.68 22.24 -7.75
C GLY C 220 -13.29 21.74 -9.06
N ARG C 221 -14.50 22.18 -9.37
CA ARG C 221 -15.16 21.80 -10.61
C ARG C 221 -14.32 22.24 -11.80
N MET C 222 -13.91 23.50 -11.78
CA MET C 222 -13.11 24.08 -12.84
C MET C 222 -11.77 23.32 -12.93
N PHE C 223 -11.23 22.93 -11.78
CA PHE C 223 -10.01 22.14 -11.74
C PHE C 223 -10.15 20.82 -12.51
N ILE C 224 -11.24 20.12 -12.26
CA ILE C 224 -11.52 18.87 -12.96
C ILE C 224 -11.64 19.10 -14.46
N ASP C 225 -12.40 20.13 -14.83
CA ASP C 225 -12.66 20.43 -16.24
C ASP C 225 -11.37 20.70 -17.00
N VAL C 226 -10.48 21.48 -16.39
CA VAL C 226 -9.22 21.86 -17.02
C VAL C 226 -8.22 20.72 -17.01
N ALA C 227 -7.96 20.12 -15.84
CA ALA C 227 -7.04 19.00 -15.73
C ALA C 227 -7.45 17.86 -16.65
N SER C 228 -8.76 17.58 -16.72
CA SER C 228 -9.31 16.55 -17.60
C SER C 228 -8.84 16.69 -19.05
N ARG C 229 -8.99 17.89 -19.60
CA ARG C 229 -8.63 18.10 -20.98
C ARG C 229 -7.12 18.08 -21.16
N VAL C 230 -6.37 18.60 -20.17
CA VAL C 230 -4.91 18.57 -20.23
C VAL C 230 -4.44 17.11 -20.27
N SER C 231 -5.01 16.27 -19.42
CA SER C 231 -4.65 14.85 -19.31
C SER C 231 -4.86 14.09 -20.62
N LEU C 232 -5.70 14.61 -21.49
CA LEU C 232 -5.89 13.99 -22.80
C LEU C 232 -4.60 13.99 -23.60
N ARG C 233 -3.67 14.91 -23.29
CA ARG C 233 -2.46 15.05 -24.09
C ARG C 233 -1.19 15.07 -23.25
N LYS C 234 -1.29 15.50 -22.00
CA LYS C 234 -0.14 15.64 -21.11
C LYS C 234 -0.40 15.02 -19.74
N PRO C 235 0.50 14.15 -19.28
CA PRO C 235 0.26 13.57 -17.95
C PRO C 235 0.42 14.60 -16.83
N ILE C 236 -0.49 14.55 -15.86
CA ILE C 236 -0.39 15.31 -14.63
C ILE C 236 -0.17 14.36 -13.46
N ILE C 237 0.91 14.55 -12.72
CA ILE C 237 1.16 13.84 -11.46
C ILE C 237 0.96 14.79 -10.28
N VAL C 238 0.16 14.38 -9.30
CA VAL C 238 -0.04 15.19 -8.12
C VAL C 238 0.55 14.48 -6.91
N ILE C 239 1.39 15.20 -6.17
CA ILE C 239 1.83 14.78 -4.85
C ILE C 239 0.88 15.47 -3.90
N LYS C 240 -0.04 14.70 -3.35
CA LYS C 240 -1.05 15.28 -2.48
C LYS C 240 -0.50 15.35 -1.07
N ALA C 241 -0.44 16.56 -0.52
CA ALA C 241 -0.13 16.74 0.88
C ALA C 241 -1.41 16.54 1.68
N GLY C 242 -1.32 15.74 2.74
CA GLY C 242 -2.45 15.54 3.63
C GLY C 242 -3.45 14.56 3.04
N ARG C 243 -2.96 13.38 2.67
CA ARG C 243 -3.82 12.36 2.08
C ARG C 243 -4.23 11.32 3.12
N THR C 244 -3.92 11.60 4.37
CA THR C 244 -4.48 10.88 5.51
C THR C 244 -5.16 11.94 6.38
N GLU C 245 -6.04 11.54 7.28
CA GLU C 245 -6.77 12.49 8.12
C GLU C 245 -5.83 13.32 9.00
N VAL C 246 -4.87 12.66 9.63
CA VAL C 246 -3.96 13.37 10.52
C VAL C 246 -3.06 14.30 9.71
N GLY C 247 -2.70 13.87 8.51
CA GLY C 247 -1.89 14.70 7.63
C GLY C 247 -2.69 15.82 7.01
N ALA C 248 -4.00 15.60 6.86
CA ALA C 248 -4.89 16.64 6.36
C ALA C 248 -4.94 17.81 7.35
N ARG C 249 -4.95 17.49 8.64
CA ARG C 249 -4.87 18.50 9.69
C ARG C 249 -3.48 19.15 9.73
N ALA C 250 -2.46 18.35 9.40
CA ALA C 250 -1.08 18.82 9.40
C ALA C 250 -0.86 19.91 8.34
N ALA C 251 -1.50 19.76 7.20
CA ALA C 251 -1.38 20.73 6.11
C ALA C 251 -2.38 21.88 6.28
N ALA C 252 -3.44 21.62 7.04
CA ALA C 252 -4.45 22.63 7.33
C ALA C 252 -3.88 23.78 8.15
N SER C 253 -2.86 23.50 8.96
CA SER C 253 -2.29 24.50 9.85
C SER C 253 -1.03 25.16 9.27
N HIS C 254 -0.28 24.41 8.45
CA HIS C 254 0.86 24.97 7.74
C HIS C 254 0.38 26.02 6.74
N THR C 255 -0.58 25.65 5.90
CA THR C 255 -1.35 26.59 5.11
C THR C 255 -2.39 27.23 6.04
N GLY C 256 -2.95 28.37 5.65
CA GLY C 256 -4.03 28.97 6.40
C GLY C 256 -5.38 28.53 5.86
N SER C 257 -5.67 27.23 5.95
CA SER C 257 -6.88 26.66 5.33
C SER C 257 -7.47 25.51 6.15
N ILE C 258 -8.75 25.23 5.92
CA ILE C 258 -9.40 24.06 6.50
C ILE C 258 -9.10 22.86 5.60
N ALA C 259 -9.06 21.67 6.21
CA ALA C 259 -8.74 20.45 5.48
C ALA C 259 -9.95 19.93 4.70
N GLY C 260 -9.76 19.71 3.40
CA GLY C 260 -10.79 19.17 2.54
C GLY C 260 -10.90 17.67 2.72
N SER C 261 -11.90 17.08 2.07
CA SER C 261 -12.15 15.65 2.18
C SER C 261 -11.19 14.82 1.34
N VAL C 262 -10.50 13.90 1.99
CA VAL C 262 -9.54 13.01 1.34
C VAL C 262 -10.19 12.23 0.19
N ALA C 263 -11.30 11.59 0.49
CA ALA C 263 -11.92 10.68 -0.45
C ALA C 263 -12.39 11.46 -1.68
N ILE C 264 -12.88 12.68 -1.50
CA ILE C 264 -13.42 13.40 -2.63
C ILE C 264 -12.29 13.95 -3.51
N TYR C 265 -11.19 14.40 -2.91
CA TYR C 265 -10.03 14.77 -3.70
C TYR C 265 -9.61 13.57 -4.56
N GLU C 266 -9.55 12.38 -3.97
CA GLU C 266 -9.10 11.21 -4.73
C GLU C 266 -10.02 10.90 -5.90
N SER C 267 -11.33 11.10 -5.73
CA SER C 267 -12.25 10.88 -6.84
C SER C 267 -12.08 11.95 -7.91
N ALA C 268 -11.91 13.19 -7.47
CA ALA C 268 -11.65 14.29 -8.38
C ALA C 268 -10.40 14.05 -9.21
N PHE C 269 -9.36 13.53 -8.58
CA PHE C 269 -8.14 13.23 -9.32
C PHE C 269 -8.39 12.12 -10.34
N LYS C 270 -9.23 11.15 -9.98
CA LYS C 270 -9.56 10.07 -10.91
C LYS C 270 -10.39 10.62 -12.10
N GLN C 271 -11.33 11.49 -11.82
CA GLN C 271 -12.16 12.09 -12.87
C GLN C 271 -11.33 13.02 -13.79
N SER C 272 -10.19 13.49 -13.28
CA SER C 272 -9.31 14.39 -14.02
C SER C 272 -8.21 13.68 -14.80
N GLY C 273 -8.11 12.36 -14.64
CA GLY C 273 -7.05 11.60 -15.28
C GLY C 273 -5.69 11.80 -14.63
N ILE C 274 -5.68 12.31 -13.41
CA ILE C 274 -4.48 12.64 -12.65
C ILE C 274 -3.91 11.42 -11.92
N LEU C 275 -2.58 11.29 -11.91
CA LEU C 275 -1.89 10.21 -11.18
C LEU C 275 -1.49 10.74 -9.82
N MET C 276 -1.99 10.14 -8.75
CA MET C 276 -1.65 10.59 -7.41
C MET C 276 -0.46 9.82 -6.85
N ALA C 277 0.62 10.54 -6.57
CA ALA C 277 1.82 9.96 -6.00
C ALA C 277 1.80 10.12 -4.48
N LYS C 278 2.15 9.08 -3.75
CA LYS C 278 2.17 9.15 -2.28
C LYS C 278 3.51 9.60 -1.73
N SER C 279 4.48 9.83 -2.60
CA SER C 279 5.81 10.19 -2.16
C SER C 279 6.59 10.92 -3.25
N VAL C 280 7.60 11.64 -2.82
CA VAL C 280 8.50 12.36 -3.73
C VAL C 280 9.17 11.39 -4.70
N GLU C 281 9.69 10.29 -4.16
CA GLU C 281 10.39 9.32 -5.00
C GLU C 281 9.49 8.73 -6.07
N ASP C 282 8.26 8.35 -5.73
CA ASP C 282 7.32 7.84 -6.73
C ASP C 282 7.05 8.91 -7.79
N ALA C 283 6.78 10.13 -7.37
CA ALA C 283 6.45 11.19 -8.30
C ALA C 283 7.61 11.41 -9.29
N PHE C 284 8.84 11.52 -8.77
CA PHE C 284 10.01 11.72 -9.62
C PHE C 284 10.32 10.51 -10.53
N ASP C 285 10.18 9.29 -10.01
CA ASP C 285 10.36 8.08 -10.85
C ASP C 285 9.36 8.05 -12.01
N TRP C 286 8.13 8.45 -11.73
CA TRP C 286 7.05 8.41 -12.70
C TRP C 286 7.19 9.54 -13.72
N THR C 287 7.49 10.73 -13.20
CA THR C 287 7.71 11.90 -14.04
C THR C 287 8.80 11.60 -15.07
N LYS C 288 9.86 10.96 -14.61
CA LYS C 288 10.98 10.62 -15.47
C LYS C 288 10.50 9.73 -16.62
N ALA C 289 9.80 8.63 -16.30
CA ALA C 289 9.31 7.69 -17.30
C ALA C 289 8.29 8.33 -18.26
N LEU C 290 7.37 9.13 -17.73
CA LEU C 290 6.35 9.80 -18.53
C LEU C 290 6.96 10.89 -19.42
N SER C 291 8.09 11.43 -18.98
CA SER C 291 8.71 12.52 -19.69
C SER C 291 9.47 12.02 -20.91
N TRP C 292 10.03 10.82 -20.80
CA TRP C 292 10.93 10.26 -21.83
C TRP C 292 10.33 9.14 -22.70
N ASN C 293 9.06 8.82 -22.52
CA ASN C 293 8.44 7.71 -23.20
C ASN C 293 7.04 8.03 -23.71
N PRO C 294 6.66 7.46 -24.87
CA PRO C 294 5.27 7.54 -25.29
C PRO C 294 4.42 6.59 -24.44
N ILE C 295 3.10 6.74 -24.45
CA ILE C 295 2.29 5.78 -23.73
C ILE C 295 2.24 4.47 -24.53
N PRO C 296 2.09 3.34 -23.85
CA PRO C 296 1.95 2.05 -24.55
C PRO C 296 0.68 1.97 -25.40
N GLU C 297 0.78 1.37 -26.58
CA GLU C 297 -0.34 1.24 -27.52
C GLU C 297 -1.29 0.16 -27.08
N GLY C 298 -0.77 -0.81 -26.33
CA GLY C 298 -1.55 -1.92 -25.84
C GLY C 298 -0.92 -2.55 -24.62
N GLU C 299 -1.37 -3.74 -24.28
CA GLU C 299 -1.03 -4.38 -23.01
C GLU C 299 0.08 -5.41 -23.12
N ARG C 300 0.67 -5.57 -24.29
CA ARG C 300 1.71 -6.59 -24.44
C ARG C 300 3.03 -6.07 -23.86
N LEU C 301 3.08 -6.01 -22.53
CA LEU C 301 4.28 -5.66 -21.80
C LEU C 301 5.20 -6.87 -21.66
N ILE C 302 6.46 -6.70 -22.04
CA ILE C 302 7.49 -7.71 -21.90
C ILE C 302 8.51 -7.31 -20.84
N VAL C 303 8.83 -8.24 -19.95
CA VAL C 303 9.92 -8.09 -19.00
C VAL C 303 11.06 -9.01 -19.39
N LEU C 304 12.24 -8.43 -19.52
CA LEU C 304 13.44 -9.17 -19.87
C LEU C 304 14.37 -9.11 -18.66
N THR C 305 14.84 -10.27 -18.21
CA THR C 305 15.67 -10.35 -17.02
C THR C 305 16.74 -11.43 -17.15
N ASN C 306 17.88 -11.22 -16.50
CA ASN C 306 18.91 -12.25 -16.38
C ASN C 306 18.85 -12.90 -15.01
N GLY C 307 17.84 -12.53 -14.23
CA GLY C 307 17.65 -13.11 -12.92
C GLY C 307 16.21 -13.45 -12.63
N GLY C 308 15.97 -14.67 -12.16
CA GLY C 308 14.63 -15.09 -11.78
C GLY C 308 14.08 -14.27 -10.61
N GLY C 309 14.90 -14.03 -9.58
CA GLY C 309 14.48 -13.26 -8.42
C GLY C 309 14.07 -11.83 -8.73
N ALA C 310 14.85 -11.16 -9.56
CA ALA C 310 14.50 -9.81 -10.00
C ALA C 310 13.18 -9.82 -10.76
N GLY C 311 13.02 -10.82 -11.63
CA GLY C 311 11.82 -11.02 -12.41
C GLY C 311 10.54 -11.22 -11.60
N VAL C 312 10.65 -11.97 -10.50
CA VAL C 312 9.53 -12.14 -9.57
C VAL C 312 9.25 -10.87 -8.75
N GLN C 313 10.29 -10.12 -8.39
CA GLN C 313 10.08 -8.83 -7.71
C GLN C 313 9.29 -7.93 -8.63
N SER C 314 9.65 -7.95 -9.91
CA SER C 314 8.97 -7.12 -10.90
C SER C 314 7.52 -7.56 -11.05
N THR C 315 7.31 -8.87 -11.16
CA THR C 315 5.98 -9.42 -11.33
C THR C 315 5.07 -8.99 -10.18
N ASP C 316 5.58 -9.10 -8.96
CA ASP C 316 4.84 -8.70 -7.79
C ASP C 316 4.53 -7.20 -7.85
N THR C 317 5.52 -6.38 -8.18
CA THR C 317 5.30 -4.94 -8.26
C THR C 317 4.27 -4.60 -9.34
N PHE C 318 4.37 -5.23 -10.50
CA PHE C 318 3.35 -5.01 -11.53
C PHE C 318 1.96 -5.42 -11.02
N ALA C 319 1.88 -6.54 -10.30
CA ALA C 319 0.57 -7.03 -9.83
C ALA C 319 -0.09 -6.06 -8.85
N ASP C 320 0.70 -5.51 -7.92
CA ASP C 320 0.22 -4.50 -6.99
C ASP C 320 -0.38 -3.28 -7.71
N ASN C 321 0.06 -3.03 -8.94
CA ASN C 321 -0.41 -1.90 -9.75
C ASN C 321 -1.45 -2.32 -10.78
N GLY C 322 -1.98 -3.53 -10.62
CA GLY C 322 -3.02 -4.01 -11.50
C GLY C 322 -2.52 -4.40 -12.88
N ILE C 323 -1.22 -4.64 -13.02
CA ILE C 323 -0.66 -5.02 -14.32
C ILE C 323 -0.21 -6.48 -14.30
N TYR C 324 -0.70 -7.23 -15.27
CA TYR C 324 -0.49 -8.67 -15.33
C TYR C 324 0.15 -9.05 -16.63
N LEU C 325 1.20 -9.86 -16.55
CA LEU C 325 1.98 -10.19 -17.72
C LEU C 325 1.38 -11.39 -18.44
N SER C 326 1.48 -11.38 -19.77
CA SER C 326 0.98 -12.45 -20.62
C SER C 326 2.13 -13.10 -21.34
N LYS C 327 1.94 -14.35 -21.76
CA LYS C 327 3.02 -15.08 -22.42
C LYS C 327 3.44 -14.27 -23.64
N PRO C 328 4.75 -14.22 -23.91
CA PRO C 328 5.21 -13.45 -25.06
C PRO C 328 4.81 -14.09 -26.39
N PRO C 329 4.79 -13.31 -27.48
CA PRO C 329 4.45 -13.85 -28.80
C PRO C 329 5.43 -14.92 -29.24
N GLU C 330 4.94 -15.94 -29.93
CA GLU C 330 5.79 -17.07 -30.30
C GLU C 330 6.99 -16.63 -31.13
N SER C 331 6.81 -15.63 -31.98
CA SER C 331 7.89 -15.14 -32.83
C SER C 331 9.03 -14.52 -32.04
N LEU C 332 8.71 -13.90 -30.89
CA LEU C 332 9.73 -13.36 -30.01
C LEU C 332 10.47 -14.49 -29.32
N ILE C 333 9.72 -15.47 -28.81
CA ILE C 333 10.32 -16.64 -28.16
C ILE C 333 11.29 -17.34 -29.12
N GLN C 334 10.93 -17.39 -30.40
CA GLN C 334 11.77 -18.03 -31.40
C GLN C 334 13.05 -17.24 -31.66
N GLU C 335 12.88 -15.92 -31.80
CA GLU C 335 14.02 -15.02 -31.99
C GLU C 335 15.08 -15.20 -30.89
N ILE C 336 14.61 -15.32 -29.65
CA ILE C 336 15.49 -15.37 -28.49
C ILE C 336 16.07 -16.76 -28.28
N LYS C 337 15.30 -17.78 -28.66
CA LYS C 337 15.79 -19.16 -28.56
C LYS C 337 17.02 -19.38 -29.46
N LYS C 338 17.25 -18.47 -30.39
CA LYS C 338 18.41 -18.57 -31.27
C LYS C 338 19.75 -18.42 -30.54
N PHE C 339 19.75 -17.82 -29.35
CA PHE C 339 21.00 -17.61 -28.60
C PHE C 339 20.94 -18.03 -27.13
N VAL C 340 19.75 -18.18 -26.55
CA VAL C 340 19.68 -18.58 -25.14
C VAL C 340 19.62 -20.09 -25.01
N PRO C 341 20.09 -20.64 -23.86
CA PRO C 341 20.09 -22.09 -23.68
C PRO C 341 18.70 -22.65 -23.40
N PRO C 342 18.55 -23.98 -23.36
CA PRO C 342 17.24 -24.61 -23.15
C PRO C 342 16.65 -24.35 -21.77
N PHE C 343 17.46 -24.12 -20.75
CA PHE C 343 16.93 -23.89 -19.41
C PHE C 343 16.60 -22.40 -19.17
N ALA C 344 16.37 -21.67 -20.26
CA ALA C 344 15.82 -20.32 -20.18
C ALA C 344 14.29 -20.40 -20.10
N SER C 345 13.69 -19.41 -19.44
CA SER C 345 12.23 -19.38 -19.23
C SER C 345 11.56 -18.32 -20.09
N PHE C 346 10.38 -18.62 -20.60
CA PHE C 346 9.65 -17.74 -21.49
C PHE C 346 8.22 -17.48 -21.03
N ALA C 347 7.97 -17.60 -19.73
CA ALA C 347 6.64 -17.36 -19.21
C ALA C 347 6.22 -15.88 -19.31
N ASN C 348 7.24 -15.01 -19.46
CA ASN C 348 7.14 -13.56 -19.19
C ASN C 348 7.01 -13.35 -17.68
N PRO C 349 8.08 -12.89 -17.00
CA PRO C 349 9.37 -12.41 -17.54
C PRO C 349 10.12 -13.42 -18.42
N ILE C 350 10.83 -12.91 -19.43
CA ILE C 350 11.72 -13.74 -20.21
C ILE C 350 13.06 -13.79 -19.47
N ASP C 351 13.39 -14.96 -18.96
CA ASP C 351 14.62 -15.16 -18.19
C ASP C 351 15.73 -15.73 -19.05
N ILE C 352 16.68 -14.88 -19.44
CA ILE C 352 17.80 -15.29 -20.27
C ILE C 352 18.95 -15.87 -19.43
N THR C 353 18.66 -16.12 -18.15
CA THR C 353 19.57 -16.79 -17.19
C THR C 353 20.76 -15.93 -16.76
N GLY C 354 21.34 -16.32 -15.63
CA GLY C 354 22.39 -15.54 -14.97
C GLY C 354 23.72 -15.53 -15.69
N MET C 355 23.89 -16.41 -16.68
CA MET C 355 25.15 -16.47 -17.44
C MET C 355 25.09 -15.62 -18.72
N ALA C 356 24.03 -14.84 -18.88
CA ALA C 356 23.88 -13.97 -20.04
C ALA C 356 25.01 -12.96 -20.14
N PRO C 357 25.77 -12.97 -21.24
CA PRO C 357 26.75 -11.91 -21.47
C PRO C 357 26.12 -10.62 -21.97
N ASP C 358 26.88 -9.54 -22.01
CA ASP C 358 26.38 -8.22 -22.38
C ASP C 358 25.56 -8.23 -23.67
N ASP C 359 26.04 -8.89 -24.71
CA ASP C 359 25.42 -8.75 -26.02
C ASP C 359 24.06 -9.45 -26.10
N TRP C 360 23.76 -10.36 -25.18
CA TRP C 360 22.41 -10.94 -25.15
C TRP C 360 21.38 -9.92 -24.73
N TYR C 361 21.82 -8.87 -24.04
CA TYR C 361 20.92 -7.78 -23.69
C TYR C 361 20.64 -6.97 -24.94
N TYR C 362 21.65 -6.74 -25.76
CA TYR C 362 21.43 -6.07 -27.05
C TYR C 362 20.46 -6.88 -27.91
N MET C 363 20.75 -8.15 -28.12
CA MET C 363 19.94 -8.99 -29.00
C MET C 363 18.52 -9.19 -28.46
N GLY C 364 18.40 -9.39 -27.15
CA GLY C 364 17.11 -9.59 -26.51
C GLY C 364 16.26 -8.34 -26.58
N THR C 365 16.86 -7.21 -26.24
CA THR C 365 16.15 -5.93 -26.22
C THR C 365 15.70 -5.57 -27.63
N LEU C 366 16.60 -5.73 -28.60
CA LEU C 366 16.28 -5.47 -30.00
C LEU C 366 15.11 -6.32 -30.47
N ALA C 367 15.14 -7.61 -30.16
CA ALA C 367 14.13 -8.54 -30.66
C ALA C 367 12.76 -8.16 -30.12
N ALA C 368 12.71 -7.79 -28.84
CA ALA C 368 11.46 -7.41 -28.20
C ALA C 368 10.93 -6.13 -28.82
N LEU C 369 11.77 -5.11 -28.93
CA LEU C 369 11.33 -3.82 -29.46
C LEU C 369 10.88 -3.91 -30.93
N LYS C 370 11.59 -4.68 -31.74
CA LYS C 370 11.27 -4.79 -33.17
C LYS C 370 9.98 -5.56 -33.41
N ASN C 371 9.60 -6.41 -32.45
CA ASN C 371 8.47 -7.29 -32.64
C ASN C 371 7.12 -6.54 -32.67
N PRO C 372 6.31 -6.75 -33.72
CA PRO C 372 5.02 -6.04 -33.86
C PRO C 372 4.02 -6.25 -32.73
N ASP C 373 4.13 -7.38 -32.03
CA ASP C 373 3.17 -7.73 -30.99
C ASP C 373 3.70 -7.42 -29.58
N VAL C 374 4.75 -6.60 -29.48
CA VAL C 374 5.26 -6.11 -28.20
C VAL C 374 5.03 -4.60 -28.11
N ASP C 375 4.36 -4.17 -27.04
CA ASP C 375 3.98 -2.77 -26.86
C ASP C 375 4.92 -1.99 -25.94
N ALA C 376 5.55 -2.71 -25.01
CA ALA C 376 6.39 -2.08 -23.99
C ALA C 376 7.40 -3.05 -23.41
N LEU C 377 8.50 -2.52 -22.89
CA LEU C 377 9.61 -3.36 -22.44
C LEU C 377 10.21 -2.88 -21.12
N THR C 378 10.31 -3.78 -20.15
CA THR C 378 11.10 -3.53 -18.95
C THR C 378 12.29 -4.49 -18.92
N VAL C 379 13.48 -3.92 -18.88
CA VAL C 379 14.72 -4.69 -18.87
C VAL C 379 15.34 -4.67 -17.48
N LEU C 380 15.58 -5.87 -16.96
CA LEU C 380 16.12 -6.04 -15.62
C LEU C 380 17.50 -6.66 -15.69
N TYR C 381 18.42 -6.11 -14.90
CA TYR C 381 19.78 -6.58 -14.90
C TYR C 381 20.31 -6.73 -13.47
N CYS C 382 20.85 -7.92 -13.20
CA CYS C 382 21.59 -8.16 -11.97
C CYS C 382 23.06 -8.28 -12.34
N GLN C 383 23.92 -7.57 -11.63
CA GLN C 383 25.35 -7.62 -11.94
C GLN C 383 25.97 -8.95 -11.53
N THR C 384 26.41 -9.70 -12.54
CA THR C 384 27.11 -10.96 -12.39
C THR C 384 28.56 -10.78 -12.84
N ALA C 385 29.35 -11.84 -12.71
CA ALA C 385 30.77 -11.76 -13.08
C ALA C 385 30.96 -11.71 -14.59
N VAL C 386 29.99 -12.27 -15.31
CA VAL C 386 30.13 -12.46 -16.75
C VAL C 386 29.78 -11.22 -17.57
N THR C 387 29.22 -10.20 -16.93
CA THR C 387 28.79 -8.99 -17.62
C THR C 387 29.54 -7.78 -17.12
N THR C 388 29.39 -6.68 -17.83
CA THR C 388 29.78 -5.36 -17.32
C THR C 388 28.52 -4.50 -17.34
N PRO C 389 28.29 -3.73 -16.25
CA PRO C 389 27.08 -2.91 -16.24
C PRO C 389 27.02 -1.94 -17.40
N ILE C 390 28.14 -1.28 -17.72
CA ILE C 390 28.13 -0.27 -18.76
C ILE C 390 27.93 -0.92 -20.13
N GLY C 391 28.44 -2.14 -20.29
CA GLY C 391 28.29 -2.86 -21.55
C GLY C 391 26.84 -3.24 -21.79
N VAL C 392 26.18 -3.73 -20.74
CA VAL C 392 24.75 -3.98 -20.78
C VAL C 392 23.97 -2.72 -21.13
N ALA C 393 24.31 -1.61 -20.49
CA ALA C 393 23.64 -0.33 -20.77
C ALA C 393 23.83 0.12 -22.23
N LYS C 394 25.05 -0.01 -22.74
CA LYS C 394 25.30 0.42 -24.12
C LYS C 394 24.56 -0.47 -25.11
N GLY C 395 24.40 -1.74 -24.76
CA GLY C 395 23.62 -2.66 -25.57
C GLY C 395 22.15 -2.28 -25.61
N ILE C 396 21.64 -1.76 -24.50
CA ILE C 396 20.23 -1.34 -24.44
C ILE C 396 20.04 -0.07 -25.25
N VAL C 397 20.98 0.87 -25.15
CA VAL C 397 20.96 2.08 -25.94
C VAL C 397 20.99 1.75 -27.45
N ASP C 398 21.98 0.96 -27.85
CA ASP C 398 22.12 0.56 -29.25
C ASP C 398 20.88 -0.16 -29.77
N ALA C 399 20.22 -0.95 -28.93
CA ALA C 399 19.06 -1.70 -29.37
C ALA C 399 17.86 -0.77 -29.53
N ILE C 400 17.75 0.22 -28.67
CA ILE C 400 16.67 1.19 -28.80
C ILE C 400 16.82 1.97 -30.10
N LYS C 401 18.04 2.35 -30.44
CA LYS C 401 18.29 3.10 -31.66
C LYS C 401 18.05 2.24 -32.91
N GLU C 402 18.52 0.99 -32.87
CA GLU C 402 18.46 0.11 -34.03
C GLU C 402 17.04 -0.38 -34.29
N ALA C 403 16.21 -0.40 -33.25
CA ALA C 403 14.82 -0.78 -33.42
C ALA C 403 14.10 0.33 -34.17
N GLY C 404 14.53 1.56 -33.94
CA GLY C 404 13.99 2.72 -34.64
C GLY C 404 12.76 3.30 -33.96
N ASN C 405 11.84 2.43 -33.57
CA ASN C 405 10.55 2.88 -33.03
C ASN C 405 10.67 3.58 -31.68
N SER C 406 9.52 4.04 -31.21
CA SER C 406 9.38 4.55 -29.86
C SER C 406 8.33 3.70 -29.15
N LYS C 407 8.79 2.70 -28.42
CA LYS C 407 7.94 1.99 -27.48
C LYS C 407 8.50 2.29 -26.11
N PRO C 408 7.64 2.35 -25.08
CA PRO C 408 8.16 2.69 -23.76
C PRO C 408 9.12 1.65 -23.22
N VAL C 409 10.23 2.10 -22.67
CA VAL C 409 11.19 1.22 -22.03
C VAL C 409 11.58 1.73 -20.64
N THR C 410 11.60 0.83 -19.65
CA THR C 410 12.25 1.17 -18.38
C THR C 410 13.30 0.12 -18.08
N VAL C 411 14.30 0.51 -17.30
CA VAL C 411 15.45 -0.33 -16.98
C VAL C 411 15.68 -0.34 -15.45
N GLY C 412 15.89 -1.52 -14.90
CA GLY C 412 16.21 -1.71 -13.50
C GLY C 412 17.53 -2.49 -13.44
N MET C 413 18.52 -1.93 -12.76
CA MET C 413 19.85 -2.54 -12.66
C MET C 413 20.27 -2.62 -11.20
N VAL C 414 20.70 -3.82 -10.77
CA VAL C 414 21.13 -4.03 -9.39
C VAL C 414 22.62 -4.41 -9.32
N GLY C 415 23.35 -3.73 -8.44
CA GLY C 415 24.76 -4.05 -8.23
C GLY C 415 25.53 -2.96 -7.50
N GLY C 416 26.86 -3.02 -7.60
CA GLY C 416 27.72 -2.07 -6.93
C GLY C 416 27.89 -0.73 -7.63
N PRO C 417 29.01 -0.05 -7.38
CA PRO C 417 29.24 1.28 -7.95
C PRO C 417 29.20 1.30 -9.47
N GLU C 418 29.63 0.22 -10.13
CA GLU C 418 29.59 0.19 -11.58
C GLU C 418 28.13 0.25 -12.10
N VAL C 419 27.20 -0.36 -11.38
CA VAL C 419 25.78 -0.23 -11.75
C VAL C 419 25.29 1.19 -11.56
N ALA C 420 25.70 1.85 -10.47
CA ALA C 420 25.23 3.20 -10.23
C ALA C 420 25.66 4.13 -11.36
N GLU C 421 26.85 3.89 -11.91
CA GLU C 421 27.32 4.69 -13.04
C GLU C 421 26.53 4.37 -14.31
N ALA C 422 26.34 3.08 -14.60
CA ALA C 422 25.54 2.66 -15.74
C ALA C 422 24.12 3.24 -15.68
N VAL C 423 23.53 3.22 -14.51
CA VAL C 423 22.18 3.78 -14.35
C VAL C 423 22.23 5.27 -14.66
N SER C 424 23.27 5.93 -14.17
CA SER C 424 23.41 7.37 -14.39
C SER C 424 23.63 7.67 -15.86
N PHE C 425 24.46 6.86 -16.49
CA PHE C 425 24.67 6.89 -17.93
C PHE C 425 23.34 6.79 -18.69
N LEU C 426 22.48 5.83 -18.34
CA LEU C 426 21.21 5.70 -19.05
C LEU C 426 20.31 6.91 -18.85
N ASN C 427 20.23 7.41 -17.63
CA ASN C 427 19.36 8.55 -17.36
C ASN C 427 19.79 9.84 -18.07
N LYS C 428 21.11 10.01 -18.25
CA LYS C 428 21.62 11.18 -18.92
C LYS C 428 21.33 11.11 -20.41
N GLN C 429 20.96 9.93 -20.90
CA GLN C 429 20.47 9.79 -22.27
C GLN C 429 18.96 9.71 -22.35
N ARG C 430 18.30 10.04 -21.24
CA ARG C 430 16.85 10.05 -21.20
C ARG C 430 16.25 8.67 -21.48
N ILE C 431 16.91 7.64 -20.96
CA ILE C 431 16.34 6.30 -20.83
C ILE C 431 16.07 6.03 -19.34
N ALA C 432 14.80 5.87 -18.99
CA ALA C 432 14.38 5.80 -17.58
C ALA C 432 14.96 4.58 -16.90
N ALA C 433 15.99 4.79 -16.08
CA ALA C 433 16.70 3.69 -15.43
C ALA C 433 16.74 3.86 -13.92
N TYR C 434 16.71 2.74 -13.21
CA TYR C 434 16.53 2.74 -11.75
C TYR C 434 17.39 1.67 -11.13
N PRO C 435 17.79 1.87 -9.87
CA PRO C 435 18.69 0.94 -9.20
C PRO C 435 18.00 -0.29 -8.61
N THR C 436 16.71 -0.47 -8.81
CA THR C 436 16.04 -1.68 -8.33
C THR C 436 14.99 -2.07 -9.33
N PRO C 437 14.68 -3.38 -9.40
CA PRO C 437 13.64 -3.83 -10.33
C PRO C 437 12.24 -3.33 -9.99
N GLU C 438 11.96 -3.11 -8.71
CA GLU C 438 10.63 -2.62 -8.31
C GLU C 438 10.44 -1.19 -8.76
N ARG C 439 11.49 -0.37 -8.72
CA ARG C 439 11.31 1.00 -9.15
C ARG C 439 11.16 1.03 -10.68
N ALA C 440 11.88 0.17 -11.39
CA ALA C 440 11.74 0.12 -12.84
C ALA C 440 10.31 -0.34 -13.19
N SER C 441 9.76 -1.24 -12.39
CA SER C 441 8.42 -1.79 -12.67
C SER C 441 7.34 -0.81 -12.28
N SER C 442 7.58 -0.08 -11.19
CA SER C 442 6.66 0.96 -10.76
C SER C 442 6.64 2.11 -11.77
N ALA C 443 7.80 2.45 -12.32
CA ALA C 443 7.87 3.50 -13.35
C ALA C 443 7.09 3.11 -14.62
N MET C 444 7.25 1.86 -15.06
CA MET C 444 6.50 1.38 -16.23
C MET C 444 5.01 1.34 -15.89
N SER C 445 4.68 1.02 -14.64
CA SER C 445 3.28 0.94 -14.22
C SER C 445 2.59 2.29 -14.34
N ALA C 446 3.38 3.36 -14.16
CA ALA C 446 2.86 4.72 -14.28
C ALA C 446 2.53 5.05 -15.72
N LEU C 447 3.36 4.57 -16.65
CA LEU C 447 3.06 4.73 -18.06
C LEU C 447 1.70 4.09 -18.40
N TYR C 448 1.45 2.90 -17.86
CA TYR C 448 0.17 2.22 -18.07
C TYR C 448 -0.95 2.91 -17.28
N ALA C 449 -0.66 3.35 -16.05
CA ALA C 449 -1.69 4.03 -15.26
C ALA C 449 -2.14 5.30 -16.00
N TYR C 450 -1.23 5.95 -16.71
CA TYR C 450 -1.59 7.15 -17.41
C TYR C 450 -2.42 6.82 -18.65
N ALA C 451 -2.03 5.79 -19.39
CA ALA C 451 -2.85 5.34 -20.53
C ALA C 451 -4.27 5.04 -20.06
N ARG C 452 -4.40 4.39 -18.92
CA ARG C 452 -5.70 4.05 -18.38
C ARG C 452 -6.46 5.26 -17.87
N ALA C 453 -5.74 6.22 -17.30
CA ALA C 453 -6.36 7.45 -16.82
C ALA C 453 -6.86 8.29 -17.99
N ARG C 454 -6.09 8.36 -19.07
CA ARG C 454 -6.51 9.06 -20.29
C ARG C 454 -7.80 8.42 -20.84
N SER C 455 -7.85 7.10 -20.82
CA SER C 455 -9.01 6.37 -21.29
C SER C 455 -10.23 6.67 -20.42
N TYR C 456 -10.05 6.72 -19.10
CA TYR C 456 -11.14 7.07 -18.20
C TYR C 456 -11.73 8.43 -18.61
N VAL C 457 -10.85 9.38 -18.89
CA VAL C 457 -11.31 10.71 -19.26
C VAL C 457 -12.00 10.71 -20.62
N MET C 458 -11.41 10.01 -21.59
CA MET C 458 -12.01 9.94 -22.92
C MET C 458 -13.43 9.37 -22.83
N LYS C 459 -13.61 8.28 -22.10
CA LYS C 459 -14.92 7.69 -21.92
C LYS C 459 -15.89 8.60 -21.17
N SER C 460 -15.40 9.41 -20.24
CA SER C 460 -16.29 10.28 -19.49
C SER C 460 -16.76 11.45 -20.35
N LEU C 461 -15.96 11.85 -21.33
CA LEU C 461 -16.29 12.98 -22.22
C LEU C 461 -17.03 12.52 -23.46
N ALA C 462 -17.37 11.24 -23.50
CA ALA C 462 -18.13 10.68 -24.60
C ALA C 462 -19.40 11.51 -24.86
N VAL C 463 -19.70 11.73 -26.14
CA VAL C 463 -20.93 12.41 -26.55
C VAL C 463 -22.10 11.44 -26.41
N ARG C 464 -23.21 11.94 -25.87
CA ARG C 464 -24.43 11.16 -25.70
C ARG C 464 -25.24 11.04 -26.99
N SER D 2 -44.34 23.24 -12.14
CA SER D 2 -42.97 22.77 -12.00
C SER D 2 -42.75 22.10 -10.65
N SER D 3 -41.92 21.07 -10.62
CA SER D 3 -41.54 20.40 -9.38
C SER D 3 -40.75 21.33 -8.47
N ARG D 4 -40.22 22.41 -9.05
CA ARG D 4 -39.53 23.42 -8.25
C ARG D 4 -40.51 24.12 -7.31
N ASP D 5 -41.80 24.07 -7.61
CA ASP D 5 -42.79 24.65 -6.71
C ASP D 5 -42.72 24.02 -5.31
N LEU D 6 -42.37 22.73 -5.27
CA LEU D 6 -42.23 22.05 -3.99
C LEU D 6 -41.09 22.65 -3.17
N LEU D 7 -40.02 23.06 -3.85
CA LEU D 7 -38.88 23.65 -3.16
C LEU D 7 -39.26 25.05 -2.70
N LEU D 8 -39.97 25.78 -3.54
CA LEU D 8 -40.35 27.15 -3.25
C LEU D 8 -41.34 27.20 -2.08
N LYS D 9 -42.33 26.31 -2.12
CA LYS D 9 -43.31 26.19 -1.05
C LYS D 9 -42.61 25.95 0.28
N ALA D 10 -41.69 25.00 0.30
CA ALA D 10 -40.96 24.65 1.51
C ALA D 10 -40.14 25.83 2.05
N LYS D 11 -39.47 26.54 1.15
CA LYS D 11 -38.68 27.73 1.53
C LYS D 11 -39.60 28.80 2.13
N GLU D 12 -40.72 29.04 1.49
CA GLU D 12 -41.67 30.07 1.91
C GLU D 12 -42.23 29.79 3.31
N ASN D 13 -42.37 28.51 3.64
CA ASN D 13 -42.87 28.08 4.95
C ASN D 13 -41.74 27.95 5.98
N GLY D 14 -40.56 28.45 5.63
CA GLY D 14 -39.43 28.44 6.54
C GLY D 14 -38.94 27.06 6.90
N ARG D 15 -39.36 26.05 6.15
CA ARG D 15 -38.92 24.68 6.39
C ARG D 15 -37.54 24.47 5.78
N LYS D 16 -36.77 23.55 6.36
CA LYS D 16 -35.41 23.32 5.93
C LYS D 16 -35.24 21.90 5.39
N SER D 17 -36.35 21.19 5.22
CA SER D 17 -36.32 19.94 4.48
C SER D 17 -37.69 19.72 3.86
N LEU D 18 -37.74 18.94 2.78
CA LEU D 18 -39.01 18.55 2.20
C LEU D 18 -39.62 17.45 3.04
N LEU D 19 -40.94 17.43 3.12
CA LEU D 19 -41.66 16.32 3.74
C LEU D 19 -41.45 15.08 2.89
N GLU D 20 -41.59 13.90 3.49
CA GLU D 20 -41.22 12.65 2.83
C GLU D 20 -41.90 12.44 1.48
N HIS D 21 -43.19 12.77 1.41
CA HIS D 21 -43.93 12.58 0.16
C HIS D 21 -43.52 13.62 -0.89
N GLU D 22 -43.28 14.85 -0.46
CA GLU D 22 -42.79 15.88 -1.37
C GLU D 22 -41.42 15.52 -1.94
N ALA D 23 -40.57 14.92 -1.11
CA ALA D 23 -39.24 14.53 -1.54
C ALA D 23 -39.31 13.49 -2.66
N LYS D 24 -40.20 12.52 -2.50
CA LYS D 24 -40.37 11.45 -3.48
C LYS D 24 -41.01 11.96 -4.76
N TYR D 25 -41.97 12.87 -4.66
CA TYR D 25 -42.54 13.50 -5.84
C TYR D 25 -41.41 14.19 -6.62
N PHE D 26 -40.59 14.93 -5.91
CA PHE D 26 -39.52 15.70 -6.52
C PHE D 26 -38.57 14.75 -7.23
N ILE D 27 -38.13 13.73 -6.51
CA ILE D 27 -37.22 12.73 -7.04
C ILE D 27 -37.82 12.06 -8.28
N SER D 28 -39.09 11.68 -8.17
CA SER D 28 -39.79 11.03 -9.25
C SER D 28 -39.83 11.91 -10.50
N SER D 29 -39.97 13.21 -10.32
CA SER D 29 -40.05 14.11 -11.47
C SER D 29 -38.74 14.12 -12.28
N TYR D 30 -37.67 13.61 -11.68
CA TYR D 30 -36.38 13.55 -12.37
C TYR D 30 -36.14 12.19 -13.02
N GLY D 31 -37.10 11.29 -12.89
CA GLY D 31 -37.00 9.98 -13.50
C GLY D 31 -36.33 8.96 -12.60
N ILE D 32 -36.26 9.25 -11.31
CA ILE D 32 -35.80 8.24 -10.35
C ILE D 32 -37.03 7.53 -9.77
N PRO D 33 -37.16 6.21 -9.98
CA PRO D 33 -38.35 5.43 -9.54
C PRO D 33 -38.52 5.40 -8.03
N VAL D 34 -39.73 5.64 -7.55
CA VAL D 34 -40.03 5.65 -6.13
C VAL D 34 -41.17 4.69 -5.80
N THR D 35 -41.19 4.19 -4.58
CA THR D 35 -42.34 3.44 -4.09
C THR D 35 -43.53 4.38 -4.08
N ASN D 36 -44.68 3.87 -4.50
CA ASN D 36 -45.87 4.70 -4.60
C ASN D 36 -46.36 5.13 -3.23
N ILE D 37 -46.87 6.36 -3.16
CA ILE D 37 -47.35 6.92 -1.90
C ILE D 37 -48.54 7.84 -2.08
N ARG D 38 -49.35 7.93 -1.03
CA ARG D 38 -50.40 8.93 -0.92
C ARG D 38 -50.36 9.50 0.48
N LEU D 39 -50.63 10.79 0.60
CA LEU D 39 -50.70 11.45 1.89
C LEU D 39 -52.14 11.46 2.39
N ALA D 40 -52.40 10.75 3.48
CA ALA D 40 -53.75 10.64 4.04
C ALA D 40 -54.06 11.78 5.00
N LYS D 41 -55.07 12.57 4.65
CA LYS D 41 -55.54 13.67 5.48
C LYS D 41 -56.75 13.23 6.32
N SER D 42 -57.17 11.97 6.15
CA SER D 42 -58.30 11.42 6.90
C SER D 42 -58.13 9.92 7.11
N GLU D 43 -58.68 9.42 8.22
CA GLU D 43 -58.75 7.98 8.48
C GLU D 43 -59.41 7.28 7.31
N GLU D 44 -60.40 7.95 6.73
CA GLU D 44 -61.15 7.47 5.58
C GLU D 44 -60.30 7.44 4.30
N GLU D 45 -59.54 8.51 4.07
CA GLU D 45 -58.75 8.65 2.85
C GLU D 45 -57.57 7.67 2.80
N ALA D 46 -56.90 7.52 3.94
CA ALA D 46 -55.85 6.51 4.09
C ALA D 46 -56.39 5.16 3.65
N VAL D 47 -57.47 4.76 4.31
CA VAL D 47 -58.12 3.48 4.08
C VAL D 47 -58.50 3.31 2.61
N ASN D 48 -58.95 4.39 1.99
CA ASN D 48 -59.17 4.40 0.54
C ASN D 48 -57.86 4.30 -0.23
N PHE D 49 -56.97 5.25 0.03
CA PHE D 49 -55.68 5.29 -0.65
C PHE D 49 -54.98 3.96 -0.54
N SER D 50 -55.13 3.34 0.62
CA SER D 50 -54.61 2.00 0.85
C SER D 50 -55.43 0.95 0.08
N ARG D 51 -56.72 1.19 -0.09
CA ARG D 51 -57.56 0.33 -0.95
C ARG D 51 -57.11 0.47 -2.41
N GLU D 52 -56.78 1.71 -2.78
CA GLU D 52 -56.39 2.04 -4.14
C GLU D 52 -54.99 1.56 -4.49
N ILE D 53 -54.00 2.00 -3.70
CA ILE D 53 -52.60 1.62 -3.91
C ILE D 53 -52.46 0.10 -3.94
N GLY D 54 -53.38 -0.59 -3.27
CA GLY D 54 -53.31 -2.03 -3.16
C GLY D 54 -52.60 -2.37 -1.88
N PHE D 55 -52.53 -3.67 -1.57
CA PHE D 55 -52.10 -4.13 -0.26
C PHE D 55 -50.96 -5.15 -0.32
N PRO D 56 -50.21 -5.32 0.78
CA PRO D 56 -50.35 -4.51 2.00
C PRO D 56 -49.83 -3.09 1.83
N VAL D 57 -50.02 -2.28 2.86
CA VAL D 57 -49.53 -0.92 2.88
C VAL D 57 -48.74 -0.70 4.17
N VAL D 58 -48.04 0.42 4.21
CA VAL D 58 -47.33 0.85 5.40
C VAL D 58 -47.80 2.27 5.72
N LEU D 59 -47.96 2.56 7.00
CA LEU D 59 -48.43 3.86 7.44
C LEU D 59 -47.41 4.55 8.31
N LYS D 60 -47.15 5.81 8.02
CA LYS D 60 -46.32 6.60 8.92
C LYS D 60 -46.68 8.07 8.87
N ILE D 61 -46.12 8.80 9.82
CA ILE D 61 -46.55 10.14 10.11
C ILE D 61 -45.75 11.19 9.33
N VAL D 62 -46.48 12.08 8.66
CA VAL D 62 -45.88 13.21 7.95
C VAL D 62 -46.05 14.46 8.79
N SER D 63 -44.94 14.87 9.39
CA SER D 63 -44.93 15.98 10.32
C SER D 63 -43.63 16.76 10.11
N PRO D 64 -43.72 18.10 10.07
CA PRO D 64 -42.44 18.81 10.04
C PRO D 64 -41.57 18.60 11.30
N GLN D 65 -42.10 17.96 12.35
CA GLN D 65 -41.43 17.93 13.66
C GLN D 65 -40.79 16.60 14.10
N VAL D 66 -41.12 15.49 13.44
CA VAL D 66 -40.55 14.19 13.83
C VAL D 66 -39.54 13.67 12.80
N VAL D 67 -38.34 13.30 13.26
CA VAL D 67 -37.28 12.88 12.33
C VAL D 67 -36.97 11.37 12.38
N HIS D 68 -36.66 10.81 13.56
CA HIS D 68 -36.47 9.35 13.66
C HIS D 68 -37.79 8.75 14.11
N LYS D 69 -38.53 8.25 13.14
CA LYS D 69 -39.94 7.93 13.30
C LYS D 69 -40.23 6.71 14.18
N SER D 70 -39.47 5.63 13.98
CA SER D 70 -39.85 4.35 14.58
C SER D 70 -39.94 4.39 16.12
N ASP D 71 -39.02 5.11 16.75
CA ASP D 71 -38.98 5.17 18.22
C ASP D 71 -40.03 6.10 18.83
N VAL D 72 -40.82 6.78 18.00
CA VAL D 72 -41.95 7.58 18.48
C VAL D 72 -43.25 6.86 18.14
N GLY D 73 -43.15 5.70 17.50
CA GLY D 73 -44.30 4.87 17.18
C GLY D 73 -45.08 5.39 15.99
N GLY D 74 -44.37 6.01 15.05
CA GLY D 74 -45.01 6.61 13.89
C GLY D 74 -44.86 5.82 12.61
N VAL D 75 -44.81 4.48 12.73
CA VAL D 75 -44.59 3.60 11.57
C VAL D 75 -45.34 2.26 11.74
N LYS D 76 -46.39 2.04 10.95
CA LYS D 76 -47.19 0.81 11.03
C LYS D 76 -47.28 0.09 9.68
N VAL D 77 -47.42 -1.24 9.72
CA VAL D 77 -46.96 -2.10 8.63
C VAL D 77 -47.87 -3.27 8.23
N ASN D 78 -47.84 -3.63 6.95
CA ASN D 78 -48.41 -4.89 6.45
C ASN D 78 -49.92 -4.98 6.63
N LEU D 79 -50.61 -3.91 6.26
CA LEU D 79 -52.02 -3.74 6.59
C LEU D 79 -52.95 -4.04 5.38
N ARG D 80 -53.33 -5.32 5.25
CA ARG D 80 -54.01 -5.84 4.05
C ARG D 80 -55.46 -5.40 3.85
N SER D 81 -56.21 -5.30 4.94
CA SER D 81 -57.60 -4.86 4.85
C SER D 81 -57.69 -3.41 5.32
N GLU D 82 -58.78 -2.74 4.94
CA GLU D 82 -59.05 -1.39 5.44
C GLU D 82 -59.06 -1.40 6.97
N GLU D 83 -59.74 -2.41 7.52
CA GLU D 83 -59.82 -2.57 8.97
C GLU D 83 -58.45 -2.82 9.59
N GLU D 84 -57.63 -3.62 8.91
CA GLU D 84 -56.27 -3.87 9.36
C GLU D 84 -55.51 -2.54 9.54
N VAL D 85 -55.66 -1.66 8.54
CA VAL D 85 -55.09 -0.31 8.59
C VAL D 85 -55.75 0.54 9.66
N ARG D 86 -57.08 0.57 9.63
CA ARG D 86 -57.85 1.57 10.38
C ARG D 86 -57.43 1.73 11.82
N LYS D 87 -57.10 0.62 12.48
CA LYS D 87 -56.62 0.69 13.84
C LYS D 87 -55.26 1.39 13.86
N ALA D 88 -54.45 1.20 12.81
CA ALA D 88 -53.12 1.82 12.72
C ALA D 88 -53.21 3.35 12.65
N TYR D 89 -54.24 3.87 11.96
CA TYR D 89 -54.39 5.32 11.79
C TYR D 89 -54.49 6.04 13.13
N ARG D 90 -55.38 5.54 13.99
CA ARG D 90 -55.53 6.06 15.34
C ARG D 90 -54.34 5.65 16.19
N GLU D 91 -53.86 4.42 15.99
CA GLU D 91 -52.74 3.89 16.76
C GLU D 91 -51.52 4.79 16.67
N ILE D 92 -51.13 5.21 15.47
CA ILE D 92 -50.01 6.15 15.33
C ILE D 92 -50.39 7.52 15.89
N ILE D 93 -51.61 7.97 15.59
CA ILE D 93 -52.06 9.31 16.00
C ILE D 93 -51.89 9.48 17.51
N GLU D 94 -52.39 8.52 18.28
CA GLU D 94 -52.21 8.53 19.73
C GLU D 94 -50.73 8.62 20.08
N ASN D 95 -49.94 7.72 19.49
CA ASN D 95 -48.52 7.58 19.81
C ASN D 95 -47.69 8.84 19.57
N VAL D 96 -47.99 9.56 18.49
CA VAL D 96 -47.31 10.83 18.22
C VAL D 96 -47.94 11.95 19.07
N LYS D 97 -49.26 11.92 19.26
CA LYS D 97 -49.94 12.88 20.14
C LYS D 97 -49.35 12.83 21.55
N ARG D 98 -49.17 11.61 22.04
CA ARG D 98 -48.61 11.37 23.36
C ARG D 98 -47.18 11.90 23.48
N ASN D 99 -46.37 11.65 22.44
CA ASN D 99 -44.92 11.84 22.52
C ASN D 99 -44.38 13.05 21.75
N VAL D 100 -45.19 13.60 20.83
CA VAL D 100 -44.84 14.85 20.15
C VAL D 100 -46.09 15.72 19.99
N PRO D 101 -46.57 16.34 21.09
CA PRO D 101 -47.74 17.20 20.98
C PRO D 101 -47.35 18.59 20.47
N ASN D 102 -46.05 18.84 20.44
CA ASN D 102 -45.50 20.03 19.79
C ASN D 102 -45.66 19.88 18.27
N ALA D 103 -45.62 18.64 17.79
CA ALA D 103 -45.53 18.37 16.36
C ALA D 103 -46.78 18.71 15.56
N GLU D 104 -46.54 19.20 14.35
CA GLU D 104 -47.60 19.50 13.39
C GLU D 104 -47.86 18.31 12.47
N ILE D 105 -49.14 17.96 12.32
CA ILE D 105 -49.53 16.74 11.62
C ILE D 105 -49.98 17.05 10.21
N GLU D 106 -49.09 16.89 9.24
CA GLU D 106 -49.42 17.18 7.85
C GLU D 106 -50.44 16.15 7.36
N GLY D 107 -50.33 14.94 7.90
CA GLY D 107 -51.23 13.86 7.55
C GLY D 107 -50.52 12.56 7.85
N ILE D 108 -51.13 11.44 7.48
CA ILE D 108 -50.49 10.14 7.61
C ILE D 108 -50.17 9.64 6.20
N LEU D 109 -49.00 9.03 6.07
CA LEU D 109 -48.49 8.63 4.76
C LEU D 109 -48.88 7.19 4.48
N VAL D 110 -49.39 6.94 3.28
CA VAL D 110 -49.72 5.58 2.85
C VAL D 110 -48.65 5.11 1.86
N GLN D 111 -47.90 4.08 2.24
CA GLN D 111 -46.76 3.64 1.44
C GLN D 111 -46.94 2.24 0.85
N GLU D 112 -46.80 2.16 -0.47
CA GLU D 112 -46.84 0.90 -1.19
C GLU D 112 -45.76 -0.04 -0.69
N PHE D 113 -46.00 -1.34 -0.82
CA PHE D 113 -45.10 -2.35 -0.29
C PHE D 113 -43.85 -2.48 -1.15
N ALA D 114 -42.75 -2.88 -0.51
CA ALA D 114 -41.46 -3.07 -1.18
C ALA D 114 -41.01 -4.52 -1.08
N PRO D 115 -41.09 -5.27 -2.19
CA PRO D 115 -40.51 -6.62 -2.11
C PRO D 115 -39.03 -6.55 -1.73
N PRO D 116 -38.56 -7.50 -0.92
CA PRO D 116 -37.15 -7.37 -0.54
C PRO D 116 -36.21 -7.49 -1.73
N GLY D 117 -35.01 -6.96 -1.55
CA GLY D 117 -33.98 -7.02 -2.57
C GLY D 117 -32.63 -6.65 -1.97
N VAL D 118 -31.74 -6.15 -2.81
CA VAL D 118 -30.46 -5.66 -2.35
C VAL D 118 -30.59 -4.17 -2.09
N GLU D 119 -30.29 -3.75 -0.87
CA GLU D 119 -30.44 -2.35 -0.48
C GLU D 119 -29.19 -1.53 -0.81
N LEU D 120 -29.43 -0.27 -1.17
CA LEU D 120 -28.39 0.64 -1.64
C LEU D 120 -28.60 2.00 -1.02
N ILE D 121 -27.54 2.79 -1.00
CA ILE D 121 -27.59 4.20 -0.65
C ILE D 121 -27.10 5.03 -1.81
N ILE D 122 -27.86 6.06 -2.15
CA ILE D 122 -27.41 7.07 -3.10
C ILE D 122 -27.54 8.40 -2.38
N GLY D 123 -26.43 9.11 -2.31
CA GLY D 123 -26.38 10.37 -1.61
C GLY D 123 -25.93 11.50 -2.50
N LEU D 124 -26.29 12.69 -2.08
CA LEU D 124 -25.82 13.91 -2.70
C LEU D 124 -25.40 14.87 -1.59
N LEU D 125 -24.17 15.39 -1.71
CA LEU D 125 -23.67 16.38 -0.79
C LEU D 125 -22.99 17.49 -1.56
N ARG D 126 -22.68 18.56 -0.86
CA ARG D 126 -21.98 19.69 -1.42
C ARG D 126 -20.62 19.79 -0.74
N ASP D 127 -19.57 19.46 -1.50
CA ASP D 127 -18.21 19.66 -1.03
C ASP D 127 -17.76 21.11 -1.26
N PRO D 128 -17.05 21.73 -0.29
CA PRO D 128 -16.62 23.13 -0.45
C PRO D 128 -15.75 23.37 -1.68
N GLN D 129 -14.87 22.44 -1.98
CA GLN D 129 -14.01 22.55 -3.14
C GLN D 129 -14.76 22.23 -4.42
N PHE D 130 -15.42 21.08 -4.43
CA PHE D 130 -15.87 20.47 -5.67
C PHE D 130 -17.35 20.61 -5.97
N GLY D 131 -18.13 21.08 -5.01
CA GLY D 131 -19.54 21.34 -5.24
C GLY D 131 -20.33 20.04 -5.14
N PRO D 132 -21.41 19.94 -5.92
CA PRO D 132 -22.28 18.77 -5.82
C PRO D 132 -21.53 17.46 -6.10
N THR D 133 -21.60 16.53 -5.14
CA THR D 133 -20.91 15.25 -5.21
C THR D 133 -21.91 14.14 -4.90
N VAL D 134 -21.86 13.10 -5.71
CA VAL D 134 -22.73 11.94 -5.54
C VAL D 134 -21.95 10.84 -4.82
N MET D 135 -22.64 10.15 -3.93
CA MET D 135 -22.02 9.00 -3.30
C MET D 135 -22.91 7.77 -3.38
N PHE D 136 -22.22 6.64 -3.44
CA PHE D 136 -22.85 5.36 -3.60
C PHE D 136 -22.29 4.38 -2.60
N GLY D 137 -23.14 3.45 -2.15
CA GLY D 137 -22.68 2.39 -1.29
C GLY D 137 -23.81 1.42 -1.08
N LEU D 138 -23.49 0.23 -0.60
CA LEU D 138 -24.52 -0.73 -0.26
C LEU D 138 -25.10 -0.44 1.13
N GLY D 139 -26.36 -0.80 1.30
CA GLY D 139 -27.13 -0.41 2.46
C GLY D 139 -26.74 -1.21 3.68
N GLY D 140 -27.43 -0.96 4.78
CA GLY D 140 -27.20 -1.67 6.01
C GLY D 140 -25.84 -1.35 6.61
N VAL D 141 -25.15 -2.39 7.06
CA VAL D 141 -23.92 -2.21 7.79
C VAL D 141 -22.77 -1.72 6.90
N PHE D 142 -22.93 -1.81 5.60
CA PHE D 142 -21.80 -1.56 4.70
C PHE D 142 -21.46 -0.08 4.58
N VAL D 143 -22.47 0.78 4.61
CA VAL D 143 -22.24 2.21 4.65
C VAL D 143 -22.18 2.64 6.11
N GLU D 144 -23.12 2.12 6.89
CA GLU D 144 -23.41 2.64 8.22
C GLU D 144 -22.30 2.33 9.19
N LEU D 145 -21.72 1.13 9.05
CA LEU D 145 -20.72 0.62 9.98
C LEU D 145 -19.32 0.62 9.34
N PHE D 146 -19.18 0.05 8.15
CA PHE D 146 -17.87 -0.10 7.51
C PHE D 146 -17.45 1.12 6.68
N ARG D 147 -18.37 2.05 6.45
CA ARG D 147 -18.09 3.27 5.68
C ARG D 147 -17.53 2.99 4.28
N ASP D 148 -18.08 1.96 3.63
CA ASP D 148 -17.66 1.52 2.30
C ASP D 148 -18.44 2.26 1.21
N VAL D 149 -17.96 3.44 0.82
CA VAL D 149 -18.67 4.28 -0.13
C VAL D 149 -17.74 4.82 -1.19
N SER D 150 -18.31 5.16 -2.33
CA SER D 150 -17.57 5.82 -3.40
C SER D 150 -18.16 7.21 -3.66
N PHE D 151 -17.35 8.10 -4.21
CA PHE D 151 -17.76 9.44 -4.52
C PHE D 151 -17.41 9.80 -5.96
N ARG D 152 -18.24 10.66 -6.55
CA ARG D 152 -17.95 11.27 -7.84
C ARG D 152 -18.50 12.68 -7.88
N VAL D 153 -17.69 13.62 -8.36
CA VAL D 153 -18.14 15.01 -8.46
C VAL D 153 -19.08 15.13 -9.66
N ALA D 154 -20.21 15.81 -9.47
CA ALA D 154 -21.23 15.94 -10.50
C ALA D 154 -20.93 17.11 -11.43
N PRO D 155 -21.46 17.08 -12.67
CA PRO D 155 -22.34 16.06 -13.25
C PRO D 155 -21.58 14.76 -13.55
N LEU D 156 -22.31 13.64 -13.50
CA LEU D 156 -21.72 12.33 -13.70
C LEU D 156 -21.89 11.80 -15.14
N SER D 157 -20.78 11.34 -15.72
CA SER D 157 -20.86 10.62 -16.98
C SER D 157 -21.25 9.18 -16.69
N GLU D 158 -21.61 8.46 -17.74
CA GLU D 158 -21.88 7.03 -17.65
C GLU D 158 -20.66 6.28 -17.09
N GLN D 159 -19.47 6.71 -17.49
CA GLN D 159 -18.22 6.16 -16.96
C GLN D 159 -18.08 6.39 -15.46
N ASP D 160 -18.42 7.59 -15.00
CA ASP D 160 -18.36 7.90 -13.58
C ASP D 160 -19.23 6.97 -12.79
N ALA D 161 -20.47 6.83 -13.22
CA ALA D 161 -21.43 5.99 -12.52
C ALA D 161 -20.96 4.53 -12.49
N GLU D 162 -20.59 3.99 -13.65
CA GLU D 162 -20.21 2.59 -13.69
C GLU D 162 -19.00 2.32 -12.80
N SER D 163 -17.97 3.13 -12.94
CA SER D 163 -16.73 2.90 -12.19
C SER D 163 -16.93 3.10 -10.68
N MET D 164 -17.79 4.03 -10.27
CA MET D 164 -17.98 4.22 -8.83
C MET D 164 -18.79 3.05 -8.22
N ILE D 165 -19.65 2.42 -9.00
CA ILE D 165 -20.33 1.21 -8.53
C ILE D 165 -19.32 0.09 -8.34
N LYS D 166 -18.49 -0.16 -9.35
CA LYS D 166 -17.51 -1.24 -9.28
C LYS D 166 -16.46 -1.02 -8.19
N GLU D 167 -16.32 0.22 -7.72
CA GLU D 167 -15.23 0.61 -6.84
C GLU D 167 -15.43 0.17 -5.39
N VAL D 168 -16.67 0.15 -4.89
CA VAL D 168 -16.91 -0.19 -3.49
C VAL D 168 -16.61 -1.66 -3.19
N LYS D 169 -16.17 -1.92 -1.97
CA LYS D 169 -15.78 -3.28 -1.57
C LYS D 169 -16.94 -4.27 -1.60
N ALA D 170 -18.13 -3.80 -1.30
CA ALA D 170 -19.30 -4.70 -1.26
C ALA D 170 -19.91 -4.90 -2.64
N TYR D 171 -19.19 -4.53 -3.70
CA TYR D 171 -19.76 -4.57 -5.05
C TYR D 171 -20.35 -5.93 -5.48
N LYS D 172 -19.71 -7.02 -5.05
CA LYS D 172 -20.15 -8.36 -5.44
C LYS D 172 -21.56 -8.70 -4.90
N LEU D 173 -22.07 -7.87 -4.00
CA LEU D 173 -23.46 -8.04 -3.55
C LEU D 173 -24.44 -7.68 -4.66
N LEU D 174 -23.93 -7.11 -5.75
CA LEU D 174 -24.75 -6.70 -6.88
C LEU D 174 -24.74 -7.71 -8.03
N THR D 175 -23.83 -8.66 -7.98
CA THR D 175 -23.58 -9.53 -9.12
C THR D 175 -23.88 -11.01 -8.81
N GLY D 176 -24.77 -11.24 -7.86
CA GLY D 176 -25.21 -12.58 -7.54
C GLY D 176 -24.40 -13.26 -6.46
N PHE D 177 -25.11 -13.69 -5.43
CA PHE D 177 -24.52 -14.46 -4.35
C PHE D 177 -25.61 -15.38 -3.78
N ARG D 178 -25.24 -16.20 -2.80
CA ARG D 178 -26.16 -17.17 -2.21
C ARG D 178 -27.56 -16.60 -1.95
N GLY D 179 -28.53 -17.07 -2.74
CA GLY D 179 -29.92 -16.72 -2.54
C GLY D 179 -30.31 -15.35 -3.08
N MET D 180 -29.51 -14.82 -4.00
CA MET D 180 -29.76 -13.48 -4.57
C MET D 180 -29.27 -13.38 -6.00
N GLU D 181 -30.15 -13.04 -6.92
CA GLU D 181 -29.75 -12.84 -8.31
C GLU D 181 -28.99 -11.54 -8.49
N PRO D 182 -28.25 -11.42 -9.60
CA PRO D 182 -27.68 -10.13 -9.99
C PRO D 182 -28.78 -9.06 -10.15
N VAL D 183 -28.46 -7.81 -9.83
CA VAL D 183 -29.44 -6.73 -9.93
C VAL D 183 -29.13 -5.82 -11.12
N ASP D 184 -30.07 -4.94 -11.43
CA ASP D 184 -30.03 -4.08 -12.61
C ASP D 184 -29.00 -2.94 -12.46
N ILE D 185 -27.75 -3.19 -12.89
CA ILE D 185 -26.67 -2.20 -12.73
C ILE D 185 -26.94 -0.95 -13.54
N GLU D 186 -27.46 -1.14 -14.76
CA GLU D 186 -27.84 -0.03 -15.61
C GLU D 186 -28.79 0.93 -14.89
N ALA D 187 -29.72 0.38 -14.12
CA ALA D 187 -30.75 1.18 -13.49
C ALA D 187 -30.15 1.96 -12.33
N ILE D 188 -29.13 1.38 -11.69
CA ILE D 188 -28.40 2.06 -10.65
C ILE D 188 -27.63 3.26 -11.25
N LYS D 189 -26.93 3.01 -12.35
CA LYS D 189 -26.16 4.03 -13.02
C LYS D 189 -27.04 5.20 -13.41
N ASP D 190 -28.20 4.89 -13.97
CA ASP D 190 -29.17 5.89 -14.36
C ASP D 190 -29.57 6.78 -13.17
N ALA D 191 -29.81 6.17 -12.01
CA ALA D 191 -30.23 6.91 -10.84
C ALA D 191 -29.10 7.77 -10.27
N LEU D 192 -27.89 7.24 -10.32
CA LEU D 192 -26.71 7.97 -9.87
C LEU D 192 -26.56 9.24 -10.69
N ILE D 193 -26.68 9.12 -12.00
CA ILE D 193 -26.50 10.26 -12.91
C ILE D 193 -27.57 11.31 -12.66
N ARG D 194 -28.80 10.85 -12.42
CA ARG D 194 -29.91 11.74 -12.19
C ARG D 194 -29.80 12.43 -10.83
N ALA D 195 -29.31 11.70 -9.83
CA ALA D 195 -29.01 12.31 -8.54
C ALA D 195 -28.01 13.44 -8.71
N GLY D 196 -27.00 13.22 -9.53
CA GLY D 196 -26.00 14.25 -9.76
C GLY D 196 -26.61 15.46 -10.44
N ARG D 197 -27.57 15.21 -11.33
CA ARG D 197 -28.21 16.28 -12.05
C ARG D 197 -29.06 17.14 -11.10
N ILE D 198 -29.71 16.49 -10.14
CA ILE D 198 -30.51 17.19 -9.14
C ILE D 198 -29.66 18.19 -8.35
N GLY D 199 -28.45 17.77 -8.00
CA GLY D 199 -27.52 18.62 -7.27
C GLY D 199 -27.01 19.78 -8.10
N VAL D 200 -26.66 19.53 -9.35
CA VAL D 200 -26.12 20.58 -10.19
C VAL D 200 -27.16 21.66 -10.43
N GLU D 201 -28.40 21.25 -10.68
CA GLU D 201 -29.44 22.17 -11.14
C GLU D 201 -30.13 22.94 -9.99
N ASN D 202 -30.25 22.30 -8.83
CA ASN D 202 -31.00 22.88 -7.71
C ASN D 202 -30.11 23.35 -6.57
N GLU D 203 -29.70 24.61 -6.63
CA GLU D 203 -28.83 25.21 -5.62
C GLU D 203 -29.46 25.23 -4.23
N GLU D 204 -30.79 25.13 -4.15
CA GLU D 204 -31.49 25.21 -2.87
C GLU D 204 -31.37 23.89 -2.10
N ILE D 205 -30.96 22.82 -2.78
CA ILE D 205 -30.78 21.53 -2.11
C ILE D 205 -29.35 21.40 -1.57
N ALA D 206 -29.24 21.34 -0.25
CA ALA D 206 -27.94 21.24 0.42
C ALA D 206 -27.47 19.79 0.46
N GLU D 207 -28.44 18.88 0.53
CA GLU D 207 -28.13 17.48 0.75
C GLU D 207 -29.31 16.61 0.35
N MET D 208 -29.01 15.42 -0.14
CA MET D 208 -30.07 14.47 -0.45
C MET D 208 -29.62 13.07 -0.09
N ASP D 209 -30.55 12.30 0.47
CA ASP D 209 -30.26 10.94 0.87
C ASP D 209 -31.36 10.02 0.36
N LEU D 210 -31.01 9.18 -0.60
CA LEU D 210 -31.90 8.12 -1.05
C LEU D 210 -31.51 6.87 -0.26
N ASN D 211 -32.28 6.56 0.76
CA ASN D 211 -31.93 5.51 1.69
C ASN D 211 -33.13 4.99 2.49
N PRO D 212 -33.52 3.72 2.29
CA PRO D 212 -32.89 2.76 1.37
C PRO D 212 -33.42 2.85 -0.05
N VAL D 213 -32.58 2.39 -0.97
CA VAL D 213 -32.96 2.16 -2.35
C VAL D 213 -32.87 0.66 -2.59
N ILE D 214 -33.92 0.05 -3.13
CA ILE D 214 -33.89 -1.39 -3.39
C ILE D 214 -33.54 -1.69 -4.84
N ALA D 215 -32.53 -2.53 -5.03
CA ALA D 215 -32.18 -2.99 -6.36
C ALA D 215 -32.78 -4.36 -6.60
N TYR D 216 -33.38 -4.53 -7.79
CA TYR D 216 -34.00 -5.77 -8.24
C TYR D 216 -33.34 -6.24 -9.53
N PRO D 217 -33.62 -7.48 -9.96
CA PRO D 217 -33.09 -7.87 -11.26
C PRO D 217 -33.49 -6.89 -12.35
N LYS D 218 -34.66 -6.27 -12.21
CA LYS D 218 -35.13 -5.26 -13.16
C LYS D 218 -35.58 -4.02 -12.40
N GLY D 219 -34.91 -2.90 -12.67
CA GLY D 219 -35.27 -1.64 -12.05
C GLY D 219 -34.85 -1.50 -10.59
N ILE D 220 -34.90 -0.27 -10.11
CA ILE D 220 -34.67 0.02 -8.69
C ILE D 220 -35.85 0.81 -8.19
N LYS D 221 -36.03 0.86 -6.87
CA LYS D 221 -37.05 1.74 -6.30
C LYS D 221 -36.52 2.42 -5.04
N VAL D 222 -36.66 3.75 -4.99
CA VAL D 222 -36.34 4.47 -3.78
C VAL D 222 -37.47 4.26 -2.78
N VAL D 223 -37.13 3.76 -1.59
CA VAL D 223 -38.11 3.53 -0.53
C VAL D 223 -38.27 4.78 0.34
N ASP D 224 -37.15 5.38 0.74
CA ASP D 224 -37.15 6.59 1.57
C ASP D 224 -36.19 7.62 1.02
N ALA D 225 -36.60 8.88 1.07
CA ALA D 225 -35.81 9.99 0.56
C ALA D 225 -35.84 11.15 1.52
N ARG D 226 -34.66 11.73 1.76
CA ARG D 226 -34.51 12.95 2.53
C ARG D 226 -33.94 14.04 1.63
N ILE D 227 -34.54 15.21 1.66
CA ILE D 227 -34.00 16.37 0.95
C ILE D 227 -33.89 17.54 1.91
N ILE D 228 -32.67 18.00 2.10
CA ILE D 228 -32.37 19.12 2.99
C ILE D 228 -32.17 20.38 2.17
N LEU D 229 -32.79 21.47 2.62
CA LEU D 229 -32.73 22.75 1.94
C LEU D 229 -31.69 23.68 2.59
N ARG D 230 -31.42 24.79 1.92
CA ARG D 230 -30.54 25.83 2.45
C ARG D 230 -30.95 27.21 1.92
N1A COA E . 38.66 -32.98 -8.50
C2A COA E . 39.35 -31.84 -8.69
N3A COA E . 39.37 -31.05 -9.76
C4A COA E . 38.56 -31.51 -10.72
C5A COA E . 37.78 -32.65 -10.67
C6A COA E . 37.86 -33.43 -9.49
N6A COA E . 37.20 -34.57 -9.32
N7A COA E . 37.03 -32.79 -11.83
C8A COA E . 37.37 -31.75 -12.54
N9A COA E . 38.29 -30.93 -11.94
C1B COA E . 38.86 -29.70 -12.47
C2B COA E . 38.91 -29.62 -14.00
O2B COA E . 40.08 -30.24 -14.53
C3B COA E . 39.00 -28.11 -14.17
O3B COA E . 40.37 -27.70 -13.99
P3B COA E . 41.40 -27.47 -15.20
O7A COA E . 42.79 -27.45 -14.65
O8A COA E . 41.08 -28.68 -16.08
O9A COA E . 40.96 -26.15 -15.85
C4B COA E . 38.18 -27.54 -13.01
O4B COA E . 38.05 -28.62 -12.06
C5B COA E . 36.81 -27.04 -13.39
O5B COA E . 36.16 -28.11 -14.11
P1A COA E . 35.52 -27.81 -15.54
O1A COA E . 35.13 -29.10 -16.17
O2A COA E . 36.50 -26.96 -16.34
O3A COA E . 34.18 -26.95 -15.43
P2A COA E . 33.80 -25.40 -15.47
O4A COA E . 33.70 -24.86 -16.85
O5A COA E . 34.76 -24.60 -14.60
O6A COA E . 32.35 -25.45 -14.82
CBP COA E . 31.00 -25.07 -12.86
CCP COA E . 32.26 -25.73 -13.43
CDP COA E . 30.76 -25.62 -11.45
CEP COA E . 31.22 -23.56 -12.79
CAP COA E . 29.79 -25.39 -13.77
OAP COA E . 29.58 -26.77 -13.89
C9P COA E . 28.54 -24.72 -13.24
O9P COA E . 27.77 -25.34 -12.50
N8P COA E . 28.31 -23.47 -13.63
C7P COA E . 27.24 -22.66 -13.10
C6P COA E . 27.38 -22.47 -11.62
C5P COA E . 26.62 -21.27 -11.13
O5P COA E . 26.41 -20.30 -11.85
N4P COA E . 26.21 -21.32 -9.87
C3P COA E . 25.77 -20.13 -9.15
C2P COA E . 24.28 -19.93 -9.15
S1P COA E . 24.26 -18.28 -8.40
H2A COA E . 39.97 -31.54 -7.85
H61A COA E . 36.61 -34.96 -10.05
H62A COA E . 37.30 -35.09 -8.45
H8A COA E . 36.95 -31.54 -13.53
H1B COA E . 39.84 -29.56 -12.01
H2B COA E . 38.03 -30.03 -14.48
HO2A COA E . 39.79 -31.07 -15.01
H3B COA E . 38.65 -27.77 -15.15
H4B COA E . 38.73 -26.78 -12.46
H51A COA E . 36.86 -26.21 -14.09
H52A COA E . 36.23 -26.69 -12.55
H121 COA E . 33.16 -25.34 -12.97
H122 COA E . 32.25 -26.81 -13.31
H131 COA E . 31.59 -25.42 -10.77
H132 COA E . 30.60 -26.70 -11.43
H133 COA E . 29.86 -25.18 -11.00
H141 COA E . 32.06 -23.28 -12.16
H142 COA E . 31.42 -23.14 -13.77
H143 COA E . 30.35 -23.03 -12.40
H10 COA E . 30.01 -25.11 -14.80
HO1 COA E . 28.96 -26.93 -14.65
HN8 COA E . 28.92 -23.04 -14.33
H71 COA E . 26.28 -23.14 -13.34
H72 COA E . 27.21 -21.70 -13.62
H61 COA E . 27.04 -23.35 -11.07
H62 COA E . 28.42 -22.37 -11.35
HN4 COA E . 26.19 -22.20 -9.36
H31 COA E . 26.15 -20.16 -8.13
H32 COA E . 26.27 -19.25 -9.59
H21 COA E . 23.84 -19.90 -10.15
H22 COA E . 23.73 -20.65 -8.56
HS1 COA E . 23.83 -17.59 -9.46
P PO4 F . 18.01 -16.72 -9.77
O1 PO4 F . 17.75 -16.70 -11.30
O2 PO4 F . 17.48 -15.38 -9.17
O3 PO4 F . 19.53 -16.86 -9.53
O4 PO4 F . 17.25 -17.90 -9.13
MG MG G . 15.98 -18.66 -8.00
NA NA H . 6.97 26.62 7.17
MG MG I . 18.12 -17.76 -13.03
N1A COA J . 10.24 50.32 -3.22
C2A COA J . 11.48 49.89 -3.46
N3A COA J . 12.35 49.34 -2.61
C4A COA J . 11.83 49.25 -1.38
C5A COA J . 10.58 49.63 -0.98
C6A COA J . 9.74 50.21 -1.96
N6A COA J . 8.50 50.64 -1.72
N7A COA J . 10.39 49.41 0.37
C8A COA J . 11.54 48.91 0.76
N9A COA J . 12.47 48.80 -0.24
C1B COA J . 13.88 48.42 -0.13
C2B COA J . 14.49 48.50 1.27
O2B COA J . 15.19 49.73 1.43
C3B COA J . 15.49 47.34 1.19
O3B COA J . 16.66 47.80 0.48
P3B COA J . 18.03 48.40 1.19
O7A COA J . 18.96 47.30 1.57
O8A COA J . 18.68 49.36 0.21
O9A COA J . 17.55 49.22 2.40
C4B COA J . 14.71 46.31 0.39
O4B COA J . 14.02 47.09 -0.60
C5B COA J . 13.67 45.55 1.16
O5B COA J . 14.37 44.72 2.09
P1A COA J . 14.31 44.98 3.64
O1A COA J . 13.43 46.07 4.12
O2A COA J . 15.76 45.02 4.09
O3A COA J . 13.74 43.58 4.12
P2A COA J . 14.27 42.13 3.78
O4A COA J . 14.94 42.04 2.47
O5A COA J . 15.23 41.66 4.90
O6A COA J . 12.88 41.36 3.91
CBP COA J . 11.42 39.92 2.61
CCP COA J . 12.03 41.32 2.76
CDP COA J . 10.38 39.95 1.49
CEP COA J . 12.54 38.94 2.21
CAP COA J . 10.76 39.48 3.94
OAP COA J . 9.83 40.45 4.39
C9P COA J . 10.07 38.14 3.79
O9P COA J . 8.88 38.07 3.50
N8P COA J . 10.81 37.06 4.02
C7P COA J . 10.36 35.72 3.74
C6P COA J . 10.22 35.49 2.25
C5P COA J . 10.08 34.02 1.90
O5P COA J . 10.78 33.17 2.42
N4P COA J . 9.15 33.75 0.98
C3P COA J . 9.00 32.45 0.36
C2P COA J . 8.72 31.32 1.33
S1P COA J . 9.29 29.95 0.30
H2A COA J . 11.82 50.01 -4.48
H61A COA J . 8.08 50.57 -0.80
H62A COA J . 7.95 51.05 -2.47
H8A COA J . 11.75 48.60 1.78
H1B COA J . 14.42 49.05 -0.84
H2B COA J . 13.77 48.35 2.08
HO2A COA J . 14.73 50.23 2.15
H3B COA J . 15.79 46.98 2.18
H4B COA J . 15.36 45.65 -0.19
H51A COA J . 13.10 44.86 0.53
H52A COA J . 12.95 46.20 1.65
H121 COA J . 12.65 41.58 1.89
H122 COA J . 11.27 42.08 2.87
H131 COA J . 10.79 40.25 0.53
H132 COA J . 9.88 38.99 1.34
H133 COA J . 9.57 40.66 1.72
H141 COA J . 13.03 39.21 1.28
H142 COA J . 13.33 38.92 2.97
H143 COA J . 12.17 37.93 2.10
H10 COA J . 11.49 39.49 4.74
HO1 COA J . 9.80 40.42 5.39
HN8 COA J . 11.76 37.16 4.40
H71 COA J . 9.40 35.55 4.23
H72 COA J . 11.04 34.99 4.18
H61 COA J . 11.08 35.89 1.71
H62 COA J . 9.37 36.05 1.87
HN4 COA J . 8.50 34.47 0.69
H31 COA J . 9.89 32.23 -0.22
H32 COA J . 8.20 32.50 -0.38
H21 COA J . 7.66 31.20 1.57
H22 COA J . 9.28 31.37 2.26
HS1 COA J . 9.82 29.20 1.27
P PO4 K . 6.47 25.51 3.58
O1 PO4 K . 5.21 26.35 3.23
O2 PO4 K . 6.33 24.06 3.03
O3 PO4 K . 6.73 25.50 5.11
O4 PO4 K . 7.70 26.21 2.88
#